data_8TB3
# 
_entry.id   8TB3 
# 
_audit_conform.dict_name       mmcif_pdbx.dic 
_audit_conform.dict_version    5.383 
_audit_conform.dict_location   http://mmcif.pdb.org/dictionaries/ascii/mmcif_pdbx.dic 
# 
loop_
_database_2.database_id 
_database_2.database_code 
_database_2.pdbx_database_accession 
_database_2.pdbx_DOI 
PDB   8TB3         pdb_00008tb3 10.2210/pdb8tb3/pdb 
WWPDB D_1000275292 ?            ?                   
# 
_pdbx_database_status.status_code                     REL 
_pdbx_database_status.status_code_sf                  REL 
_pdbx_database_status.status_code_mr                  ? 
_pdbx_database_status.entry_id                        8TB3 
_pdbx_database_status.recvd_initial_deposition_date   2023-06-28 
_pdbx_database_status.SG_entry                        N 
_pdbx_database_status.deposit_site                    RCSB 
_pdbx_database_status.process_site                    RCSB 
_pdbx_database_status.status_code_cs                  ? 
_pdbx_database_status.status_code_nmr_data            ? 
_pdbx_database_status.methods_development_category    ? 
_pdbx_database_status.pdb_format_compatible           Y 
# 
loop_
_audit_author.name 
_audit_author.pdbx_ordinal 
_audit_author.identifier_ORCID 
'Simmons, C.R.'      1 0000-0002-2290-6132 
'MacCulloch, T.'     2 0000-0001-5875-3361 
'Stephanopoulos, N.' 3 0000-0001-7859-410X 
'Yan, H.'            4 0000-0001-7397-9852 
# 
_citation.abstract                  ? 
_citation.abstract_id_CAS           ? 
_citation.book_id_ISBN              ? 
_citation.book_publisher            ? 
_citation.book_publisher_city       ? 
_citation.book_title                ? 
_citation.coordinate_linkage        ? 
_citation.country                   US 
_citation.database_id_Medline       ? 
_citation.details                   ? 
_citation.id                        primary 
_citation.journal_abbrev            J.Am.Chem.Soc. 
_citation.journal_id_ASTM           JACSAT 
_citation.journal_id_CSD            ? 
_citation.journal_id_ISSN           1520-5126 
_citation.journal_full              ? 
_citation.journal_issue             ? 
_citation.journal_volume            145 
_citation.language                  ? 
_citation.page_first                26075 
_citation.page_last                 26085 
_citation.title                     
;Site-Specific Arrangement and Structure Determination of Minor Groove Binding Molecules in Self-Assembled Three-Dimensional DNA Crystals.
;
_citation.year                      2023 
_citation.database_id_CSD           ? 
_citation.pdbx_database_id_DOI      10.1021/jacs.3c07802 
_citation.pdbx_database_id_PubMed   37987645 
_citation.pdbx_database_id_patent   ? 
_citation.unpublished_flag          ? 
# 
loop_
_citation_author.citation_id 
_citation_author.name 
_citation_author.ordinal 
_citation_author.identifier_ORCID 
primary 'Simmons, C.R.'      1 0000-0002-2290-6132 
primary 'Buchberger, A.'     2 ?                   
primary 'Henry, S.J.W.'      3 0000-0002-5132-3948 
primary 'Novacek, A.'        4 ?                   
primary 'Fahmi, N.E.'        5 ?                   
primary 'MacCulloch, T.'     6 ?                   
primary 'Stephanopoulos, N.' 7 0000-0001-7859-410X 
primary 'Yan, H.'            8 0000-0001-7397-9852 
# 
_cell.angle_alpha                  90.00 
_cell.angle_alpha_esd              ? 
_cell.angle_beta                   90.00 
_cell.angle_beta_esd               ? 
_cell.angle_gamma                  120.00 
_cell.angle_gamma_esd              ? 
_cell.entry_id                     8TB3 
_cell.details                      ? 
_cell.formula_units_Z              ? 
_cell.length_a                     68.635 
_cell.length_a_esd                 ? 
_cell.length_b                     68.635 
_cell.length_b_esd                 ? 
_cell.length_c                     62.566 
_cell.length_c_esd                 ? 
_cell.volume                       ? 
_cell.volume_esd                   ? 
_cell.Z_PDB                        6 
_cell.reciprocal_angle_alpha       ? 
_cell.reciprocal_angle_beta        ? 
_cell.reciprocal_angle_gamma       ? 
_cell.reciprocal_angle_alpha_esd   ? 
_cell.reciprocal_angle_beta_esd    ? 
_cell.reciprocal_angle_gamma_esd   ? 
_cell.reciprocal_length_a          ? 
_cell.reciprocal_length_b          ? 
_cell.reciprocal_length_c          ? 
_cell.reciprocal_length_a_esd      ? 
_cell.reciprocal_length_b_esd      ? 
_cell.reciprocal_length_c_esd      ? 
_cell.pdbx_unique_axis             ? 
_cell.pdbx_esd_method              ? 
# 
_symmetry.entry_id                         8TB3 
_symmetry.cell_setting                     ? 
_symmetry.Int_Tables_number                154 
_symmetry.space_group_name_Hall            ? 
_symmetry.space_group_name_H-M             'P 32 2 1' 
_symmetry.pdbx_full_space_group_name_H-M   ? 
# 
loop_
_entity.id 
_entity.type 
_entity.src_method 
_entity.pdbx_description 
_entity.formula_weight 
_entity.pdbx_number_of_molecules 
_entity.pdbx_ec 
_entity.pdbx_mutation 
_entity.pdbx_fragment 
_entity.details 
1 polymer     syn 
;DNA (5'-D(*GP*AP*CP*AP*AP*TP*TP*GP*CP*TP*GP*AP*CP*GP*AP*CP*AP*CP*TP*CP*A)-3')
;
6416.175 1 ? ? ? ? 
2 polymer     syn 
;DNA (5'-D(P*CP*GP*TP*CP*A)-3')
;
1480.012 1 ? ? ? ? 
3 polymer     syn 
;DNA (5'-D(*TP*CP*TP*GP*AP*GP*TP*GP*T)-3')
;
2761.820 1 ? ? ? ? 
4 polymer     syn 
;DNA (5'-D(P*GP*CP*AP*AP*TP*TP*G*(DAP))-3')
;
2137.435 1 ? ? ? ? 
5 non-polymer syn '6-AMIDINE-2-(4-AMIDINO-PHENYL)INDOLE'                                          277.324  1 ? ? ? ? 
6 water       nat water                                                                           18.015   2 ? ? ? ? 
# 
loop_
_entity_poly.entity_id 
_entity_poly.type 
_entity_poly.nstd_linkage 
_entity_poly.nstd_monomer 
_entity_poly.pdbx_seq_one_letter_code 
_entity_poly.pdbx_seq_one_letter_code_can 
_entity_poly.pdbx_strand_id 
_entity_poly.pdbx_target_identifier 
1 polydeoxyribonucleotide no no 
;(DG)(DA)(DC)(DA)(DA)(DT)(DT)(DG)(DC)(DT)(DG)(DA)(DC)(DG)(DA)(DC)(DA)(DC)(DT)(DC)
(DA)
;
GACAATTGCTGACGACACTCA A ? 
2 polydeoxyribonucleotide no no '(DC)(DG)(DT)(DC)(DA)'                                                                  CGTCA B ? 
3 polydeoxyribonucleotide no no '(DT)(DC)(DT)(DG)(DA)(DG)(DT)(DG)(DT)'                                                  TCTGAGTGT 
C ? 
4 polydeoxyribonucleotide no no '(DG)(DC)(DA)(DA)(DT)(DT)(DG)'                                                          GCAATTG D 
? 
# 
loop_
_entity_poly_seq.entity_id 
_entity_poly_seq.num 
_entity_poly_seq.mon_id 
_entity_poly_seq.hetero 
1 1  DG n 
1 2  DA n 
1 3  DC n 
1 4  DA n 
1 5  DA n 
1 6  DT n 
1 7  DT n 
1 8  DG n 
1 9  DC n 
1 10 DT n 
1 11 DG n 
1 12 DA n 
1 13 DC n 
1 14 DG n 
1 15 DA n 
1 16 DC n 
1 17 DA n 
1 18 DC n 
1 19 DT n 
1 20 DC n 
1 21 DA n 
2 1  DC n 
2 2  DG n 
2 3  DT n 
2 4  DC n 
2 5  DA n 
3 1  DT n 
3 2  DC n 
3 3  DT n 
3 4  DG n 
3 5  DA n 
3 6  DG n 
3 7  DT n 
3 8  DG n 
3 9  DT n 
4 1  DG n 
4 2  DC n 
4 3  DA n 
4 4  DA n 
4 5  DT n 
4 6  DT n 
4 7  DG n 
# 
loop_
_pdbx_entity_src_syn.entity_id 
_pdbx_entity_src_syn.pdbx_src_id 
_pdbx_entity_src_syn.pdbx_alt_source_flag 
_pdbx_entity_src_syn.pdbx_beg_seq_num 
_pdbx_entity_src_syn.pdbx_end_seq_num 
_pdbx_entity_src_syn.organism_scientific 
_pdbx_entity_src_syn.organism_common_name 
_pdbx_entity_src_syn.ncbi_taxonomy_id 
_pdbx_entity_src_syn.details 
1 1 sample 1 21 'synthetic construct' ? 32630 ? 
2 1 sample 1 5  'synthetic construct' ? 32630 ? 
3 1 sample 1 9  'synthetic construct' ? 32630 ? 
4 1 sample 1 7  'synthetic construct' ? 32630 ? 
# 
loop_
_struct_ref.id 
_struct_ref.db_name 
_struct_ref.db_code 
_struct_ref.pdbx_db_accession 
_struct_ref.pdbx_db_isoform 
_struct_ref.entity_id 
_struct_ref.pdbx_seq_one_letter_code 
_struct_ref.pdbx_align_begin 
1 PDB 8TB3 8TB3 ? 1 ? 1 
2 PDB 8TB3 8TB3 ? 2 ? 1 
3 PDB 8TB3 8TB3 ? 3 ? 1 
4 PDB 8TB3 8TB3 ? 4 ? 1 
# 
loop_
_struct_ref_seq.align_id 
_struct_ref_seq.ref_id 
_struct_ref_seq.pdbx_PDB_id_code 
_struct_ref_seq.pdbx_strand_id 
_struct_ref_seq.seq_align_beg 
_struct_ref_seq.pdbx_seq_align_beg_ins_code 
_struct_ref_seq.seq_align_end 
_struct_ref_seq.pdbx_seq_align_end_ins_code 
_struct_ref_seq.pdbx_db_accession 
_struct_ref_seq.db_align_beg 
_struct_ref_seq.pdbx_db_align_beg_ins_code 
_struct_ref_seq.db_align_end 
_struct_ref_seq.pdbx_db_align_end_ins_code 
_struct_ref_seq.pdbx_auth_seq_align_beg 
_struct_ref_seq.pdbx_auth_seq_align_end 
1 1 8TB3 A 1 ? 21 ? 8TB3 1  ? 21 ? 1  21 
2 2 8TB3 B 1 ? 5  ? 8TB3 1  ? 5  ? 1  5  
3 3 8TB3 C 1 ? 9  ? 8TB3 1  ? 9  ? 1  9  
4 4 8TB3 D 1 ? 7  ? 8TB3 10 ? 16 ? 10 16 
# 
loop_
_chem_comp.id 
_chem_comp.type 
_chem_comp.mon_nstd_flag 
_chem_comp.name 
_chem_comp.pdbx_synonyms 
_chem_comp.formula 
_chem_comp.formula_weight 
DA  'DNA linking' y "2'-DEOXYADENOSINE-5'-MONOPHOSPHATE"   ? 'C10 H14 N5 O6 P' 331.222 
DAP non-polymer   . '6-AMIDINE-2-(4-AMIDINO-PHENYL)INDOLE' ? 'C16 H15 N5'      277.324 
DC  'DNA linking' y "2'-DEOXYCYTIDINE-5'-MONOPHOSPHATE"    ? 'C9 H14 N3 O7 P'  307.197 
DG  'DNA linking' y "2'-DEOXYGUANOSINE-5'-MONOPHOSPHATE"   ? 'C10 H14 N5 O7 P' 347.221 
DT  'DNA linking' y "THYMIDINE-5'-MONOPHOSPHATE"           ? 'C10 H15 N2 O8 P' 322.208 
HOH non-polymer   . WATER                                  ? 'H2 O'            18.015  
# 
_exptl.absorpt_coefficient_mu     ? 
_exptl.absorpt_correction_T_max   ? 
_exptl.absorpt_correction_T_min   ? 
_exptl.absorpt_correction_type    ? 
_exptl.absorpt_process_details    ? 
_exptl.entry_id                   8TB3 
_exptl.crystals_number            1 
_exptl.details                    ? 
_exptl.method                     'X-RAY DIFFRACTION' 
_exptl.method_details             ? 
# 
_exptl_crystal.colour                       ? 
_exptl_crystal.density_diffrn               ? 
_exptl_crystal.density_Matthews             3.32 
_exptl_crystal.density_method               ? 
_exptl_crystal.density_percent_sol          63.00 
_exptl_crystal.description                  ? 
_exptl_crystal.F_000                        ? 
_exptl_crystal.id                           1 
_exptl_crystal.preparation                  ? 
_exptl_crystal.size_max                     ? 
_exptl_crystal.size_mid                     ? 
_exptl_crystal.size_min                     ? 
_exptl_crystal.size_rad                     ? 
_exptl_crystal.colour_lustre                ? 
_exptl_crystal.colour_modifier              ? 
_exptl_crystal.colour_primary               ? 
_exptl_crystal.density_meas                 ? 
_exptl_crystal.density_meas_esd             ? 
_exptl_crystal.density_meas_gt              ? 
_exptl_crystal.density_meas_lt              ? 
_exptl_crystal.density_meas_temp            ? 
_exptl_crystal.density_meas_temp_esd        ? 
_exptl_crystal.density_meas_temp_gt         ? 
_exptl_crystal.density_meas_temp_lt         ? 
_exptl_crystal.pdbx_crystal_image_url       ? 
_exptl_crystal.pdbx_crystal_image_format    ? 
_exptl_crystal.pdbx_mosaicity               ? 
_exptl_crystal.pdbx_mosaicity_esd           ? 
_exptl_crystal.pdbx_mosaic_method           ? 
_exptl_crystal.pdbx_mosaic_block_size       ? 
_exptl_crystal.pdbx_mosaic_block_size_esd   ? 
# 
_exptl_crystal_grow.apparatus       ? 
_exptl_crystal_grow.atmosphere      ? 
_exptl_crystal_grow.crystal_id      1 
_exptl_crystal_grow.details         ? 
_exptl_crystal_grow.method          'VAPOR DIFFUSION, SITTING DROP' 
_exptl_crystal_grow.method_ref      ? 
_exptl_crystal_grow.pH              ? 
_exptl_crystal_grow.pressure        ? 
_exptl_crystal_grow.pressure_esd    ? 
_exptl_crystal_grow.seeding         ? 
_exptl_crystal_grow.seeding_ref     ? 
_exptl_crystal_grow.temp_details    'temperature gradient generated from 60 to 25 C at 0.3 degrees per hour' 
_exptl_crystal_grow.temp_esd        ? 
_exptl_crystal_grow.time            ? 
_exptl_crystal_grow.pdbx_details    
;0.5 mL of 0.05 M Na Cacodylate pH 6.5 with 18 mM MgCl2, 2.25 mM spermine, and 9% Isopropanol was added to the reservoir with 2 uL added to the drop containing 4 uL of DNA stock.
;
_exptl_crystal_grow.pdbx_pH_range   ? 
_exptl_crystal_grow.temp            298 
# 
_diffrn.ambient_environment              ? 
_diffrn.ambient_temp                     100 
_diffrn.ambient_temp_details             ? 
_diffrn.ambient_temp_esd                 ? 
_diffrn.crystal_id                       1 
_diffrn.crystal_support                  ? 
_diffrn.crystal_treatment                ? 
_diffrn.details                          ? 
_diffrn.id                               1 
_diffrn.ambient_pressure                 ? 
_diffrn.ambient_pressure_esd             ? 
_diffrn.ambient_pressure_gt              ? 
_diffrn.ambient_pressure_lt              ? 
_diffrn.ambient_temp_gt                  ? 
_diffrn.ambient_temp_lt                  ? 
_diffrn.pdbx_serial_crystal_experiment   N 
# 
_diffrn_detector.details                      ? 
_diffrn_detector.detector                     PIXEL 
_diffrn_detector.diffrn_id                    1 
_diffrn_detector.type                         'DECTRIS PILATUS3 6M' 
_diffrn_detector.area_resol_mean              ? 
_diffrn_detector.dtime                        ? 
_diffrn_detector.pdbx_frames_total            ? 
_diffrn_detector.pdbx_collection_time_total   ? 
_diffrn_detector.pdbx_collection_date         2018-12-15 
_diffrn_detector.pdbx_frequency               ? 
_diffrn_detector.id                           ? 
_diffrn_detector.number_of_axes               ? 
# 
_diffrn_radiation.collimation                      ? 
_diffrn_radiation.diffrn_id                        1 
_diffrn_radiation.filter_edge                      ? 
_diffrn_radiation.inhomogeneity                    ? 
_diffrn_radiation.monochromator                    ? 
_diffrn_radiation.polarisn_norm                    ? 
_diffrn_radiation.polarisn_ratio                   ? 
_diffrn_radiation.probe                            ? 
_diffrn_radiation.type                             ? 
_diffrn_radiation.xray_symbol                      ? 
_diffrn_radiation.wavelength_id                    1 
_diffrn_radiation.pdbx_monochromatic_or_laue_m_l   M 
_diffrn_radiation.pdbx_wavelength_list             ? 
_diffrn_radiation.pdbx_wavelength                  ? 
_diffrn_radiation.pdbx_diffrn_protocol             'SINGLE WAVELENGTH' 
_diffrn_radiation.pdbx_analyzer                    ? 
_diffrn_radiation.pdbx_scattering_type             x-ray 
# 
_diffrn_radiation_wavelength.id           1 
_diffrn_radiation_wavelength.wavelength   0.92 
_diffrn_radiation_wavelength.wt           1.0 
# 
_diffrn_source.current                     ? 
_diffrn_source.details                     ? 
_diffrn_source.diffrn_id                   1 
_diffrn_source.power                       ? 
_diffrn_source.size                        ? 
_diffrn_source.source                      SYNCHROTRON 
_diffrn_source.target                      ? 
_diffrn_source.type                        'APS BEAMLINE 19-ID' 
_diffrn_source.voltage                     ? 
_diffrn_source.take-off_angle              ? 
_diffrn_source.pdbx_wavelength_list        0.92 
_diffrn_source.pdbx_wavelength             ? 
_diffrn_source.pdbx_synchrotron_beamline   19-ID 
_diffrn_source.pdbx_synchrotron_site       APS 
# 
_reflns.B_iso_Wilson_estimate                          ? 
_reflns.entry_id                                       8TB3 
_reflns.data_reduction_details                         ? 
_reflns.data_reduction_method                          ? 
_reflns.d_resolution_high                              3.00 
_reflns.d_resolution_low                               50.00 
_reflns.details                                        ? 
_reflns.limit_h_max                                    ? 
_reflns.limit_h_min                                    ? 
_reflns.limit_k_max                                    ? 
_reflns.limit_k_min                                    ? 
_reflns.limit_l_max                                    ? 
_reflns.limit_l_min                                    ? 
_reflns.number_all                                     ? 
_reflns.number_obs                                     3620 
_reflns.observed_criterion                             ? 
_reflns.observed_criterion_F_max                       ? 
_reflns.observed_criterion_F_min                       ? 
_reflns.observed_criterion_I_max                       ? 
_reflns.observed_criterion_I_min                       ? 
_reflns.observed_criterion_sigma_F                     ? 
_reflns.observed_criterion_sigma_I                     ? 
_reflns.percent_possible_obs                           99.8 
_reflns.R_free_details                                 ? 
_reflns.Rmerge_F_all                                   ? 
_reflns.Rmerge_F_obs                                   ? 
_reflns.Friedel_coverage                               ? 
_reflns.number_gt                                      ? 
_reflns.threshold_expression                           ? 
_reflns.pdbx_redundancy                                7.1 
_reflns.pdbx_netI_over_av_sigmaI                       ? 
_reflns.pdbx_netI_over_sigmaI                          15.0 
_reflns.pdbx_res_netI_over_av_sigmaI_2                 ? 
_reflns.pdbx_res_netI_over_sigmaI_2                    ? 
_reflns.pdbx_chi_squared                               1.864 
_reflns.pdbx_scaling_rejects                           ? 
_reflns.pdbx_d_res_high_opt                            ? 
_reflns.pdbx_d_res_low_opt                             ? 
_reflns.pdbx_d_res_opt_method                          ? 
_reflns.phase_calculation_details                      ? 
_reflns.pdbx_Rrim_I_all                                0.063 
_reflns.pdbx_Rpim_I_all                                0.024 
_reflns.pdbx_d_opt                                     ? 
_reflns.pdbx_number_measured_all                       ? 
_reflns.pdbx_diffrn_id                                 1 
_reflns.pdbx_ordinal                                   1 
_reflns.pdbx_CC_half                                   1.00 
_reflns.pdbx_CC_star                                   ? 
_reflns.pdbx_R_split                                   ? 
_reflns.pdbx_Rmerge_I_obs                              0.058 
_reflns.pdbx_Rmerge_I_all                              ? 
_reflns.pdbx_Rsym_value                                ? 
_reflns.pdbx_CC_split_method                           ? 
_reflns.pdbx_aniso_diffraction_limit_axis_1_ortho[1]   ? 
_reflns.pdbx_aniso_diffraction_limit_axis_1_ortho[2]   ? 
_reflns.pdbx_aniso_diffraction_limit_axis_1_ortho[3]   ? 
_reflns.pdbx_aniso_diffraction_limit_axis_2_ortho[1]   ? 
_reflns.pdbx_aniso_diffraction_limit_axis_2_ortho[2]   ? 
_reflns.pdbx_aniso_diffraction_limit_axis_2_ortho[3]   ? 
_reflns.pdbx_aniso_diffraction_limit_axis_3_ortho[1]   ? 
_reflns.pdbx_aniso_diffraction_limit_axis_3_ortho[2]   ? 
_reflns.pdbx_aniso_diffraction_limit_axis_3_ortho[3]   ? 
_reflns.pdbx_aniso_diffraction_limit_1                 ? 
_reflns.pdbx_aniso_diffraction_limit_2                 ? 
_reflns.pdbx_aniso_diffraction_limit_3                 ? 
_reflns.pdbx_aniso_B_tensor_eigenvector_1_ortho[1]     ? 
_reflns.pdbx_aniso_B_tensor_eigenvector_1_ortho[2]     ? 
_reflns.pdbx_aniso_B_tensor_eigenvector_1_ortho[3]     ? 
_reflns.pdbx_aniso_B_tensor_eigenvector_2_ortho[1]     ? 
_reflns.pdbx_aniso_B_tensor_eigenvector_2_ortho[2]     ? 
_reflns.pdbx_aniso_B_tensor_eigenvector_2_ortho[3]     ? 
_reflns.pdbx_aniso_B_tensor_eigenvector_3_ortho[1]     ? 
_reflns.pdbx_aniso_B_tensor_eigenvector_3_ortho[2]     ? 
_reflns.pdbx_aniso_B_tensor_eigenvector_3_ortho[3]     ? 
_reflns.pdbx_aniso_B_tensor_eigenvalue_1               ? 
_reflns.pdbx_aniso_B_tensor_eigenvalue_2               ? 
_reflns.pdbx_aniso_B_tensor_eigenvalue_3               ? 
_reflns.pdbx_orthogonalization_convention              ? 
_reflns.pdbx_percent_possible_ellipsoidal              ? 
_reflns.pdbx_percent_possible_spherical                ? 
_reflns.pdbx_percent_possible_ellipsoidal_anomalous    ? 
_reflns.pdbx_percent_possible_spherical_anomalous      ? 
_reflns.pdbx_redundancy_anomalous                      ? 
_reflns.pdbx_CC_half_anomalous                         ? 
_reflns.pdbx_absDiff_over_sigma_anomalous              ? 
_reflns.pdbx_percent_possible_anomalous                ? 
_reflns.pdbx_observed_signal_threshold                 ? 
_reflns.pdbx_signal_type                               ? 
_reflns.pdbx_signal_details                            ? 
_reflns.pdbx_signal_software_id                        ? 
# 
loop_
_reflns_shell.d_res_high 
_reflns_shell.d_res_low 
_reflns_shell.meanI_over_sigI_all 
_reflns_shell.meanI_over_sigI_obs 
_reflns_shell.number_measured_all 
_reflns_shell.number_measured_obs 
_reflns_shell.number_possible 
_reflns_shell.number_unique_all 
_reflns_shell.number_unique_obs 
_reflns_shell.percent_possible_obs 
_reflns_shell.Rmerge_F_all 
_reflns_shell.Rmerge_F_obs 
_reflns_shell.meanI_over_sigI_gt 
_reflns_shell.meanI_over_uI_all 
_reflns_shell.meanI_over_uI_gt 
_reflns_shell.number_measured_gt 
_reflns_shell.number_unique_gt 
_reflns_shell.percent_possible_gt 
_reflns_shell.Rmerge_F_gt 
_reflns_shell.Rmerge_I_gt 
_reflns_shell.pdbx_redundancy 
_reflns_shell.pdbx_chi_squared 
_reflns_shell.pdbx_netI_over_sigmaI_all 
_reflns_shell.pdbx_netI_over_sigmaI_obs 
_reflns_shell.pdbx_Rrim_I_all 
_reflns_shell.pdbx_Rpim_I_all 
_reflns_shell.pdbx_rejects 
_reflns_shell.pdbx_ordinal 
_reflns_shell.pdbx_diffrn_id 
_reflns_shell.pdbx_CC_half 
_reflns_shell.pdbx_CC_star 
_reflns_shell.pdbx_R_split 
_reflns_shell.percent_possible_all 
_reflns_shell.Rmerge_I_all 
_reflns_shell.Rmerge_I_obs 
_reflns_shell.pdbx_Rsym_value 
_reflns_shell.pdbx_percent_possible_ellipsoidal 
_reflns_shell.pdbx_percent_possible_spherical 
_reflns_shell.pdbx_percent_possible_ellipsoidal_anomalous 
_reflns_shell.pdbx_percent_possible_spherical_anomalous 
_reflns_shell.pdbx_redundancy_anomalous 
_reflns_shell.pdbx_CC_half_anomalous 
_reflns_shell.pdbx_absDiff_over_sigma_anomalous 
_reflns_shell.pdbx_percent_possible_anomalous 
3.00 3.05  ? ? ? ? ? ? 165 ? ? ? ? ? ? ? ? ? ? ? 7.2 1.109 ? ? 0.987 0.364 ? 1  1 0.907 0.975 ? 100.0 ? 0.917 ? ? ? ? ? ? ? ? ? 
3.05 3.11  ? ? ? ? ? ? 184 ? ? ? ? ? ? ? ? ? ? ? 7.3 1.311 ? ? 0.529 0.197 ? 2  1 0.973 0.993 ? 100.0 ? 0.491 ? ? ? ? ? ? ? ? ? 
3.11 3.17  ? ? ? ? ? ? 166 ? ? ? ? ? ? ? ? ? ? ? 7.2 1.293 ? ? 0.368 0.138 ? 3  1 0.992 0.998 ? 100.0 ? 0.341 ? ? ? ? ? ? ? ? ? 
3.17 3.23  ? ? ? ? ? ? 182 ? ? ? ? ? ? ? ? ? ? ? 7.2 1.498 ? ? 0.150 0.055 ? 4  1 0.998 1.000 ? 100.0 ? 0.139 ? ? ? ? ? ? ? ? ? 
3.23 3.30  ? ? ? ? ? ? 185 ? ? ? ? ? ? ? ? ? ? ? 7.2 1.413 ? ? 0.107 0.040 ? 5  1 0.998 1.000 ? 100.0 ? 0.099 ? ? ? ? ? ? ? ? ? 
3.30 3.38  ? ? ? ? ? ? 172 ? ? ? ? ? ? ? ? ? ? ? 7.4 1.505 ? ? 0.099 0.036 ? 6  1 0.998 1.000 ? 100.0 ? 0.092 ? ? ? ? ? ? ? ? ? 
3.38 3.46  ? ? ? ? ? ? 179 ? ? ? ? ? ? ? ? ? ? ? 7.2 1.578 ? ? 0.109 0.040 ? 7  1 0.999 1.000 ? 100.0 ? 0.101 ? ? ? ? ? ? ? ? ? 
3.46 3.56  ? ? ? ? ? ? 182 ? ? ? ? ? ? ? ? ? ? ? 7.3 1.480 ? ? 0.115 0.043 ? 8  1 0.997 0.999 ? 100.0 ? 0.107 ? ? ? ? ? ? ? ? ? 
3.56 3.66  ? ? ? ? ? ? 166 ? ? ? ? ? ? ? ? ? ? ? 7.2 1.366 ? ? 0.107 0.040 ? 9  1 0.998 0.999 ? 100.0 ? 0.100 ? ? ? ? ? ? ? ? ? 
3.66 3.78  ? ? ? ? ? ? 186 ? ? ? ? ? ? ? ? ? ? ? 7.2 1.619 ? ? 0.145 0.054 ? 10 1 0.993 0.998 ? 100.0 ? 0.134 ? ? ? ? ? ? ? ? ? 
3.78 3.91  ? ? ? ? ? ? 175 ? ? ? ? ? ? ? ? ? ? ? 7.3 1.598 ? ? 0.102 0.038 ? 11 1 0.997 0.999 ? 100.0 ? 0.095 ? ? ? ? ? ? ? ? ? 
3.91 4.07  ? ? ? ? ? ? 190 ? ? ? ? ? ? ? ? ? ? ? 7.2 1.688 ? ? 0.091 0.034 ? 12 1 0.996 0.999 ? 100.0 ? 0.085 ? ? ? ? ? ? ? ? ? 
4.07 4.26  ? ? ? ? ? ? 176 ? ? ? ? ? ? ? ? ? ? ? 7.1 1.563 ? ? 0.079 0.030 ? 13 1 0.995 0.999 ? 100.0 ? 0.073 ? ? ? ? ? ? ? ? ? 
4.26 4.48  ? ? ? ? ? ? 183 ? ? ? ? ? ? ? ? ? ? ? 7.1 1.693 ? ? 0.070 0.026 ? 14 1 0.998 0.999 ? 100.0 ? 0.065 ? ? ? ? ? ? ? ? ? 
4.48 4.76  ? ? ? ? ? ? 175 ? ? ? ? ? ? ? ? ? ? ? 7.1 1.759 ? ? 0.068 0.026 ? 15 1 0.997 0.999 ? 100.0 ? 0.063 ? ? ? ? ? ? ? ? ? 
4.76 5.13  ? ? ? ? ? ? 183 ? ? ? ? ? ? ? ? ? ? ? 7.0 1.674 ? ? 0.054 0.021 ? 16 1 0.999 1.000 ? 100.0 ? 0.050 ? ? ? ? ? ? ? ? ? 
5.13 5.64  ? ? ? ? ? ? 191 ? ? ? ? ? ? ? ? ? ? ? 7.0 1.609 ? ? 0.042 0.016 ? 17 1 0.999 1.000 ? 100.0 ? 0.038 ? ? ? ? ? ? ? ? ? 
5.64 6.46  ? ? ? ? ? ? 182 ? ? ? ? ? ? ? ? ? ? ? 6.8 1.750 ? ? 0.040 0.015 ? 18 1 0.999 1.000 ? 100.0 ? 0.037 ? ? ? ? ? ? ? ? ? 
6.46 8.13  ? ? ? ? ? ? 191 ? ? ? ? ? ? ? ? ? ? ? 6.7 2.007 ? ? 0.039 0.015 ? 19 1 0.999 1.000 ? 100.0 ? 0.036 ? ? ? ? ? ? ? ? ? 
8.13 50.00 ? ? ? ? ? ? 207 ? ? ? ? ? ? ? ? ? ? ? 5.8 8.308 ? ? 0.047 0.019 ? 20 1 0.999 1.000 ? 96.3  ? 0.042 ? ? ? ? ? ? ? ? ? 
# 
_refine.aniso_B[1][1]                            -0.02 
_refine.aniso_B[1][2]                            -0.01 
_refine.aniso_B[1][3]                            -0.00 
_refine.aniso_B[2][2]                            -0.02 
_refine.aniso_B[2][3]                            0.00 
_refine.aniso_B[3][3]                            0.07 
_refine.B_iso_max                                ? 
_refine.B_iso_mean                               81.184 
_refine.B_iso_min                                ? 
_refine.correlation_coeff_Fo_to_Fc               0.968 
_refine.correlation_coeff_Fo_to_Fc_free          0.966 
_refine.details                                  'HYDROGENS HAVE BEEN ADDED IN THE RIDING POSITIONS' 
_refine.diff_density_max                         ? 
_refine.diff_density_max_esd                     ? 
_refine.diff_density_min                         ? 
_refine.diff_density_min_esd                     ? 
_refine.diff_density_rms                         ? 
_refine.diff_density_rms_esd                     ? 
_refine.entry_id                                 8TB3 
_refine.pdbx_refine_id                           'X-RAY DIFFRACTION' 
_refine.ls_abs_structure_details                 ? 
_refine.ls_abs_structure_Flack                   ? 
_refine.ls_abs_structure_Flack_esd               ? 
_refine.ls_abs_structure_Rogers                  ? 
_refine.ls_abs_structure_Rogers_esd              ? 
_refine.ls_d_res_high                            3.00 
_refine.ls_d_res_low                             43.09 
_refine.ls_extinction_coef                       ? 
_refine.ls_extinction_coef_esd                   ? 
_refine.ls_extinction_expression                 ? 
_refine.ls_extinction_method                     ? 
_refine.ls_goodness_of_fit_all                   ? 
_refine.ls_goodness_of_fit_all_esd               ? 
_refine.ls_goodness_of_fit_obs                   ? 
_refine.ls_goodness_of_fit_obs_esd               ? 
_refine.ls_hydrogen_treatment                    ? 
_refine.ls_matrix_type                           ? 
_refine.ls_number_constraints                    ? 
_refine.ls_number_parameters                     ? 
_refine.ls_number_reflns_all                     ? 
_refine.ls_number_reflns_obs                     3429 
_refine.ls_number_reflns_R_free                  178 
_refine.ls_number_reflns_R_work                  ? 
_refine.ls_number_restraints                     ? 
_refine.ls_percent_reflns_obs                    99.75 
_refine.ls_percent_reflns_R_free                 4.9 
_refine.ls_R_factor_all                          ? 
_refine.ls_R_factor_obs                          0.19615 
_refine.ls_R_factor_R_free                       0.23968 
_refine.ls_R_factor_R_free_error                 ? 
_refine.ls_R_factor_R_free_error_details         ? 
_refine.ls_R_factor_R_work                       0.19338 
_refine.ls_R_Fsqd_factor_obs                     ? 
_refine.ls_R_I_factor_obs                        ? 
_refine.ls_redundancy_reflns_all                 ? 
_refine.ls_redundancy_reflns_obs                 ? 
_refine.ls_restrained_S_all                      ? 
_refine.ls_restrained_S_obs                      ? 
_refine.ls_shift_over_esd_max                    ? 
_refine.ls_shift_over_esd_mean                   ? 
_refine.ls_structure_factor_coef                 ? 
_refine.ls_weighting_details                     ? 
_refine.ls_weighting_scheme                      ? 
_refine.ls_wR_factor_all                         ? 
_refine.ls_wR_factor_obs                         ? 
_refine.ls_wR_factor_R_free                      ? 
_refine.ls_wR_factor_R_work                      ? 
_refine.occupancy_max                            ? 
_refine.occupancy_min                            ? 
_refine.solvent_model_details                    MASK 
_refine.solvent_model_param_bsol                 ? 
_refine.solvent_model_param_ksol                 ? 
_refine.pdbx_R_complete                          ? 
_refine.ls_R_factor_gt                           ? 
_refine.ls_goodness_of_fit_gt                    ? 
_refine.ls_goodness_of_fit_ref                   ? 
_refine.ls_shift_over_su_max                     ? 
_refine.ls_shift_over_su_max_lt                  ? 
_refine.ls_shift_over_su_mean                    ? 
_refine.ls_shift_over_su_mean_lt                 ? 
_refine.pdbx_ls_sigma_I                          ? 
_refine.pdbx_ls_sigma_F                          ? 
_refine.pdbx_ls_sigma_Fsqd                       ? 
_refine.pdbx_data_cutoff_high_absF               ? 
_refine.pdbx_data_cutoff_high_rms_absF           ? 
_refine.pdbx_data_cutoff_low_absF                ? 
_refine.pdbx_isotropic_thermal_model             ? 
_refine.pdbx_ls_cross_valid_method               THROUGHOUT 
_refine.pdbx_method_to_determine_struct          'MOLECULAR REPLACEMENT' 
_refine.pdbx_starting_model                      ? 
_refine.pdbx_stereochemistry_target_values       'MAXIMUM LIKELIHOOD' 
_refine.pdbx_R_Free_selection_details            RANDOM 
_refine.pdbx_stereochem_target_val_spec_case     ? 
_refine.pdbx_overall_ESU_R                       ? 
_refine.pdbx_overall_ESU_R_Free                  0.370 
_refine.pdbx_solvent_vdw_probe_radii             1.20 
_refine.pdbx_solvent_ion_probe_radii             0.80 
_refine.pdbx_solvent_shrinkage_radii             0.80 
_refine.pdbx_real_space_R                        ? 
_refine.pdbx_density_correlation                 ? 
_refine.pdbx_pd_number_of_powder_patterns        ? 
_refine.pdbx_pd_number_of_points                 ? 
_refine.pdbx_pd_meas_number_of_points            ? 
_refine.pdbx_pd_proc_ls_prof_R_factor            ? 
_refine.pdbx_pd_proc_ls_prof_wR_factor           ? 
_refine.pdbx_pd_Marquardt_correlation_coeff      ? 
_refine.pdbx_pd_Fsqrd_R_factor                   ? 
_refine.pdbx_pd_ls_matrix_band_width             ? 
_refine.pdbx_overall_phase_error                 ? 
_refine.pdbx_overall_SU_R_free_Cruickshank_DPI   ? 
_refine.pdbx_overall_SU_R_free_Blow_DPI          ? 
_refine.pdbx_overall_SU_R_Blow_DPI               ? 
_refine.pdbx_TLS_residual_ADP_flag               ? 
_refine.pdbx_diffrn_id                           1 
_refine.overall_SU_B                             16.850 
_refine.overall_SU_ML                            0.300 
_refine.overall_SU_R_Cruickshank_DPI             ? 
_refine.overall_SU_R_free                        ? 
_refine.overall_FOM_free_R_set                   ? 
_refine.overall_FOM_work_R_set                   ? 
_refine.pdbx_average_fsc_overall                 ? 
_refine.pdbx_average_fsc_work                    ? 
_refine.pdbx_average_fsc_free                    ? 
# 
_refine_hist.pdbx_refine_id                   'X-RAY DIFFRACTION' 
_refine_hist.cycle_id                         1 
_refine_hist.details                          ? 
_refine_hist.d_res_high                       3.00 
_refine_hist.d_res_low                        43.09 
_refine_hist.number_atoms_solvent             2 
_refine_hist.number_atoms_total               878 
_refine_hist.number_reflns_all                ? 
_refine_hist.number_reflns_obs                ? 
_refine_hist.number_reflns_R_free             ? 
_refine_hist.number_reflns_R_work             ? 
_refine_hist.R_factor_all                     ? 
_refine_hist.R_factor_obs                     ? 
_refine_hist.R_factor_R_free                  ? 
_refine_hist.R_factor_R_work                  ? 
_refine_hist.pdbx_number_residues_total       ? 
_refine_hist.pdbx_B_iso_mean_ligand           ? 
_refine_hist.pdbx_B_iso_mean_solvent          ? 
_refine_hist.pdbx_number_atoms_protein        0 
_refine_hist.pdbx_number_atoms_nucleic_acid   855 
_refine_hist.pdbx_number_atoms_ligand         21 
_refine_hist.pdbx_number_atoms_lipid          ? 
_refine_hist.pdbx_number_atoms_carb           ? 
_refine_hist.pdbx_pseudo_atom_details         ? 
# 
loop_
_refine_ls_restr.pdbx_refine_id 
_refine_ls_restr.criterion 
_refine_ls_restr.dev_ideal 
_refine_ls_restr.dev_ideal_target 
_refine_ls_restr.number 
_refine_ls_restr.rejects 
_refine_ls_restr.type 
_refine_ls_restr.weight 
_refine_ls_restr.pdbx_restraint_function 
'X-RAY DIFFRACTION' ? 0.006  0.011  979  ? r_bond_refined_d             ? ? 
'X-RAY DIFFRACTION' ? 0.011  0.017  485  ? r_bond_other_d               ? ? 
'X-RAY DIFFRACTION' ? 2.002  1.791  1500 ? r_angle_refined_deg          ? ? 
'X-RAY DIFFRACTION' ? 0.580  1.544  1147 ? r_angle_other_deg            ? ? 
'X-RAY DIFFRACTION' ? ?      ?      ?    ? r_dihedral_angle_1_deg       ? ? 
'X-RAY DIFFRACTION' ? ?      ?      ?    ? r_dihedral_angle_2_deg       ? ? 
'X-RAY DIFFRACTION' ? ?      ?      ?    ? r_dihedral_angle_3_deg       ? ? 
'X-RAY DIFFRACTION' ? ?      ?      ?    ? r_dihedral_angle_4_deg       ? ? 
'X-RAY DIFFRACTION' ? 0.162  0.200  164  ? r_chiral_restr               ? ? 
'X-RAY DIFFRACTION' ? 0.013  0.020  532  ? r_gen_planes_refined         ? ? 
'X-RAY DIFFRACTION' ? 0.002  0.020  157  ? r_gen_planes_other           ? ? 
'X-RAY DIFFRACTION' ? ?      ?      ?    ? r_nbd_refined                ? ? 
'X-RAY DIFFRACTION' ? ?      ?      ?    ? r_nbd_other                  ? ? 
'X-RAY DIFFRACTION' ? ?      ?      ?    ? r_nbtor_refined              ? ? 
'X-RAY DIFFRACTION' ? ?      ?      ?    ? r_nbtor_other                ? ? 
'X-RAY DIFFRACTION' ? ?      ?      ?    ? r_xyhbond_nbd_refined        ? ? 
'X-RAY DIFFRACTION' ? ?      ?      ?    ? r_xyhbond_nbd_other          ? ? 
'X-RAY DIFFRACTION' ? ?      ?      ?    ? r_metal_ion_refined          ? ? 
'X-RAY DIFFRACTION' ? ?      ?      ?    ? r_metal_ion_other            ? ? 
'X-RAY DIFFRACTION' ? ?      ?      ?    ? r_symmetry_vdw_refined       ? ? 
'X-RAY DIFFRACTION' ? ?      ?      ?    ? r_symmetry_vdw_other         ? ? 
'X-RAY DIFFRACTION' ? ?      ?      ?    ? r_symmetry_hbond_refined     ? ? 
'X-RAY DIFFRACTION' ? ?      ?      ?    ? r_symmetry_hbond_other       ? ? 
'X-RAY DIFFRACTION' ? ?      ?      ?    ? r_symmetry_metal_ion_refined ? ? 
'X-RAY DIFFRACTION' ? ?      ?      ?    ? r_symmetry_metal_ion_other   ? ? 
'X-RAY DIFFRACTION' ? ?      ?      ?    ? r_mcbond_it                  ? ? 
'X-RAY DIFFRACTION' ? ?      ?      ?    ? r_mcbond_other               ? ? 
'X-RAY DIFFRACTION' ? ?      ?      ?    ? r_mcangle_it                 ? ? 
'X-RAY DIFFRACTION' ? ?      ?      ?    ? r_mcangle_other              ? ? 
'X-RAY DIFFRACTION' ? 8.318  8.232  979  ? r_scbond_it                  ? ? 
'X-RAY DIFFRACTION' ? 8.314  8.235  980  ? r_scbond_other               ? ? 
'X-RAY DIFFRACTION' ? ?      ?      ?    ? r_scangle_it                 ? ? 
'X-RAY DIFFRACTION' ? 12.108 12.351 1501 ? r_scangle_other              ? ? 
'X-RAY DIFFRACTION' ? 13.653 ?      1481 ? r_long_range_B_refined       ? ? 
'X-RAY DIFFRACTION' ? 13.648 ?      1482 ? r_long_range_B_other         ? ? 
'X-RAY DIFFRACTION' ? ?      ?      ?    ? r_rigid_bond_restr           ? ? 
'X-RAY DIFFRACTION' ? ?      ?      ?    ? r_sphericity_free            ? ? 
'X-RAY DIFFRACTION' ? ?      ?      ?    ? r_sphericity_bonded          ? ? 
# 
_refine_ls_shell.pdbx_refine_id                   'X-RAY DIFFRACTION' 
_refine_ls_shell.d_res_high                       3.00 
_refine_ls_shell.d_res_low                        3.077 
_refine_ls_shell.number_reflns_all                ? 
_refine_ls_shell.number_reflns_obs                ? 
_refine_ls_shell.number_reflns_R_free             6 
_refine_ls_shell.number_reflns_R_work             242 
_refine_ls_shell.percent_reflns_obs               100.00 
_refine_ls_shell.percent_reflns_R_free            ? 
_refine_ls_shell.R_factor_all                     ? 
_refine_ls_shell.R_factor_obs                     ? 
_refine_ls_shell.R_factor_R_free_error            ? 
_refine_ls_shell.R_factor_R_work                  0.353 
_refine_ls_shell.redundancy_reflns_all            ? 
_refine_ls_shell.redundancy_reflns_obs            ? 
_refine_ls_shell.wR_factor_all                    ? 
_refine_ls_shell.wR_factor_obs                    ? 
_refine_ls_shell.wR_factor_R_free                 ? 
_refine_ls_shell.wR_factor_R_work                 ? 
_refine_ls_shell.pdbx_R_complete                  ? 
_refine_ls_shell.pdbx_total_number_of_bins_used   ? 
_refine_ls_shell.pdbx_phase_error                 ? 
_refine_ls_shell.pdbx_fsc_work                    ? 
_refine_ls_shell.pdbx_fsc_free                    ? 
_refine_ls_shell.R_factor_R_free                  0.570 
# 
_struct.entry_id                     8TB3 
_struct.title                        
;Sequence specific (AATT) orientation of DAPI molecules at a unique minor groove binding site (position1) within a self-assembled 3D DNA lattice (4x5)
;
_struct.pdbx_model_details           ? 
_struct.pdbx_formula_weight          ? 
_struct.pdbx_formula_weight_method   ? 
_struct.pdbx_model_type_details      ? 
_struct.pdbx_CASP_flag               N 
# 
_struct_keywords.entry_id        8TB3 
_struct_keywords.text            
;Self-Assembly, DNA Nanotechnology, DNA Scaffold, Crystal Lattice, DNA, Minor Groove Binders, Netropsin, DAPI, Hoechst, ImPyPy, polyamide, host-guest
;
_struct_keywords.pdbx_keywords   DNA 
# 
loop_
_struct_asym.id 
_struct_asym.pdbx_blank_PDB_chainid_flag 
_struct_asym.pdbx_modified 
_struct_asym.entity_id 
_struct_asym.details 
A N N 1 ? 
B N N 2 ? 
C N N 3 ? 
D N N 4 ? 
E N N 5 ? 
F N N 6 ? 
G N N 6 ? 
# 
loop_
_struct_conn.id 
_struct_conn.conn_type_id 
_struct_conn.pdbx_leaving_atom_flag 
_struct_conn.pdbx_PDB_id 
_struct_conn.ptnr1_label_asym_id 
_struct_conn.ptnr1_label_comp_id 
_struct_conn.ptnr1_label_seq_id 
_struct_conn.ptnr1_label_atom_id 
_struct_conn.pdbx_ptnr1_label_alt_id 
_struct_conn.pdbx_ptnr1_PDB_ins_code 
_struct_conn.pdbx_ptnr1_standard_comp_id 
_struct_conn.ptnr1_symmetry 
_struct_conn.ptnr2_label_asym_id 
_struct_conn.ptnr2_label_comp_id 
_struct_conn.ptnr2_label_seq_id 
_struct_conn.ptnr2_label_atom_id 
_struct_conn.pdbx_ptnr2_label_alt_id 
_struct_conn.pdbx_ptnr2_PDB_ins_code 
_struct_conn.ptnr1_auth_asym_id 
_struct_conn.ptnr1_auth_comp_id 
_struct_conn.ptnr1_auth_seq_id 
_struct_conn.ptnr2_auth_asym_id 
_struct_conn.ptnr2_auth_comp_id 
_struct_conn.ptnr2_auth_seq_id 
_struct_conn.ptnr2_symmetry 
_struct_conn.pdbx_ptnr3_label_atom_id 
_struct_conn.pdbx_ptnr3_label_seq_id 
_struct_conn.pdbx_ptnr3_label_comp_id 
_struct_conn.pdbx_ptnr3_label_asym_id 
_struct_conn.pdbx_ptnr3_label_alt_id 
_struct_conn.pdbx_ptnr3_PDB_ins_code 
_struct_conn.details 
_struct_conn.pdbx_dist_value 
_struct_conn.pdbx_value_order 
_struct_conn.pdbx_role 
hydrog1  hydrog ? ? A DC 3  N3 ? ? ? 1_555 D DG 7 N1 ? ? A DC 3  D DG 16 1_555 ? ? ? ? ? ? WATSON-CRICK ? ? ? 
hydrog2  hydrog ? ? A DC 3  N4 ? ? ? 1_555 D DG 7 O6 ? ? A DC 3  D DG 16 1_555 ? ? ? ? ? ? WATSON-CRICK ? ? ? 
hydrog3  hydrog ? ? A DC 3  O2 ? ? ? 1_555 D DG 7 N2 ? ? A DC 3  D DG 16 1_555 ? ? ? ? ? ? WATSON-CRICK ? ? ? 
hydrog4  hydrog ? ? A DA 4  N1 ? ? ? 1_555 D DT 6 N3 ? ? A DA 4  D DT 15 1_555 ? ? ? ? ? ? WATSON-CRICK ? ? ? 
hydrog5  hydrog ? ? A DA 4  N6 ? ? ? 1_555 D DT 6 O4 ? ? A DA 4  D DT 15 1_555 ? ? ? ? ? ? WATSON-CRICK ? ? ? 
hydrog6  hydrog ? ? A DA 5  N1 ? ? ? 1_555 D DT 5 N3 ? ? A DA 5  D DT 14 1_555 ? ? ? ? ? ? WATSON-CRICK ? ? ? 
hydrog7  hydrog ? ? A DA 5  N6 ? ? ? 1_555 D DT 5 O4 ? ? A DA 5  D DT 14 1_555 ? ? ? ? ? ? WATSON-CRICK ? ? ? 
hydrog8  hydrog ? ? A DT 6  N3 ? ? ? 1_555 D DA 4 N1 ? ? A DT 6  D DA 13 1_555 ? ? ? ? ? ? WATSON-CRICK ? ? ? 
hydrog9  hydrog ? ? A DT 6  O4 ? ? ? 1_555 D DA 4 N6 ? ? A DT 6  D DA 13 1_555 ? ? ? ? ? ? WATSON-CRICK ? ? ? 
hydrog10 hydrog ? ? A DT 7  N3 ? ? ? 1_555 D DA 3 N1 ? ? A DT 7  D DA 12 1_555 ? ? ? ? ? ? WATSON-CRICK ? ? ? 
hydrog11 hydrog ? ? A DT 7  O4 ? ? ? 1_555 D DA 3 N6 ? ? A DT 7  D DA 12 1_555 ? ? ? ? ? ? WATSON-CRICK ? ? ? 
hydrog12 hydrog ? ? A DG 8  N1 ? ? ? 1_555 D DC 2 N3 ? ? A DG 8  D DC 11 1_555 ? ? ? ? ? ? WATSON-CRICK ? ? ? 
hydrog13 hydrog ? ? A DG 8  N2 ? ? ? 1_555 D DC 2 O2 ? ? A DG 8  D DC 11 1_555 ? ? ? ? ? ? WATSON-CRICK ? ? ? 
hydrog14 hydrog ? ? A DG 8  O6 ? ? ? 1_555 D DC 2 N4 ? ? A DG 8  D DC 11 1_555 ? ? ? ? ? ? WATSON-CRICK ? ? ? 
hydrog15 hydrog ? ? A DC 9  N3 ? ? ? 1_555 D DG 1 N1 ? ? A DC 9  D DG 10 1_555 ? ? ? ? ? ? WATSON-CRICK ? ? ? 
hydrog16 hydrog ? ? A DC 9  N4 ? ? ? 1_555 D DG 1 O6 ? ? A DC 9  D DG 10 1_555 ? ? ? ? ? ? WATSON-CRICK ? ? ? 
hydrog17 hydrog ? ? A DC 9  O2 ? ? ? 1_555 D DG 1 N2 ? ? A DC 9  D DG 10 1_555 ? ? ? ? ? ? WATSON-CRICK ? ? ? 
hydrog18 hydrog ? ? A DT 10 N3 ? ? ? 1_555 B DA 5 N1 ? ? A DT 10 B DA 5  1_555 ? ? ? ? ? ? WATSON-CRICK ? ? ? 
hydrog19 hydrog ? ? A DT 10 O4 ? ? ? 1_555 B DA 5 N6 ? ? A DT 10 B DA 5  1_555 ? ? ? ? ? ? WATSON-CRICK ? ? ? 
hydrog20 hydrog ? ? A DG 11 N1 ? ? ? 1_555 B DC 4 N3 ? ? A DG 11 B DC 4  1_555 ? ? ? ? ? ? WATSON-CRICK ? ? ? 
hydrog21 hydrog ? ? A DG 11 N2 ? ? ? 1_555 B DC 4 O2 ? ? A DG 11 B DC 4  1_555 ? ? ? ? ? ? WATSON-CRICK ? ? ? 
hydrog22 hydrog ? ? A DG 11 O6 ? ? ? 1_555 B DC 4 N4 ? ? A DG 11 B DC 4  1_555 ? ? ? ? ? ? WATSON-CRICK ? ? ? 
hydrog23 hydrog ? ? A DA 12 N1 ? ? ? 1_555 B DT 3 N3 ? ? A DA 12 B DT 3  1_555 ? ? ? ? ? ? WATSON-CRICK ? ? ? 
hydrog24 hydrog ? ? A DA 12 N6 ? ? ? 1_555 B DT 3 O4 ? ? A DA 12 B DT 3  1_555 ? ? ? ? ? ? WATSON-CRICK ? ? ? 
hydrog25 hydrog ? ? A DC 13 N3 ? ? ? 1_555 B DG 2 N1 ? ? A DC 13 B DG 2  1_555 ? ? ? ? ? ? WATSON-CRICK ? ? ? 
hydrog26 hydrog ? ? A DC 13 N4 ? ? ? 1_555 B DG 2 O6 ? ? A DC 13 B DG 2  1_555 ? ? ? ? ? ? WATSON-CRICK ? ? ? 
hydrog27 hydrog ? ? A DC 13 O2 ? ? ? 1_555 B DG 2 N2 ? ? A DC 13 B DG 2  1_555 ? ? ? ? ? ? WATSON-CRICK ? ? ? 
hydrog28 hydrog ? ? A DG 14 N1 ? ? ? 1_555 B DC 1 N3 ? ? A DG 14 B DC 1  1_555 ? ? ? ? ? ? WATSON-CRICK ? ? ? 
hydrog29 hydrog ? ? A DG 14 N2 ? ? ? 1_555 B DC 1 O2 ? ? A DG 14 B DC 1  1_555 ? ? ? ? ? ? WATSON-CRICK ? ? ? 
hydrog30 hydrog ? ? A DG 14 O6 ? ? ? 1_555 B DC 1 N4 ? ? A DG 14 B DC 1  1_555 ? ? ? ? ? ? WATSON-CRICK ? ? ? 
hydrog31 hydrog ? ? A DA 15 N1 ? ? ? 1_555 C DT 9 N3 ? ? A DA 15 C DT 9  1_555 ? ? ? ? ? ? WATSON-CRICK ? ? ? 
hydrog32 hydrog ? ? A DA 15 N6 ? ? ? 1_555 C DT 9 O4 ? ? A DA 15 C DT 9  1_555 ? ? ? ? ? ? WATSON-CRICK ? ? ? 
hydrog33 hydrog ? ? A DC 16 N3 ? ? ? 1_555 C DG 8 N1 ? ? A DC 16 C DG 8  1_555 ? ? ? ? ? ? WATSON-CRICK ? ? ? 
hydrog34 hydrog ? ? A DC 16 N4 ? ? ? 1_555 C DG 8 O6 ? ? A DC 16 C DG 8  1_555 ? ? ? ? ? ? WATSON-CRICK ? ? ? 
hydrog35 hydrog ? ? A DC 16 O2 ? ? ? 1_555 C DG 8 N2 ? ? A DC 16 C DG 8  1_555 ? ? ? ? ? ? WATSON-CRICK ? ? ? 
hydrog36 hydrog ? ? A DA 17 N1 ? ? ? 1_555 C DT 7 N3 ? ? A DA 17 C DT 7  1_555 ? ? ? ? ? ? WATSON-CRICK ? ? ? 
hydrog37 hydrog ? ? A DA 17 N6 ? ? ? 1_555 C DT 7 O4 ? ? A DA 17 C DT 7  1_555 ? ? ? ? ? ? WATSON-CRICK ? ? ? 
hydrog38 hydrog ? ? A DC 18 N3 ? ? ? 1_555 C DG 6 N1 ? ? A DC 18 C DG 6  1_555 ? ? ? ? ? ? WATSON-CRICK ? ? ? 
hydrog39 hydrog ? ? A DC 18 N4 ? ? ? 1_555 C DG 6 O6 ? ? A DC 18 C DG 6  1_555 ? ? ? ? ? ? WATSON-CRICK ? ? ? 
hydrog40 hydrog ? ? A DC 18 O2 ? ? ? 1_555 C DG 6 N2 ? ? A DC 18 C DG 6  1_555 ? ? ? ? ? ? WATSON-CRICK ? ? ? 
hydrog41 hydrog ? ? A DT 19 N3 ? ? ? 1_555 C DA 5 N1 ? ? A DT 19 C DA 5  1_555 ? ? ? ? ? ? WATSON-CRICK ? ? ? 
hydrog42 hydrog ? ? A DT 19 O4 ? ? ? 1_555 C DA 5 N6 ? ? A DT 19 C DA 5  1_555 ? ? ? ? ? ? WATSON-CRICK ? ? ? 
hydrog43 hydrog ? ? A DC 20 N3 ? ? ? 1_555 C DG 4 N1 ? ? A DC 20 C DG 4  1_555 ? ? ? ? ? ? WATSON-CRICK ? ? ? 
hydrog44 hydrog ? ? A DC 20 N4 ? ? ? 1_555 C DG 4 O6 ? ? A DC 20 C DG 4  1_555 ? ? ? ? ? ? WATSON-CRICK ? ? ? 
hydrog45 hydrog ? ? A DC 20 O2 ? ? ? 1_555 C DG 4 N2 ? ? A DC 20 C DG 4  1_555 ? ? ? ? ? ? WATSON-CRICK ? ? ? 
hydrog46 hydrog ? ? A DA 21 N1 ? ? ? 1_555 C DT 3 N3 ? ? A DA 21 C DT 3  1_555 ? ? ? ? ? ? WATSON-CRICK ? ? ? 
hydrog47 hydrog ? ? A DA 21 N6 ? ? ? 1_555 C DT 3 O4 ? ? A DA 21 C DT 3  1_555 ? ? ? ? ? ? WATSON-CRICK ? ? ? 
# 
_struct_conn_type.id          hydrog 
_struct_conn_type.criteria    ? 
_struct_conn_type.reference   ? 
# 
_atom_sites.entry_id                    8TB3 
_atom_sites.Cartn_transf_matrix[1][1]   ? 
_atom_sites.Cartn_transf_matrix[1][2]   ? 
_atom_sites.Cartn_transf_matrix[1][3]   ? 
_atom_sites.Cartn_transf_matrix[2][1]   ? 
_atom_sites.Cartn_transf_matrix[2][2]   ? 
_atom_sites.Cartn_transf_matrix[2][3]   ? 
_atom_sites.Cartn_transf_matrix[3][1]   ? 
_atom_sites.Cartn_transf_matrix[3][2]   ? 
_atom_sites.Cartn_transf_matrix[3][3]   ? 
_atom_sites.Cartn_transf_vector[1]      ? 
_atom_sites.Cartn_transf_vector[2]      ? 
_atom_sites.Cartn_transf_vector[3]      ? 
_atom_sites.fract_transf_matrix[1][1]   -0.01428583 
_atom_sites.fract_transf_matrix[1][2]   0.00791118 
_atom_sites.fract_transf_matrix[1][3]   -0.00404659 
_atom_sites.fract_transf_matrix[2][1]   -0.00265938 
_atom_sites.fract_transf_matrix[2][2]   0.00498031 
_atom_sites.fract_transf_matrix[2][3]   -0.01584838 
_atom_sites.fract_transf_matrix[3][1]   -0.00686109 
_atom_sites.fract_transf_matrix[3][2]   -0.01406082 
_atom_sites.fract_transf_matrix[3][3]   -0.00326727 
_atom_sites.fract_transf_vector[1]      -0.369595 
_atom_sites.fract_transf_vector[2]      0.262112 
_atom_sites.fract_transf_vector[3]      -0.323989 
_atom_sites.solution_primary            ? 
_atom_sites.solution_secondary          ? 
_atom_sites.solution_hydrogens          ? 
_atom_sites.special_details             ? 
# 
loop_
_atom_type.symbol 
C 
N 
O 
P 
# 
loop_
_atom_site.group_PDB 
_atom_site.id 
_atom_site.type_symbol 
_atom_site.label_atom_id 
_atom_site.label_alt_id 
_atom_site.label_comp_id 
_atom_site.label_asym_id 
_atom_site.label_entity_id 
_atom_site.label_seq_id 
_atom_site.pdbx_PDB_ins_code 
_atom_site.Cartn_x 
_atom_site.Cartn_y 
_atom_site.Cartn_z 
_atom_site.occupancy 
_atom_site.B_iso_or_equiv 
_atom_site.pdbx_formal_charge 
_atom_site.auth_seq_id 
_atom_site.auth_comp_id 
_atom_site.auth_asym_id 
_atom_site.auth_atom_id 
_atom_site.pdbx_PDB_model_num 
ATOM   1   O "O5'" . DG  A 1 1  ? 30.343  -6.684  -15.631 1.00 116.20 ? 1   DG  A "O5'" 1 
ATOM   2   C "C5'" . DG  A 1 1  ? 30.597  -7.716  -16.627 1.00 109.59 ? 1   DG  A "C5'" 1 
ATOM   3   C "C4'" . DG  A 1 1  ? 30.592  -9.086  -15.984 1.00 108.43 ? 1   DG  A "C4'" 1 
ATOM   4   O "O4'" . DG  A 1 1  ? 31.401  -9.101  -14.791 1.00 97.33  ? 1   DG  A "O4'" 1 
ATOM   5   C "C3'" . DG  A 1 1  ? 29.222  -9.570  -15.532 1.00 106.18 ? 1   DG  A "C3'" 1 
ATOM   6   O "O3'" . DG  A 1 1  ? 28.706  -10.435 -16.532 1.00 111.07 ? 1   DG  A "O3'" 1 
ATOM   7   C "C2'" . DG  A 1 1  ? 29.481  -10.307 -14.214 1.00 93.11  ? 1   DG  A "C2'" 1 
ATOM   8   C "C1'" . DG  A 1 1  ? 30.974  -10.207 -14.006 1.00 76.72  ? 1   DG  A "C1'" 1 
ATOM   9   N N9    . DG  A 1 1  ? 31.376  -9.940  -12.637 1.00 62.66  ? 1   DG  A N9    1 
ATOM   10  C C8    . DG  A 1 1  ? 31.851  -8.745  -12.149 1.00 64.85  ? 1   DG  A C8    1 
ATOM   11  N N7    . DG  A 1 1  ? 32.194  -8.803  -10.882 1.00 62.08  ? 1   DG  A N7    1 
ATOM   12  C C5    . DG  A 1 1  ? 31.940  -10.125 -10.532 1.00 55.05  ? 1   DG  A C5    1 
ATOM   13  C C6    . DG  A 1 1  ? 32.102  -10.769 -9.283  1.00 61.70  ? 1   DG  A C6    1 
ATOM   14  O O6    . DG  A 1 1  ? 32.515  -10.281 -8.224  1.00 66.88  ? 1   DG  A O6    1 
ATOM   15  N N1    . DG  A 1 1  ? 31.710  -12.102 -9.326  1.00 57.52  ? 1   DG  A N1    1 
ATOM   16  C C2    . DG  A 1 1  ? 31.231  -12.738 -10.440 1.00 68.56  ? 1   DG  A C2    1 
ATOM   17  N N2    . DG  A 1 1  ? 30.890  -14.030 -10.263 1.00 63.62  ? 1   DG  A N2    1 
ATOM   18  N N3    . DG  A 1 1  ? 31.075  -12.132 -11.633 1.00 63.40  ? 1   DG  A N3    1 
ATOM   19  C C4    . DG  A 1 1  ? 31.441  -10.833 -11.597 1.00 51.64  ? 1   DG  A C4    1 
ATOM   20  P P     . DA  A 1 2  ? 27.131  -10.636 -16.293 1.00 110.13 ? 2   DA  A P     1 
ATOM   21  O OP1   . DA  A 1 2  ? 26.606  -11.208 -17.575 1.00 115.14 ? 2   DA  A OP1   1 
ATOM   22  O OP2   . DA  A 1 2  ? 26.497  -9.385  -15.738 1.00 93.09  ? 2   DA  A OP2   1 
ATOM   23  O "O5'" . DA  A 1 2  ? 27.189  -11.793 -15.178 1.00 109.60 ? 2   DA  A "O5'" 1 
ATOM   24  C "C5'" . DA  A 1 2  ? 27.816  -13.047 -15.547 1.00 105.67 ? 2   DA  A "C5'" 1 
ATOM   25  C "C4'" . DA  A 1 2  ? 27.537  -14.062 -14.470 1.00 108.20 ? 2   DA  A "C4'" 1 
ATOM   26  O "O4'" . DA  A 1 2  ? 28.159  -13.636 -13.238 1.00 96.55  ? 2   DA  A "O4'" 1 
ATOM   27  C "C3'" . DA  A 1 2  ? 26.058  -14.270 -14.161 1.00 103.98 ? 2   DA  A "C3'" 1 
ATOM   28  O "O3'" . DA  A 1 2  ? 25.856  -15.651 -13.852 1.00 114.08 ? 2   DA  A "O3'" 1 
ATOM   29  C "C2'" . DA  A 1 2  ? 25.843  -13.356 -12.957 1.00 93.37  ? 2   DA  A "C2'" 1 
ATOM   30  C "C1'" . DA  A 1 2  ? 27.167  -13.472 -12.229 1.00 79.12  ? 2   DA  A "C1'" 1 
ATOM   31  N N9    . DA  A 1 2  ? 27.581  -12.308 -11.459 1.00 66.48  ? 2   DA  A N9    1 
ATOM   32  C C8    . DA  A 1 2  ? 27.710  -11.021 -11.915 1.00 69.12  ? 2   DA  A C8    1 
ATOM   33  N N7    . DA  A 1 2  ? 28.176  -10.191 -11.005 1.00 65.15  ? 2   DA  A N7    1 
ATOM   34  C C5    . DA  A 1 2  ? 28.395  -10.989 -9.890  1.00 51.83  ? 2   DA  A C5    1 
ATOM   35  C C6    . DA  A 1 2  ? 28.867  -10.705 -8.595  1.00 54.33  ? 2   DA  A C6    1 
ATOM   36  N N6    . DA  A 1 2  ? 29.209  -9.488  -8.187  1.00 58.51  ? 2   DA  A N6    1 
ATOM   37  N N1    . DA  A 1 2  ? 28.937  -11.718 -7.702  1.00 49.94  ? 2   DA  A N1    1 
ATOM   38  C C2    . DA  A 1 2  ? 28.564  -12.937 -8.105  1.00 57.51  ? 2   DA  A C2    1 
ATOM   39  N N3    . DA  A 1 2  ? 28.097  -13.319 -9.293  1.00 61.72  ? 2   DA  A N3    1 
ATOM   40  C C4    . DA  A 1 2  ? 28.026  -12.290 -10.154 1.00 54.59  ? 2   DA  A C4    1 
ATOM   41  P P     . DC  A 1 3  ? 24.329  -16.153 -13.761 1.00 113.78 ? 3   DC  A P     1 
ATOM   42  O OP1   . DC  A 1 3  ? 24.278  -17.506 -14.414 1.00 116.99 ? 3   DC  A OP1   1 
ATOM   43  O OP2   . DC  A 1 3  ? 23.387  -15.086 -14.259 1.00 101.25 ? 3   DC  A OP2   1 
ATOM   44  O "O5'" . DC  A 1 3  ? 24.166  -16.302 -12.167 1.00 98.59  ? 3   DC  A "O5'" 1 
ATOM   45  C "C5'" . DC  A 1 3  ? 25.300  -16.772 -11.402 1.00 96.43  ? 3   DC  A "C5'" 1 
ATOM   46  C "C4'" . DC  A 1 3  ? 25.046  -16.537 -9.934  1.00 106.55 ? 3   DC  A "C4'" 1 
ATOM   47  O "O4'" . DC  A 1 3  ? 25.581  -15.257 -9.513  1.00 106.91 ? 3   DC  A "O4'" 1 
ATOM   48  C "C3'" . DC  A 1 3  ? 23.574  -16.523 -9.519  1.00 105.10 ? 3   DC  A "C3'" 1 
ATOM   49  O "O3'" . DC  A 1 3  ? 23.430  -17.305 -8.335  1.00 111.97 ? 3   DC  A "O3'" 1 
ATOM   50  C "C2'" . DC  A 1 3  ? 23.325  -15.057 -9.197  1.00 102.52 ? 3   DC  A "C2'" 1 
ATOM   51  C "C1'" . DC  A 1 3  ? 24.668  -14.678 -8.601  1.00 90.50  ? 3   DC  A "C1'" 1 
ATOM   52  N N1    . DC  A 1 3  ? 24.971  -13.227 -8.493  1.00 78.73  ? 3   DC  A N1    1 
ATOM   53  C C2    . DC  A 1 3  ? 25.391  -12.692 -7.260  1.00 75.11  ? 3   DC  A C2    1 
ATOM   54  O O2    . DC  A 1 3  ? 25.460  -13.440 -6.271  1.00 75.71  ? 3   DC  A O2    1 
ATOM   55  N N3    . DC  A 1 3  ? 25.704  -11.372 -7.181  1.00 68.34  ? 3   DC  A N3    1 
ATOM   56  C C4    . DC  A 1 3  ? 25.620  -10.593 -8.281  1.00 81.80  ? 3   DC  A C4    1 
ATOM   57  N N4    . DC  A 1 3  ? 25.925  -9.305  -8.169  1.00 85.81  ? 3   DC  A N4    1 
ATOM   58  C C5    . DC  A 1 3  ? 25.192  -11.117 -9.536  1.00 68.58  ? 3   DC  A C5    1 
ATOM   59  C C6    . DC  A 1 3  ? 24.892  -12.427 -9.597  1.00 71.54  ? 3   DC  A C6    1 
ATOM   60  P P     . DA  A 1 4  ? 21.943  -17.883 -8.149  1.00 114.27 ? 4   DA  A P     1 
ATOM   61  O OP1   . DA  A 1 4  ? 22.036  -19.384 -8.217  1.00 100.06 ? 4   DA  A OP1   1 
ATOM   62  O OP2   . DA  A 1 4  ? 21.014  -17.122 -9.061  1.00 104.72 ? 4   DA  A OP2   1 
ATOM   63  O "O5'" . DA  A 1 4  ? 21.707  -17.480 -6.615  1.00 87.44  ? 4   DA  A "O5'" 1 
ATOM   64  C "C5'" . DA  A 1 4  ? 22.459  -18.245 -5.652  1.00 92.53  ? 4   DA  A "C5'" 1 
ATOM   65  C "C4'" . DA  A 1 4  ? 22.357  -17.590 -4.302  1.00 95.70  ? 4   DA  A "C4'" 1 
ATOM   66  O "O4'" . DA  A 1 4  ? 22.742  -16.203 -4.405  1.00 103.09 ? 4   DA  A "O4'" 1 
ATOM   67  C "C3'" . DA  A 1 4  ? 20.959  -17.590 -3.710  1.00 101.47 ? 4   DA  A "C3'" 1 
ATOM   68  O "O3'" . DA  A 1 4  ? 21.160  -17.686 -2.311  1.00 96.26  ? 4   DA  A "O3'" 1 
ATOM   69  C "C2'" . DA  A 1 4  ? 20.414  -16.246 -4.200  1.00 108.24 ? 4   DA  A "C2'" 1 
ATOM   70  C "C1'" . DA  A 1 4  ? 21.642  -15.362 -4.068  1.00 101.05 ? 4   DA  A "C1'" 1 
ATOM   71  N N9    . DA  A 1 4  ? 21.701  -14.190 -4.949  1.00 94.67  ? 4   DA  A N9    1 
ATOM   72  C C8    . DA  A 1 4  ? 21.362  -14.087 -6.277  1.00 90.32  ? 4   DA  A C8    1 
ATOM   73  N N7    . DA  A 1 4  ? 21.564  -12.889 -6.776  1.00 83.99  ? 4   DA  A N7    1 
ATOM   74  C C5    . DA  A 1 4  ? 22.090  -12.160 -5.723  1.00 75.94  ? 4   DA  A C5    1 
ATOM   75  C C6    . DA  A 1 4  ? 22.508  -10.822 -5.621  1.00 80.44  ? 4   DA  A C6    1 
ATOM   76  N N6    . DA  A 1 4  ? 22.460  -9.962  -6.632  1.00 79.47  ? 4   DA  A N6    1 
ATOM   77  N N1    . DA  A 1 4  ? 22.958  -10.394 -4.415  1.00 81.10  ? 4   DA  A N1    1 
ATOM   78  C C2    . DA  A 1 4  ? 22.993  -11.272 -3.399  1.00 87.06  ? 4   DA  A C2    1 
ATOM   79  N N3    . DA  A 1 4  ? 22.636  -12.557 -3.381  1.00 86.12  ? 4   DA  A N3    1 
ATOM   80  C C4    . DA  A 1 4  ? 22.183  -12.947 -4.588  1.00 84.38  ? 4   DA  A C4    1 
ATOM   81  P P     . DA  A 1 5  ? 19.800  -17.465 -1.490  1.00 110.58 ? 5   DA  A P     1 
ATOM   82  O OP1   . DA  A 1 5  ? 19.928  -18.222 -0.192  1.00 113.16 ? 5   DA  A OP1   1 
ATOM   83  O OP2   . DA  A 1 5  ? 18.616  -17.656 -2.404  1.00 107.21 ? 5   DA  A OP2   1 
ATOM   84  O "O5'" . DA  A 1 5  ? 19.959  -15.906 -1.158  1.00 93.06  ? 5   DA  A "O5'" 1 
ATOM   85  C "C5'" . DA  A 1 5  ? 21.114  -15.562 -0.382  1.00 88.59  ? 5   DA  A "C5'" 1 
ATOM   86  C "C4'" . DA  A 1 5  ? 20.854  -14.280 0.355   1.00 87.81  ? 5   DA  A "C4'" 1 
ATOM   87  O "O4'" . DA  A 1 5  ? 20.914  -13.187 -0.581  1.00 88.46  ? 5   DA  A "O4'" 1 
ATOM   88  C "C3'" . DA  A 1 5  ? 19.513  -14.196 1.072   1.00 84.47  ? 5   DA  A "C3'" 1 
ATOM   89  O "O3'" . DA  A 1 5  ? 19.876  -13.710 2.356   1.00 86.99  ? 5   DA  A "O3'" 1 
ATOM   90  C "C2'" . DA  A 1 5  ? 18.681  -13.250 0.199   1.00 80.56  ? 5   DA  A "C2'" 1 
ATOM   91  C "C1'" . DA  A 1 5  ? 19.718  -12.417 -0.534  1.00 73.85  ? 5   DA  A "C1'" 1 
ATOM   92  N N9    . DA  A 1 5  ? 19.429  -12.118 -1.933  1.00 63.96  ? 5   DA  A N9    1 
ATOM   93  C C8    . DA  A 1 5  ? 19.060  -12.954 -2.961  1.00 64.88  ? 5   DA  A C8    1 
ATOM   94  N N7    . DA  A 1 5  ? 18.936  -12.342 -4.123  1.00 57.83  ? 5   DA  A N7    1 
ATOM   95  C C5    . DA  A 1 5  ? 19.310  -11.038 -3.848  1.00 51.76  ? 5   DA  A C5    1 
ATOM   96  C C6    . DA  A 1 5  ? 19.414  -9.903  -4.667  1.00 60.55  ? 5   DA  A C6    1 
ATOM   97  N N6    . DA  A 1 5  ? 19.129  -9.902  -5.963  1.00 67.81  ? 5   DA  A N6    1 
ATOM   98  N N1    . DA  A 1 5  ? 19.828  -8.750  -4.093  1.00 67.58  ? 5   DA  A N1    1 
ATOM   99  C C2    . DA  A 1 5  ? 20.100  -8.758  -2.776  1.00 76.57  ? 5   DA  A C2    1 
ATOM   100 N N3    . DA  A 1 5  ? 20.043  -9.767  -1.902  1.00 64.60  ? 5   DA  A N3    1 
ATOM   101 C C4    . DA  A 1 5  ? 19.637  -10.891 -2.513  1.00 56.75  ? 5   DA  A C4    1 
ATOM   102 P P     . DT  A 1 6  ? 18.737  -12.967 3.204   1.00 98.54  ? 6   DT  A P     1 
ATOM   103 O OP1   . DT  A 1 6  ? 19.202  -12.888 4.636   1.00 90.12  ? 6   DT  A OP1   1 
ATOM   104 O OP2   . DT  A 1 6  ? 17.422  -13.633 2.903   1.00 97.02  ? 6   DT  A OP2   1 
ATOM   105 O "O5'" . DT  A 1 6  ? 18.731  -11.512 2.531   1.00 79.12  ? 6   DT  A "O5'" 1 
ATOM   106 C "C5'" . DT  A 1 6  ? 18.519  -10.396 3.404   1.00 77.38  ? 6   DT  A "C5'" 1 
ATOM   107 C "C4'" . DT  A 1 6  ? 18.458  -9.156  2.559   1.00 88.50  ? 6   DT  A "C4'" 1 
ATOM   108 O "O4'" . DT  A 1 6  ? 18.272  -9.478  1.168   1.00 87.33  ? 6   DT  A "O4'" 1 
ATOM   109 C "C3'" . DT  A 1 6  ? 17.299  -8.234  2.896   1.00 97.02  ? 6   DT  A "C3'" 1 
ATOM   110 O "O3'" . DT  A 1 6  ? 17.857  -7.302  3.805   1.00 105.29 ? 6   DT  A "O3'" 1 
ATOM   111 C "C2'" . DT  A 1 6  ? 16.852  -7.644  1.556   1.00 87.96  ? 6   DT  A "C2'" 1 
ATOM   112 C "C1'" . DT  A 1 6  ? 17.781  -8.298  0.544   1.00 79.79  ? 6   DT  A "C1'" 1 
ATOM   113 N N1    . DT  A 1 6  ? 17.185  -8.724  -0.736  1.00 70.86  ? 6   DT  A N1    1 
ATOM   114 C C2    . DT  A 1 6  ? 17.013  -7.803  -1.756  1.00 68.53  ? 6   DT  A C2    1 
ATOM   115 O O2    . DT  A 1 6  ? 17.214  -6.606  -1.626  1.00 69.71  ? 6   DT  A O2    1 
ATOM   116 N N3    . DT  A 1 6  ? 16.553  -8.319  -2.942  1.00 64.27  ? 6   DT  A N3    1 
ATOM   117 C C4    . DT  A 1 6  ? 16.246  -9.636  -3.200  1.00 71.69  ? 6   DT  A C4    1 
ATOM   118 O O4    . DT  A 1 6  ? 15.808  -9.970  -4.298  1.00 76.27  ? 6   DT  A O4    1 
ATOM   119 C C5    . DT  A 1 6  ? 16.464  -10.544 -2.103  1.00 76.80  ? 6   DT  A C5    1 
ATOM   120 C C7    . DT  A 1 6  ? 16.159  -11.991 -2.326  1.00 89.12  ? 6   DT  A C7    1 
ATOM   121 C C6    . DT  A 1 6  ? 16.938  -10.063 -0.944  1.00 70.79  ? 6   DT  A C6    1 
ATOM   122 P P     . DT  A 1 7  ? 16.680  -6.725  4.725   1.00 120.46 ? 7   DT  A P     1 
ATOM   123 O OP1   . DT  A 1 7  ? 17.314  -5.980  5.867   1.00 124.74 ? 7   DT  A OP1   1 
ATOM   124 O OP2   . DT  A 1 7  ? 15.673  -7.826  4.973   1.00 106.50 ? 7   DT  A OP2   1 
ATOM   125 O "O5'" . DT  A 1 7  ? 16.163  -5.593  3.717   1.00 90.84  ? 7   DT  A "O5'" 1 
ATOM   126 C "C5'" . DT  A 1 7  ? 17.122  -4.576  3.411   1.00 87.37  ? 7   DT  A "C5'" 1 
ATOM   127 C "C4'" . DT  A 1 7  ? 16.556  -3.691  2.341   1.00 94.07  ? 7   DT  A "C4'" 1 
ATOM   128 O "O4'" . DT  A 1 7  ? 16.331  -4.461  1.138   1.00 97.34  ? 7   DT  A "O4'" 1 
ATOM   129 C "C3'" . DT  A 1 7  ? 15.210  -3.073  2.696   1.00 94.65  ? 7   DT  A "C3'" 1 
ATOM   130 O "O3'" . DT  A 1 7  ? 15.088  -1.778  2.111   1.00 96.65  ? 7   DT  A "O3'" 1 
ATOM   131 C "C2'" . DT  A 1 7  ? 14.256  -4.007  1.979   1.00 95.66  ? 7   DT  A "C2'" 1 
ATOM   132 C "C1'" . DT  A 1 7  ? 15.032  -4.114  0.690   1.00 90.69  ? 7   DT  A "C1'" 1 
ATOM   133 N N1    . DT  A 1 7  ? 14.558  -5.108  -0.280  1.00 87.19  ? 7   DT  A N1    1 
ATOM   134 C C2    . DT  A 1 7  ? 14.428  -4.682  -1.588  1.00 86.39  ? 7   DT  A C2    1 
ATOM   135 O O2    . DT  A 1 7  ? 14.706  -3.543  -1.940  1.00 94.57  ? 7   DT  A O2    1 
ATOM   136 N N3    . DT  A 1 7  ? 13.960  -5.621  -2.466  1.00 68.70  ? 7   DT  A N3    1 
ATOM   137 C C4    . DT  A 1 7  ? 13.622  -6.921  -2.160  1.00 71.25  ? 7   DT  A C4    1 
ATOM   138 O O4    . DT  A 1 7  ? 13.245  -7.664  -3.060  1.00 65.94  ? 7   DT  A O4    1 
ATOM   139 C C5    . DT  A 1 7  ? 13.761  -7.299  -0.767  1.00 70.10  ? 7   DT  A C5    1 
ATOM   140 C C7    . DT  A 1 7  ? 13.403  -8.698  -0.371  1.00 74.29  ? 7   DT  A C7    1 
ATOM   141 C C6    . DT  A 1 7  ? 14.226  -6.392  0.103   1.00 73.37  ? 7   DT  A C6    1 
ATOM   142 P P     . DG  A 1 8  ? 14.222  -0.820  3.070   1.00 103.39 ? 8   DG  A P     1 
ATOM   143 O OP1   . DG  A 1 8  ? 15.169  -0.121  4.011   1.00 104.96 ? 8   DG  A OP1   1 
ATOM   144 O OP2   . DG  A 1 8  ? 13.073  -1.621  3.633   1.00 105.89 ? 8   DG  A OP2   1 
ATOM   145 O "O5'" . DG  A 1 8  ? 13.620  0.258   2.045   1.00 83.46  ? 8   DG  A "O5'" 1 
ATOM   146 C "C5'" . DG  A 1 8  ? 14.414  0.641   0.913   1.00 86.02  ? 8   DG  A "C5'" 1 
ATOM   147 C "C4'" . DG  A 1 8  ? 13.570  0.394   -0.301  1.00 96.19  ? 8   DG  A "C4'" 1 
ATOM   148 O "O4'" . DG  A 1 8  ? 13.359  -1.026  -0.475  1.00 108.20 ? 8   DG  A "O4'" 1 
ATOM   149 C "C3'" . DG  A 1 8  ? 12.178  1.019   -0.200  1.00 102.92 ? 8   DG  A "C3'" 1 
ATOM   150 O "O3'" . DG  A 1 8  ? 12.005  1.871   -1.324  1.00 104.49 ? 8   DG  A "O3'" 1 
ATOM   151 C "C2'" . DG  A 1 8  ? 11.242  -0.191  -0.245  1.00 112.84 ? 8   DG  A "C2'" 1 
ATOM   152 C "C1'" . DG  A 1 8  ? 12.069  -1.158  -1.070  1.00 110.28 ? 8   DG  A "C1'" 1 
ATOM   153 N N9    . DG  A 1 8  ? 11.637  -2.567  -1.097  1.00 95.65  ? 8   DG  A N9    1 
ATOM   154 C C8    . DG  A 1 8  ? 11.549  -3.510  -0.099  1.00 98.35  ? 8   DG  A C8    1 
ATOM   155 N N7    . DG  A 1 8  ? 11.136  -4.687  -0.512  1.00 85.43  ? 8   DG  A N7    1 
ATOM   156 C C5    . DG  A 1 8  ? 10.934  -4.501  -1.869  1.00 78.13  ? 8   DG  A C5    1 
ATOM   157 C C6    . DG  A 1 8  ? 10.484  -5.419  -2.842  1.00 89.51  ? 8   DG  A C6    1 
ATOM   158 O O6    . DG  A 1 8  ? 10.151  -6.603  -2.674  1.00 107.51 ? 8   DG  A O6    1 
ATOM   159 N N1    . DG  A 1 8  ? 10.420  -4.830  -4.105  1.00 78.07  ? 8   DG  A N1    1 
ATOM   160 C C2    . DG  A 1 8  ? 10.724  -3.520  -4.381  1.00 75.74  ? 8   DG  A C2    1 
ATOM   161 N N2    . DG  A 1 8  ? 10.588  -3.127  -5.654  1.00 71.16  ? 8   DG  A N2    1 
ATOM   162 N N3    . DG  A 1 8  ? 11.147  -2.653  -3.467  1.00 71.10  ? 8   DG  A N3    1 
ATOM   163 C C4    . DG  A 1 8  ? 11.228  -3.210  -2.240  1.00 74.55  ? 8   DG  A C4    1 
ATOM   164 P P     . DC  A 1 9  ? 10.740  2.845   -1.137  1.00 113.62 ? 9   DC  A P     1 
ATOM   165 O OP1   . DC  A 1 9  ? 11.228  4.266   -1.140  1.00 118.67 ? 9   DC  A OP1   1 
ATOM   166 O OP2   . DC  A 1 9  ? 9.895   2.362   0.011   1.00 114.03 ? 9   DC  A OP2   1 
ATOM   167 O "O5'" . DC  A 1 9  ? 9.988   2.602   -2.534  1.00 89.44  ? 9   DC  A "O5'" 1 
ATOM   168 C "C5'" . DC  A 1 9  ? 10.829  2.671   -3.702  1.00 95.20  ? 9   DC  A "C5'" 1 
ATOM   169 C "C4'" . DC  A 1 9  ? 9.981   2.602   -4.939  1.00 92.03  ? 9   DC  A "C4'" 1 
ATOM   170 O "O4'" . DC  A 1 9  ? 9.690   1.220   -5.239  1.00 104.77 ? 9   DC  A "O4'" 1 
ATOM   171 C "C3'" . DC  A 1 9  ? 8.631   3.286   -4.841  1.00 86.47  ? 9   DC  A "C3'" 1 
ATOM   172 O "O3'" . DC  A 1 9  ? 8.319   3.624   -6.185  1.00 95.06  ? 9   DC  A "O3'" 1 
ATOM   173 C "C2'" . DC  A 1 9  ? 7.789   2.169   -4.251  1.00 92.97  ? 9   DC  A "C2'" 1 
ATOM   174 C "C1'" . DC  A 1 9  ? 8.327   0.945   -4.988  1.00 99.13  ? 9   DC  A "C1'" 1 
ATOM   175 N N1    . DC  A 1 9  ? 8.214   -0.342  -4.233  1.00 92.28  ? 9   DC  A N1    1 
ATOM   176 C C2    . DC  A 1 9  ? 7.594   -1.443  -4.834  1.00 79.60  ? 9   DC  A C2    1 
ATOM   177 O O2    . DC  A 1 9  ? 7.187   -1.338  -5.999  1.00 84.36  ? 9   DC  A O2    1 
ATOM   178 N N3    . DC  A 1 9  ? 7.445   -2.587  -4.126  1.00 70.02  ? 9   DC  A N3    1 
ATOM   179 C C4    . DC  A 1 9  ? 7.889   -2.663  -2.871  1.00 73.59  ? 9   DC  A C4    1 
ATOM   180 N N4    . DC  A 1 9  ? 7.735   -3.804  -2.231  1.00 79.60  ? 9   DC  A N4    1 
ATOM   181 C C5    . DC  A 1 9  ? 8.521   -1.567  -2.239  1.00 79.38  ? 9   DC  A C5    1 
ATOM   182 C C6    . DC  A 1 9  ? 8.665   -0.439  -2.948  1.00 88.10  ? 9   DC  A C6    1 
ATOM   183 P P     . DT  A 1 10 ? 6.784   4.050   -6.382  1.00 118.25 ? 10  DT  A P     1 
ATOM   184 O OP1   . DT  A 1 10 ? 6.626   4.992   -7.542  1.00 127.26 ? 10  DT  A OP1   1 
ATOM   185 O OP2   . DT  A 1 10 ? 6.187   4.418   -5.048  1.00 112.82 ? 10  DT  A OP2   1 
ATOM   186 O "O5'" . DT  A 1 10 ? 6.240   2.623   -6.871  1.00 112.14 ? 10  DT  A "O5'" 1 
ATOM   187 C "C5'" . DT  A 1 10 ? 6.726   2.111   -8.127  1.00 112.18 ? 10  DT  A "C5'" 1 
ATOM   188 C "C4'" . DT  A 1 10 ? 5.568   1.488   -8.864  1.00 111.28 ? 10  DT  A "C4'" 1 
ATOM   189 O "O4'" . DT  A 1 10 ? 5.322   0.170   -8.329  1.00 101.60 ? 10  DT  A "O4'" 1 
ATOM   190 C "C3'" . DT  A 1 10 ? 4.258   2.257   -8.761  1.00 104.56 ? 10  DT  A "C3'" 1 
ATOM   191 O "O3'" . DT  A 1 10 ? 3.514   2.213   -9.972  1.00 108.36 ? 10  DT  A "O3'" 1 
ATOM   192 C "C2'" . DT  A 1 10 ? 3.488   1.501   -7.692  1.00 99.70  ? 10  DT  A "C2'" 1 
ATOM   193 C "C1'" . DT  A 1 10 ? 3.995   0.076   -7.846  1.00 87.85  ? 10  DT  A "C1'" 1 
ATOM   194 N N1    . DT  A 1 10 ? 4.046   -0.693  -6.589  1.00 76.61  ? 10  DT  A N1    1 
ATOM   195 C C2    . DT  A 1 10 ? 3.592   -1.996  -6.599  1.00 80.23  ? 10  DT  A C2    1 
ATOM   196 O O2    . DT  A 1 10 ? 3.155   -2.556  -7.600  1.00 87.23  ? 10  DT  A O2    1 
ATOM   197 N N3    . DT  A 1 10 ? 3.667   -2.633  -5.389  1.00 73.23  ? 10  DT  A N3    1 
ATOM   198 C C4    . DT  A 1 10 ? 4.122   -2.106  -4.202  1.00 69.64  ? 10  DT  A C4    1 
ATOM   199 O O4    . DT  A 1 10 ? 4.124   -2.772  -3.183  1.00 77.61  ? 10  DT  A O4    1 
ATOM   200 C C5    . DT  A 1 10 ? 4.568   -0.751  -4.264  1.00 69.79  ? 10  DT  A C5    1 
ATOM   201 C C7    . DT  A 1 10 ? 5.086   -0.152  -2.996  1.00 78.01  ? 10  DT  A C7    1 
ATOM   202 C C6    . DT  A 1 10 ? 4.523   -0.115  -5.438  1.00 69.81  ? 10  DT  A C6    1 
ATOM   203 P P     . DG  A 1 11 ? 2.554   3.503   -9.914  1.00 129.28 ? 11  DG  A P     1 
ATOM   204 O OP1   . DG  A 1 11 ? 2.781   4.360   -11.131 1.00 131.10 ? 11  DG  A OP1   1 
ATOM   205 O OP2   . DG  A 1 11 ? 2.485   4.049   -8.507  1.00 101.54 ? 11  DG  A OP2   1 
ATOM   206 O "O5'" . DG  A 1 11 ? 1.121   2.854   -10.191 1.00 110.58 ? 11  DG  A "O5'" 1 
ATOM   207 C "C5'" . DG  A 1 11 ? 0.982   1.966   -11.301 1.00 97.66  ? 11  DG  A "C5'" 1 
ATOM   208 C "C4'" . DG  A 1 11 ? -0.119  1.028   -10.916 1.00 98.69  ? 11  DG  A "C4'" 1 
ATOM   209 O "O4'" . DG  A 1 11 ? 0.266   0.331   -9.712  1.00 97.15  ? 11  DG  A "O4'" 1 
ATOM   210 C "C3'" . DG  A 1 11 ? -1.428  1.742   -10.606 1.00 99.88  ? 11  DG  A "C3'" 1 
ATOM   211 O "O3'" . DG  A 1 11 ? -2.431  0.968   -11.247 1.00 111.38 ? 11  DG  A "O3'" 1 
ATOM   212 C "C2'" . DG  A 1 11 ? -1.495  1.708   -9.078  1.00 97.28  ? 11  DG  A "C2'" 1 
ATOM   213 C "C1'" . DG  A 1 11 ? -0.799  0.393   -8.764  1.00 92.83  ? 11  DG  A "C1'" 1 
ATOM   214 N N9    . DG  A 1 11 ? -0.222  0.257   -7.419  1.00 86.79  ? 11  DG  A N9    1 
ATOM   215 C C8    . DG  A 1 11 ? 0.406   1.230   -6.677  1.00 88.60  ? 11  DG  A C8    1 
ATOM   216 N N7    . DG  A 1 11 ? 0.855   0.803   -5.518  1.00 77.38  ? 11  DG  A N7    1 
ATOM   217 C C5    . DG  A 1 11 ? 0.507   -0.536  -5.496  1.00 68.26  ? 11  DG  A C5    1 
ATOM   218 C C6    . DG  A 1 11 ? 0.724   -1.498  -4.486  1.00 72.48  ? 11  DG  A C6    1 
ATOM   219 O O6    . DG  A 1 11 ? 1.279   -1.353  -3.393  1.00 82.92  ? 11  DG  A O6    1 
ATOM   220 N N1    . DG  A 1 11 ? 0.200   -2.731  -4.841  1.00 68.20  ? 11  DG  A N1    1 
ATOM   221 C C2    . DG  A 1 11 ? -0.428  -3.005  -6.029  1.00 80.42  ? 11  DG  A C2    1 
ATOM   222 N N2    . DG  A 1 11 ? -0.823  -4.275  -6.194  1.00 83.01  ? 11  DG  A N2    1 
ATOM   223 N N3    . DG  A 1 11 ? -0.651  -2.099  -6.986  1.00 74.64  ? 11  DG  A N3    1 
ATOM   224 C C4    . DG  A 1 11 ? -0.159  -0.885  -6.651  1.00 72.12  ? 11  DG  A C4    1 
ATOM   225 P P     . DA  A 1 12 ? -3.876  1.660   -11.195 1.00 114.22 ? 12  DA  A P     1 
ATOM   226 O OP1   . DA  A 1 12 ? -4.363  1.809   -12.610 1.00 121.82 ? 12  DA  A OP1   1 
ATOM   227 O OP2   . DA  A 1 12 ? -3.781  2.845   -10.268 1.00 104.50 ? 12  DA  A OP2   1 
ATOM   228 O "O5'" . DA  A 1 12 ? -4.748  0.516   -10.481 1.00 103.83 ? 12  DA  A "O5'" 1 
ATOM   229 C "C5'" . DA  A 1 12 ? -4.615  -0.852  -10.935 1.00 105.86 ? 12  DA  A "C5'" 1 
ATOM   230 C "C4'" . DA  A 1 12 ? -5.069  -1.777  -9.835  1.00 108.17 ? 12  DA  A "C4'" 1 
ATOM   231 O "O4'" . DA  A 1 12 ? -4.160  -1.696  -8.711  1.00 108.55 ? 12  DA  A "O4'" 1 
ATOM   232 C "C3'" . DA  A 1 12 ? -6.455  -1.458  -9.286  1.00 105.21 ? 12  DA  A "C3'" 1 
ATOM   233 O "O3'" . DA  A 1 12 ? -7.168  -2.670  -9.111  1.00 107.42 ? 12  DA  A "O3'" 1 
ATOM   234 C "C2'" . DA  A 1 12 ? -6.152  -0.804  -7.942  1.00 101.76 ? 12  DA  A "C2'" 1 
ATOM   235 C "C1'" . DA  A 1 12 ? -4.919  -1.569  -7.512  1.00 90.68  ? 12  DA  A "C1'" 1 
ATOM   236 N N9    . DA  A 1 12 ? -4.079  -0.916  -6.509  1.00 81.74  ? 12  DA  A N9    1 
ATOM   237 C C8    . DA  A 1 12 ? -3.501  0.328   -6.567  1.00 84.92  ? 12  DA  A C8    1 
ATOM   238 N N7    . DA  A 1 12 ? -2.771  0.617   -5.513  1.00 78.68  ? 12  DA  A N7    1 
ATOM   239 C C5    . DA  A 1 12 ? -2.860  -0.513  -4.717  1.00 68.06  ? 12  DA  A C5    1 
ATOM   240 C C6    . DA  A 1 12 ? -2.323  -0.825  -3.456  1.00 67.03  ? 12  DA  A C6    1 
ATOM   241 N N6    . DA  A 1 12 ? -1.532  -0.011  -2.778  1.00 74.25  ? 12  DA  A N6    1 
ATOM   242 N N1    . DA  A 1 12 ? -2.606  -2.031  -2.921  1.00 62.68  ? 12  DA  A N1    1 
ATOM   243 C C2    . DA  A 1 12 ? -3.397  -2.851  -3.622  1.00 72.02  ? 12  DA  A C2    1 
ATOM   244 N N3    . DA  A 1 12 ? -3.969  -2.663  -4.813  1.00 69.88  ? 12  DA  A N3    1 
ATOM   245 C C4    . DA  A 1 12 ? -3.656  -1.464  -5.319  1.00 69.44  ? 12  DA  A C4    1 
ATOM   246 P P     . DC  A 1 13 ? -8.752  -2.443  -9.246  1.00 114.21 ? 13  DC  A P     1 
ATOM   247 O OP1   . DC  A 1 13 ? -9.362  -3.781  -9.558  1.00 115.45 ? 13  DC  A OP1   1 
ATOM   248 O OP2   . DC  A 1 13 ? -9.075  -1.233  -10.085 1.00 113.19 ? 13  DC  A OP2   1 
ATOM   249 O "O5'" . DC  A 1 13 ? -9.156  -2.055  -7.747  1.00 105.35 ? 13  DC  A "O5'" 1 
ATOM   250 C "C5'" . DC  A 1 13 ? -9.908  -3.013  -6.985  1.00 101.49 ? 13  DC  A "C5'" 1 
ATOM   251 C "C4'" . DC  A 1 13 ? -9.096  -3.377  -5.775  1.00 96.64  ? 13  DC  A "C4'" 1 
ATOM   252 O "O4'" . DC  A 1 13 ? -7.965  -2.494  -5.628  1.00 88.21  ? 13  DC  A "O4'" 1 
ATOM   253 C "C3'" . DC  A 1 13 ? -9.830  -3.204  -4.462  1.00 96.61  ? 13  DC  A "C3'" 1 
ATOM   254 O "O3'" . DC  A 1 13 ? -10.605 -4.338  -4.140  1.00 98.53  ? 13  DC  A "O3'" 1 
ATOM   255 C "C2'" . DC  A 1 13 ? -8.698  -3.060  -3.457  1.00 90.39  ? 13  DC  A "C2'" 1 
ATOM   256 C "C1'" . DC  A 1 13 ? -7.494  -2.680  -4.305  1.00 86.64  ? 13  DC  A "C1'" 1 
ATOM   257 N N1    . DC  A 1 13 ? -6.761  -1.481  -3.829  1.00 65.85  ? 13  DC  A N1    1 
ATOM   258 C C2    . DC  A 1 13 ? -6.246  -1.475  -2.528  1.00 64.55  ? 13  DC  A C2    1 
ATOM   259 O O2    . DC  A 1 13 ? -6.452  -2.440  -1.779  1.00 68.13  ? 13  DC  A O2    1 
ATOM   260 N N3    . DC  A 1 13 ? -5.542  -0.413  -2.104  1.00 62.06  ? 13  DC  A N3    1 
ATOM   261 C C4    . DC  A 1 13 ? -5.301  0.602   -2.926  1.00 65.22  ? 13  DC  A C4    1 
ATOM   262 N N4    . DC  A 1 13 ? -4.569  1.594   -2.460  1.00 69.09  ? 13  DC  A N4    1 
ATOM   263 C C5    . DC  A 1 13 ? -5.796  0.616   -4.249  1.00 67.94  ? 13  DC  A C5    1 
ATOM   264 C C6    . DC  A 1 13 ? -6.507  -0.444  -4.655  1.00 69.01  ? 13  DC  A C6    1 
ATOM   265 P P     . DG  A 1 14 ? -11.738 -3.740  -3.171  1.00 111.43 ? 14  DG  A P     1 
ATOM   266 O OP1   . DG  A 1 14 ? -12.991 -3.660  -3.997  1.00 115.24 ? 14  DG  A OP1   1 
ATOM   267 O OP2   . DG  A 1 14 ? -11.364 -2.450  -2.496  1.00 114.18 ? 14  DG  A OP2   1 
ATOM   268 O "O5'" . DG  A 1 14 ? -11.717 -4.823  -1.982  1.00 112.25 ? 14  DG  A "O5'" 1 
ATOM   269 C "C5'" . DG  A 1 14 ? -10.450 -5.350  -1.497  1.00 98.86  ? 14  DG  A "C5'" 1 
ATOM   270 C "C4'" . DG  A 1 14 ? -10.063 -4.678  -0.199  1.00 101.07 ? 14  DG  A "C4'" 1 
ATOM   271 O "O4'" . DG  A 1 14 ? -9.303  -3.481  -0.468  1.00 101.72 ? 14  DG  A "O4'" 1 
ATOM   272 C "C3'" . DG  A 1 14 ? -11.204 -4.233  0.725   1.00 99.16  ? 14  DG  A "C3'" 1 
ATOM   273 O "O3'" . DG  A 1 14 ? -10.918 -4.792  2.009   1.00 98.21  ? 14  DG  A "O3'" 1 
ATOM   274 C "C2'" . DG  A 1 14 ? -11.092 -2.705  0.725   1.00 97.99  ? 14  DG  A "C2'" 1 
ATOM   275 C "C1'" . DG  A 1 14 ? -9.593  -2.546  0.574   1.00 91.00  ? 14  DG  A "C1'" 1 
ATOM   276 N N9    . DG  A 1 14 ? -9.058  -1.231  0.188   1.00 81.74  ? 14  DG  A N9    1 
ATOM   277 C C8    . DG  A 1 14 ? -9.229  -0.632  -1.040  1.00 89.02  ? 14  DG  A C8    1 
ATOM   278 N N7    . DG  A 1 14 ? -8.592  0.506   -1.172  1.00 82.71  ? 14  DG  A N7    1 
ATOM   279 C C5    . DG  A 1 14 ? -7.947  0.660   0.044   1.00 65.75  ? 14  DG  A C5    1 
ATOM   280 C C6    . DG  A 1 14 ? -7.119  1.713   0.464   1.00 64.82  ? 14  DG  A C6    1 
ATOM   281 O O6    . DG  A 1 14 ? -6.796  2.718   -0.182  1.00 71.12  ? 14  DG  A O6    1 
ATOM   282 N N1    . DG  A 1 14 ? -6.648  1.507   1.752   1.00 58.36  ? 14  DG  A N1    1 
ATOM   283 C C2    . DG  A 1 14 ? -6.955  0.427   2.534   1.00 63.90  ? 14  DG  A C2    1 
ATOM   284 N N2    . DG  A 1 14 ? -6.391  0.419   3.749   1.00 62.41  ? 14  DG  A N2    1 
ATOM   285 N N3    . DG  A 1 14 ? -7.741  -0.581  2.146   1.00 60.75  ? 14  DG  A N3    1 
ATOM   286 C C4    . DG  A 1 14 ? -8.205  -0.397  0.887   1.00 66.34  ? 14  DG  A C4    1 
ATOM   287 P P     . DA  A 1 15 ? -12.107 -4.592  3.073   1.00 108.45 ? 15  DA  A P     1 
ATOM   288 O OP1   . DA  A 1 15 ? -12.358 -5.883  3.805   1.00 113.22 ? 15  DA  A OP1   1 
ATOM   289 O OP2   . DA  A 1 15 ? -13.208 -3.737  2.498   1.00 84.23  ? 15  DA  A OP2   1 
ATOM   290 O "O5'" . DA  A 1 15 ? -11.359 -3.730  4.193   1.00 101.42 ? 15  DA  A "O5'" 1 
ATOM   291 C "C5'" . DA  A 1 15 ? -10.144 -4.275  4.746   1.00 108.18 ? 15  DA  A "C5'" 1 
ATOM   292 C "C4'" . DA  A 1 15 ? -9.858  -3.561  6.040   1.00 104.34 ? 15  DA  A "C4'" 1 
ATOM   293 O "O4'" . DA  A 1 15 ? -9.370  -2.224  5.777   1.00 109.06 ? 15  DA  A "O4'" 1 
ATOM   294 C "C3'" . DA  A 1 15 ? -11.068 -3.365  6.934   1.00 96.47  ? 15  DA  A "C3'" 1 
ATOM   295 O "O3'" . DA  A 1 15 ? -10.507 -3.339  8.241   1.00 93.29  ? 15  DA  A "O3'" 1 
ATOM   296 C "C2'" . DA  A 1 15 ? -11.624 -2.030  6.427   1.00 92.15  ? 15  DA  A "C2'" 1 
ATOM   297 C "C1'" . DA  A 1 15 ? -10.348 -1.242  6.153   1.00 86.94  ? 15  DA  A "C1'" 1 
ATOM   298 N N9    . DA  A 1 15 ? -10.371 -0.237  5.076   1.00 74.57  ? 15  DA  A N9    1 
ATOM   299 C C8    . DA  A 1 15 ? -10.888 -0.378  3.808   1.00 78.38  ? 15  DA  A C8    1 
ATOM   300 N N7    . DA  A 1 15 ? -10.685 0.662   3.030   1.00 69.16  ? 15  DA  A N7    1 
ATOM   301 C C5    . DA  A 1 15 ? -9.956  1.533   3.823   1.00 62.96  ? 15  DA  A C5    1 
ATOM   302 C C6    . DA  A 1 15 ? -9.426  2.807   3.562   1.00 68.10  ? 15  DA  A C6    1 
ATOM   303 N N6    . DA  A 1 15 ? -9.568  3.416   2.394   1.00 66.32  ? 15  DA  A N6    1 
ATOM   304 N N1    . DA  A 1 15 ? -8.723  3.414   4.547   1.00 72.98  ? 15  DA  A N1    1 
ATOM   305 C C2    . DA  A 1 15 ? -8.594  2.773   5.718   1.00 71.63  ? 15  DA  A C2    1 
ATOM   306 N N3    . DA  A 1 15 ? -9.067  1.580   6.083   1.00 69.95  ? 15  DA  A N3    1 
ATOM   307 C C4    . DA  A 1 15 ? -9.752  1.001   5.080   1.00 65.09  ? 15  DA  A C4    1 
ATOM   308 P P     . DC  A 1 16 ? -11.604 -3.078  9.377   1.00 99.35  ? 16  DC  A P     1 
ATOM   309 O OP1   . DC  A 1 16 ? -11.063 -3.664  10.656  1.00 93.41  ? 16  DC  A OP1   1 
ATOM   310 O OP2   . DC  A 1 16 ? -12.960 -3.392  8.804   1.00 95.16  ? 16  DC  A OP2   1 
ATOM   311 O "O5'" . DC  A 1 16 ? -11.543 -1.482  9.533   1.00 105.74 ? 16  DC  A "O5'" 1 
ATOM   312 C "C5'" . DC  A 1 16 ? -10.275 -0.892  9.916   1.00 112.93 ? 16  DC  A "C5'" 1 
ATOM   313 C "C4'" . DC  A 1 16 ? -10.484 0.552   10.294  1.00 104.82 ? 16  DC  A "C4'" 1 
ATOM   314 O "O4'" . DC  A 1 16 ? -10.511 1.396   9.115   1.00 97.56  ? 16  DC  A "O4'" 1 
ATOM   315 C "C3'" . DC  A 1 16 ? -11.791 0.821   11.029  1.00 97.37  ? 16  DC  A "C3'" 1 
ATOM   316 O "O3'" . DC  A 1 16 ? -11.488 1.808   12.006  1.00 105.00 ? 16  DC  A "O3'" 1 
ATOM   317 C "C2'" . DC  A 1 16 ? -12.686 1.340   9.911   1.00 86.56  ? 16  DC  A "C2'" 1 
ATOM   318 C "C1'" . DC  A 1 16 ? -11.680 2.193   9.156   1.00 83.05  ? 16  DC  A "C1'" 1 
ATOM   319 N N1    . DC  A 1 16 ? -12.020 2.570   7.764   1.00 66.30  ? 16  DC  A N1    1 
ATOM   320 C C2    . DC  A 1 16 ? -11.457 3.738   7.229   1.00 74.39  ? 16  DC  A C2    1 
ATOM   321 O O2    . DC  A 1 16 ? -10.717 4.432   7.954   1.00 75.75  ? 16  DC  A O2    1 
ATOM   322 N N3    . DC  A 1 16 ? -11.744 4.084   5.945   1.00 64.52  ? 16  DC  A N3    1 
ATOM   323 C C4    . DC  A 1 16 ? -12.543 3.307   5.205   1.00 65.59  ? 16  DC  A C4    1 
ATOM   324 N N4    . DC  A 1 16 ? -12.794 3.670   3.959   1.00 65.49  ? 16  DC  A N4    1 
ATOM   325 C C5    . DC  A 1 16 ? -13.117 2.124   5.731   1.00 63.16  ? 16  DC  A C5    1 
ATOM   326 C C6    . DC  A 1 16 ? -12.829 1.798   7.002   1.00 66.59  ? 16  DC  A C6    1 
ATOM   327 P P     . DA  A 1 17 ? -12.496 1.800   13.253  1.00 108.06 ? 17  DA  A P     1 
ATOM   328 O OP1   . DA  A 1 17 ? -11.742 1.389   14.489  1.00 92.54  ? 17  DA  A OP1   1 
ATOM   329 O OP2   . DA  A 1 17 ? -13.821 1.211   12.844  1.00 102.18 ? 17  DA  A OP2   1 
ATOM   330 O "O5'" . DA  A 1 17 ? -12.680 3.377   13.420  1.00 93.46  ? 17  DA  A "O5'" 1 
ATOM   331 C "C5'" . DA  A 1 17 ? -11.506 4.100   13.806  1.00 89.67  ? 17  DA  A "C5'" 1 
ATOM   332 C "C4'" . DA  A 1 17 ? -11.542 5.385   13.036  1.00 88.63  ? 17  DA  A "C4'" 1 
ATOM   333 O "O4'" . DA  A 1 17 ? -11.876 5.101   11.658  1.00 82.62  ? 17  DA  A "O4'" 1 
ATOM   334 C "C3'" . DA  A 1 17 ? -12.616 6.336   13.542  1.00 85.52  ? 17  DA  A "C3'" 1 
ATOM   335 O "O3'" . DA  A 1 17 ? -12.083 7.640   13.599  1.00 90.84  ? 17  DA  A "O3'" 1 
ATOM   336 C "C2'" . DA  A 1 17 ? -13.675 6.242   12.456  1.00 84.93  ? 17  DA  A "C2'" 1 
ATOM   337 C "C1'" . DA  A 1 17 ? -12.782 6.110   11.252  1.00 68.89  ? 17  DA  A "C1'" 1 
ATOM   338 N N9    . DA  A 1 17 ? -13.436 5.675   10.040  1.00 60.21  ? 17  DA  A N9    1 
ATOM   339 C C8    . DA  A 1 17 ? -14.168 4.543   9.784   1.00 71.26  ? 17  DA  A C8    1 
ATOM   340 N N7    . DA  A 1 17 ? -14.609 4.476   8.546   1.00 63.55  ? 17  DA  A N7    1 
ATOM   341 C C5    . DA  A 1 17 ? -14.161 5.651   7.966   1.00 53.63  ? 17  DA  A C5    1 
ATOM   342 C C6    . DA  A 1 17 ? -14.280 6.160   6.660   1.00 57.03  ? 17  DA  A C6    1 
ATOM   343 N N6    . DA  A 1 17 ? -14.943 5.540   5.689   1.00 55.05  ? 17  DA  A N6    1 
ATOM   344 N N1    . DA  A 1 17 ? -13.692 7.351   6.396   1.00 56.41  ? 17  DA  A N1    1 
ATOM   345 C C2    . DA  A 1 17 ? -13.032 7.964   7.394   1.00 65.46  ? 17  DA  A C2    1 
ATOM   346 N N3    . DA  A 1 17 ? -12.835 7.575   8.659   1.00 59.40  ? 17  DA  A N3    1 
ATOM   347 C C4    . DA  A 1 17 ? -13.435 6.397   8.878   1.00 54.81  ? 17  DA  A C4    1 
ATOM   348 P P     . DC  A 1 18 ? -12.621 8.312   14.947  1.00 100.76 ? 18  DC  A P     1 
ATOM   349 O OP1   . DC  A 1 18 ? -11.845 9.591   15.073  1.00 87.61  ? 18  DC  A OP1   1 
ATOM   350 O OP2   . DC  A 1 18 ? -12.663 7.289   16.057  1.00 97.30  ? 18  DC  A OP2   1 
ATOM   351 O "O5'" . DC  A 1 18 ? -14.127 8.638   14.498  1.00 92.80  ? 18  DC  A "O5'" 1 
ATOM   352 C "C5'" . DC  A 1 18 ? -14.479 10.020  14.282  1.00 93.61  ? 18  DC  A "C5'" 1 
ATOM   353 C "C4'" . DC  A 1 18 ? -13.934 10.472  12.951  1.00 85.92  ? 18  DC  A "C4'" 1 
ATOM   354 O "O4'" . DC  A 1 18 ? -14.124 9.424   11.984  1.00 81.59  ? 18  DC  A "O4'" 1 
ATOM   355 C "C3'" . DC  A 1 18 ? -14.668 11.673  12.372  1.00 91.82  ? 18  DC  A "C3'" 1 
ATOM   356 O "O3'" . DC  A 1 18 ? -14.049 12.895  12.754  1.00 94.13  ? 18  DC  A "O3'" 1 
ATOM   357 C "C2'" . DC  A 1 18 ? -14.577 11.478  10.865  1.00 79.83  ? 18  DC  A "C2'" 1 
ATOM   358 C "C1'" . DC  A 1 18 ? -14.267 9.999   10.698  1.00 75.52  ? 18  DC  A "C1'" 1 
ATOM   359 N N1    . DC  A 1 18 ? -15.260 9.211   9.921   1.00 63.24  ? 18  DC  A N1    1 
ATOM   360 C C2    . DC  A 1 18 ? -15.625 9.661   8.647   1.00 64.38  ? 18  DC  A C2    1 
ATOM   361 O O2    . DC  A 1 18 ? -15.191 10.756  8.260   1.00 74.93  ? 18  DC  A O2    1 
ATOM   362 N N3    . DC  A 1 18 ? -16.440 8.899   7.871   1.00 60.05  ? 18  DC  A N3    1 
ATOM   363 C C4    . DC  A 1 18 ? -16.871 7.708   8.321   1.00 66.14  ? 18  DC  A C4    1 
ATOM   364 N N4    . DC  A 1 18 ? -17.659 6.996   7.528   1.00 64.30  ? 18  DC  A N4    1 
ATOM   365 C C5    . DC  A 1 18 ? -16.481 7.213   9.596   1.00 59.27  ? 18  DC  A C5    1 
ATOM   366 C C6    . DC  A 1 18 ? -15.681 7.987   10.349  1.00 64.20  ? 18  DC  A C6    1 
ATOM   367 P P     . DT  A 1 19 ? -15.181 14.031  12.879  1.00 103.36 ? 19  DT  A P     1 
ATOM   368 O OP1   . DT  A 1 19 ? -14.477 15.298  13.263  1.00 93.22  ? 19  DT  A OP1   1 
ATOM   369 O OP2   . DT  A 1 19 ? -16.374 13.508  13.641  1.00 103.41 ? 19  DT  A OP2   1 
ATOM   370 O "O5'" . DT  A 1 19 ? -15.686 14.202  11.370  1.00 84.56  ? 19  DT  A "O5'" 1 
ATOM   371 C "C5'" . DT  A 1 19 ? -14.782 14.822  10.450  1.00 89.05  ? 19  DT  A "C5'" 1 
ATOM   372 C "C4'" . DT  A 1 19 ? -15.602 15.259  9.271   1.00 101.65 ? 19  DT  A "C4'" 1 
ATOM   373 O "O4'" . DT  A 1 19 ? -16.212 14.098  8.660   1.00 100.32 ? 19  DT  A "O4'" 1 
ATOM   374 C "C3'" . DT  A 1 19 ? -16.749 16.204  9.626   1.00 102.96 ? 19  DT  A "C3'" 1 
ATOM   375 O "O3'" . DT  A 1 19 ? -16.838 17.180  8.591   1.00 102.61 ? 19  DT  A "O3'" 1 
ATOM   376 C "C2'" . DT  A 1 19 ? -17.955 15.273  9.655   1.00 101.80 ? 19  DT  A "C2'" 1 
ATOM   377 C "C1'" . DT  A 1 19 ? -17.609 14.328  8.514   1.00 87.12  ? 19  DT  A "C1'" 1 
ATOM   378 N N1    . DT  A 1 19 ? -18.291 13.007  8.511   1.00 67.64  ? 19  DT  A N1    1 
ATOM   379 C C2    . DT  A 1 19 ? -18.870 12.586  7.323   1.00 66.55  ? 19  DT  A C2    1 
ATOM   380 O O2    . DT  A 1 19 ? -18.869 13.256  6.296   1.00 76.29  ? 19  DT  A O2    1 
ATOM   381 N N3    . DT  A 1 19 ? -19.448 11.344  7.358   1.00 58.69  ? 19  DT  A N3    1 
ATOM   382 C C4    . DT  A 1 19 ? -19.512 10.497  8.446   1.00 62.37  ? 19  DT  A C4    1 
ATOM   383 O O4    . DT  A 1 19 ? -20.080 9.398   8.333   1.00 64.24  ? 19  DT  A O4    1 
ATOM   384 C C5    . DT  A 1 19 ? -18.889 10.992  9.658   1.00 55.34  ? 19  DT  A C5    1 
ATOM   385 C C7    . DT  A 1 19 ? -18.913 10.100  10.863  1.00 56.33  ? 19  DT  A C7    1 
ATOM   386 C C6    . DT  A 1 19 ? -18.305 12.205  9.638   1.00 54.07  ? 19  DT  A C6    1 
ATOM   387 P P     . DC  A 1 20 ? -17.730 18.472  8.937   1.00 103.19 ? 20  DC  A P     1 
ATOM   388 O OP1   . DC  A 1 20 ? -17.199 19.639  8.145   1.00 100.10 ? 20  DC  A OP1   1 
ATOM   389 O OP2   . DC  A 1 20 ? -17.979 18.537  10.430  1.00 76.51  ? 20  DC  A OP2   1 
ATOM   390 O "O5'" . DC  A 1 20 ? -19.023 18.057  8.087   1.00 91.77  ? 20  DC  A "O5'" 1 
ATOM   391 C "C5'" . DC  A 1 20 ? -18.859 17.929  6.649   1.00 88.75  ? 20  DC  A "C5'" 1 
ATOM   392 C "C4'" . DC  A 1 20 ? -20.211 17.698  6.022   1.00 97.21  ? 20  DC  A "C4'" 1 
ATOM   393 O "O4'" . DC  A 1 20 ? -20.696 16.355  6.286   1.00 95.20  ? 20  DC  A "O4'" 1 
ATOM   394 C "C3'" . DC  A 1 20 ? -21.318 18.607  6.540   1.00 101.96 ? 20  DC  A "C3'" 1 
ATOM   395 O "O3'" . DC  A 1 20 ? -22.196 18.709  5.431   1.00 109.24 ? 20  DC  A "O3'" 1 
ATOM   396 C "C2'" . DC  A 1 20 ? -21.900 17.797  7.692   1.00 92.21  ? 20  DC  A "C2'" 1 
ATOM   397 C "C1'" . DC  A 1 20 ? -21.904 16.424  7.032   1.00 90.78  ? 20  DC  A "C1'" 1 
ATOM   398 N N1    . DC  A 1 20 ? -21.952 15.233  7.915   1.00 71.35  ? 20  DC  A N1    1 
ATOM   399 C C2    . DC  A 1 20 ? -22.345 14.028  7.321   1.00 66.27  ? 20  DC  A C2    1 
ATOM   400 O O2    . DC  A 1 20 ? -22.648 14.028  6.115   1.00 62.76  ? 20  DC  A O2    1 
ATOM   401 N N3    . DC  A 1 20 ? -22.409 12.905  8.078   1.00 63.04  ? 20  DC  A N3    1 
ATOM   402 C C4    . DC  A 1 20 ? -22.069 12.956  9.372   1.00 67.62  ? 20  DC  A C4    1 
ATOM   403 N N4    . DC  A 1 20 ? -22.152 11.822  10.048  1.00 74.48  ? 20  DC  A N4    1 
ATOM   404 C C5    . DC  A 1 20 ? -21.652 14.175  10.003  1.00 65.04  ? 20  DC  A C5    1 
ATOM   405 C C6    . DC  A 1 20 ? -21.616 15.284  9.243   1.00 70.54  ? 20  DC  A C6    1 
ATOM   406 P P     . DA  A 1 21 ? -23.019 20.079  5.422   1.00 117.26 ? 21  DA  A P     1 
ATOM   407 O OP1   . DA  A 1 21 ? -22.207 21.104  4.682   1.00 129.36 ? 21  DA  A OP1   1 
ATOM   408 O OP2   . DA  A 1 21 ? -23.467 20.312  6.845   1.00 101.35 ? 21  DA  A OP2   1 
ATOM   409 O "O5'" . DA  A 1 21 ? -24.184 19.580  4.431   1.00 118.44 ? 21  DA  A "O5'" 1 
ATOM   410 C "C5'" . DA  A 1 21 ? -23.833 19.194  3.066   1.00 115.88 ? 21  DA  A "C5'" 1 
ATOM   411 C "C4'" . DA  A 1 21 ? -24.964 18.410  2.425   1.00 115.49 ? 21  DA  A "C4'" 1 
ATOM   412 O "O4'" . DA  A 1 21 ? -25.156 17.146  3.098   1.00 109.35 ? 21  DA  A "O4'" 1 
ATOM   413 C "C3'" . DA  A 1 21 ? -26.331 19.084  2.431   1.00 111.09 ? 21  DA  A "C3'" 1 
ATOM   414 O "O3'" . DA  A 1 21 ? -27.053 18.691  1.272   1.00 120.35 ? 21  DA  A "O3'" 1 
ATOM   415 C "C2'" . DA  A 1 21 ? -26.982 18.544  3.703   1.00 108.63 ? 21  DA  A "C2'" 1 
ATOM   416 C "C1'" . DA  A 1 21 ? -26.351 17.169  3.872   1.00 97.14  ? 21  DA  A "C1'" 1 
ATOM   417 N N9    . DA  A 1 21 ? -25.986 16.832  5.246   1.00 89.13  ? 21  DA  A N9    1 
ATOM   418 C C8    . DA  A 1 21 ? -25.465 17.584  6.275   1.00 88.90  ? 21  DA  A C8    1 
ATOM   419 N N7    . DA  A 1 21 ? -25.269 16.901  7.380   1.00 86.54  ? 21  DA  A N7    1 
ATOM   420 C C5    . DA  A 1 21 ? -25.677 15.616  7.058   1.00 79.77  ? 21  DA  A C5    1 
ATOM   421 C C6    . DA  A 1 21 ? -25.728 14.426  7.808   1.00 82.56  ? 21  DA  A C6    1 
ATOM   422 N N6    . DA  A 1 21 ? -25.340 14.328  9.076   1.00 80.16  ? 21  DA  A N6    1 
ATOM   423 N N1    . DA  A 1 21 ? -26.214 13.325  7.187   1.00 85.99  ? 21  DA  A N1    1 
ATOM   424 C C2    . DA  A 1 21 ? -26.597 13.425  5.903   1.00 93.85  ? 21  DA  A C2    1 
ATOM   425 N N3    . DA  A 1 21 ? -26.592 14.484  5.096   1.00 82.97  ? 21  DA  A N3    1 
ATOM   426 C C4    . DA  A 1 21 ? -26.116 15.559  5.746   1.00 86.00  ? 21  DA  A C4    1 
ATOM   427 P P     . DC  B 2 1  ? 1.116   6.426   4.566   1.00 69.58  ? 1   DC  B P     1 
ATOM   428 O OP1   . DC  B 2 1  ? 2.013   7.027   5.614   1.00 61.35  ? 1   DC  B OP1   1 
ATOM   429 O OP2   . DC  B 2 1  ? 0.893   7.304   3.345   1.00 59.38  ? 1   DC  B OP2   1 
ATOM   430 O "O5'" . DC  B 2 1  ? -0.352  6.384   5.260   1.00 64.58  ? 1   DC  B "O5'" 1 
ATOM   431 C "C5'" . DC  B 2 1  ? -0.415  6.303   6.706   1.00 65.75  ? 1   DC  B "C5'" 1 
ATOM   432 C "C4'" . DC  B 2 1  ? -1.328  5.179   7.138   1.00 61.38  ? 1   DC  B "C4'" 1 
ATOM   433 O "O4'" . DC  B 2 1  ? -2.647  5.396   6.601   1.00 52.93  ? 1   DC  B "O4'" 1 
ATOM   434 C "C3'" . DC  B 2 1  ? -0.904  3.786   6.684   1.00 63.21  ? 1   DC  B "C3'" 1 
ATOM   435 O "O3'" . DC  B 2 1  ? -0.076  3.208   7.703   1.00 67.36  ? 1   DC  B "O3'" 1 
ATOM   436 C "C2'" . DC  B 2 1  ? -2.231  3.057   6.510   1.00 55.05  ? 1   DC  B "C2'" 1 
ATOM   437 C "C1'" . DC  B 2 1  ? -3.233  4.165   6.236   1.00 48.39  ? 1   DC  B "C1'" 1 
ATOM   438 N N1    . DC  B 2 1  ? -3.610  4.311   4.828   1.00 43.47  ? 1   DC  B N1    1 
ATOM   439 C C2    . DC  B 2 1  ? -4.387  3.321   4.255   1.00 52.21  ? 1   DC  B C2    1 
ATOM   440 O O2    . DC  B 2 1  ? -4.699  2.341   4.949   1.00 59.24  ? 1   DC  B O2    1 
ATOM   441 N N3    . DC  B 2 1  ? -4.761  3.458   2.964   1.00 55.40  ? 1   DC  B N3    1 
ATOM   442 C C4    . DC  B 2 1  ? -4.388  4.538   2.268   1.00 52.76  ? 1   DC  B C4    1 
ATOM   443 N N4    . DC  B 2 1  ? -4.785  4.624   1.010   1.00 60.39  ? 1   DC  B N4    1 
ATOM   444 C C5    . DC  B 2 1  ? -3.617  5.563   2.846   1.00 42.80  ? 1   DC  B C5    1 
ATOM   445 C C6    . DC  B 2 1  ? -3.244  5.404   4.118   1.00 45.89  ? 1   DC  B C6    1 
ATOM   446 P P     . DG  B 2 2  ? 0.898   2.061   7.132   1.00 80.03  ? 2   DG  B P     1 
ATOM   447 O OP1   . DG  B 2 2  ? 1.728   1.556   8.278   1.00 79.67  ? 2   DG  B OP1   1 
ATOM   448 O OP2   . DG  B 2 2  ? 1.646   2.472   5.888   1.00 82.13  ? 2   DG  B OP2   1 
ATOM   449 O "O5'" . DG  B 2 2  ? -0.222  1.008   6.666   1.00 63.97  ? 2   DG  B "O5'" 1 
ATOM   450 C "C5'" . DG  B 2 2  ? -0.725  0.073   7.642   1.00 67.18  ? 2   DG  B "C5'" 1 
ATOM   451 C "C4'" . DG  B 2 2  ? -1.654  -0.865  6.921   1.00 71.64  ? 2   DG  B "C4'" 1 
ATOM   452 O "O4'" . DG  B 2 2  ? -2.334  -0.079  5.931   1.00 68.56  ? 2   DG  B "O4'" 1 
ATOM   453 C "C3'" . DG  B 2 2  ? -0.961  -1.992  6.163   1.00 76.64  ? 2   DG  B "C3'" 1 
ATOM   454 O "O3'" . DG  B 2 2  ? -1.021  -3.210  6.908   1.00 82.53  ? 2   DG  B "O3'" 1 
ATOM   455 C "C2'" . DG  B 2 2  ? -1.755  -2.113  4.863   1.00 73.88  ? 2   DG  B "C2'" 1 
ATOM   456 C "C1'" . DG  B 2 2  ? -2.659  -0.895  4.822   1.00 63.39  ? 2   DG  B "C1'" 1 
ATOM   457 N N9    . DG  B 2 2  ? -2.482  -0.074  3.637   1.00 58.67  ? 2   DG  B N9    1 
ATOM   458 C C8    . DG  B 2 2  ? -1.679  1.031   3.474   1.00 64.95  ? 2   DG  B C8    1 
ATOM   459 N N7    . DG  B 2 2  ? -1.773  1.558   2.271   1.00 64.15  ? 2   DG  B N7    1 
ATOM   460 C C5    . DG  B 2 2  ? -2.686  0.739   1.613   1.00 53.43  ? 2   DG  B C5    1 
ATOM   461 C C6    . DG  B 2 2  ? -3.178  0.826   0.290   1.00 57.40  ? 2   DG  B C6    1 
ATOM   462 O O6    . DG  B 2 2  ? -2.888  1.652   -0.593  1.00 60.21  ? 2   DG  B O6    1 
ATOM   463 N N1    . DG  B 2 2  ? -4.095  -0.186  0.036   1.00 53.51  ? 2   DG  B N1    1 
ATOM   464 C C2    . DG  B 2 2  ? -4.491  -1.144  0.937   1.00 60.22  ? 2   DG  B C2    1 
ATOM   465 N N2    . DG  B 2 2  ? -5.366  -2.046  0.470   1.00 61.30  ? 2   DG  B N2    1 
ATOM   466 N N3    . DG  B 2 2  ? -4.032  -1.236  2.189   1.00 47.39  ? 2   DG  B N3    1 
ATOM   467 C C4    . DG  B 2 2  ? -3.142  -0.255  2.449   1.00 49.98  ? 2   DG  B C4    1 
ATOM   468 P P     . DT  B 2 3  ? -0.122  -4.400  6.288   1.00 98.64  ? 3   DT  B P     1 
ATOM   469 O OP1   . DT  B 2 3  ? -0.254  -5.494  7.307   1.00 101.14 ? 3   DT  B OP1   1 
ATOM   470 O OP2   . DT  B 2 3  ? 1.224   -3.893  5.829   1.00 89.55  ? 3   DT  B OP2   1 
ATOM   471 O "O5'" . DT  B 2 3  ? -0.931  -4.922  5.002   1.00 80.95  ? 3   DT  B "O5'" 1 
ATOM   472 C "C5'" . DT  B 2 3  ? -2.205  -5.537  5.285   1.00 82.96  ? 3   DT  B "C5'" 1 
ATOM   473 C "C4'" . DT  B 2 3  ? -2.704  -6.222  4.047   1.00 84.62  ? 3   DT  B "C4'" 1 
ATOM   474 O "O4'" . DT  B 2 3  ? -2.916  -5.230  3.021   1.00 78.27  ? 3   DT  B "O4'" 1 
ATOM   475 C "C3'" . DT  B 2 3  ? -1.752  -7.272  3.472   1.00 89.29  ? 3   DT  B "C3'" 1 
ATOM   476 O "O3'" . DT  B 2 3  ? -2.518  -8.386  2.993   1.00 92.57  ? 3   DT  B "O3'" 1 
ATOM   477 C "C2'" . DT  B 2 3  ? -1.070  -6.501  2.351   1.00 84.72  ? 3   DT  B "C2'" 1 
ATOM   478 C "C1'" . DT  B 2 3  ? -2.206  -5.616  1.854   1.00 71.51  ? 3   DT  B "C1'" 1 
ATOM   479 N N1    . DT  B 2 3  ? -1.787  -4.379  1.160   1.00 56.93  ? 3   DT  B N1    1 
ATOM   480 C C2    . DT  B 2 3  ? -2.306  -4.133  -0.095  1.00 60.48  ? 3   DT  B C2    1 
ATOM   481 O O2    . DT  B 2 3  ? -3.072  -4.905  -0.662  1.00 75.38  ? 3   DT  B O2    1 
ATOM   482 N N3    . DT  B 2 3  ? -1.908  -2.956  -0.670  1.00 56.57  ? 3   DT  B N3    1 
ATOM   483 C C4    . DT  B 2 3  ? -1.063  -2.013  -0.120  1.00 59.67  ? 3   DT  B C4    1 
ATOM   484 O O4    . DT  B 2 3  ? -0.757  -1.005  -0.765  1.00 56.97  ? 3   DT  B O4    1 
ATOM   485 C C5    . DT  B 2 3  ? -0.572  -2.326  1.202   1.00 54.98  ? 3   DT  B C5    1 
ATOM   486 C C7    . DT  B 2 3  ? 0.354   -1.341  1.853   1.00 55.17  ? 3   DT  B C7    1 
ATOM   487 C C6    . DT  B 2 3  ? -0.946  -3.481  1.774   1.00 49.98  ? 3   DT  B C6    1 
ATOM   488 P P     . DC  B 2 4  ? -1.744  -9.722  2.543   1.00 87.12  ? 4   DC  B P     1 
ATOM   489 O OP1   . DC  B 2 4  ? -2.691  -10.846 2.847   1.00 89.47  ? 4   DC  B OP1   1 
ATOM   490 O OP2   . DC  B 2 4  ? -0.315  -9.751  3.027   1.00 96.34  ? 4   DC  B OP2   1 
ATOM   491 O "O5'" . DC  B 2 4  ? -1.821  -9.486  0.963   1.00 66.63  ? 4   DC  B "O5'" 1 
ATOM   492 C "C5'" . DC  B 2 4  ? -3.157  -9.506  0.445   1.00 63.18  ? 4   DC  B "C5'" 1 
ATOM   493 C "C4'" . DC  B 2 4  ? -3.083  -9.495  -1.054  1.00 63.90  ? 4   DC  B "C4'" 1 
ATOM   494 O "O4'" . DC  B 2 4  ? -2.610  -8.206  -1.496  1.00 66.53  ? 4   DC  B "O4'" 1 
ATOM   495 C "C3'" . DC  B 2 4  ? -2.140  -10.524 -1.657  1.00 66.25  ? 4   DC  B "C3'" 1 
ATOM   496 O "O3'" . DC  B 2 4  ? -2.792  -11.020 -2.813  1.00 66.08  ? 4   DC  B "O3'" 1 
ATOM   497 C "C2'" . DC  B 2 4  ? -0.907  -9.695  -1.989  1.00 71.78  ? 4   DC  B "C2'" 1 
ATOM   498 C "C1'" . DC  B 2 4  ? -1.541  -8.379  -2.397  1.00 68.07  ? 4   DC  B "C1'" 1 
ATOM   499 N N1    . DC  B 2 4  ? -0.693  -7.169  -2.280  1.00 61.58  ? 4   DC  B N1    1 
ATOM   500 C C2    . DC  B 2 4  ? -0.493  -6.382  -3.420  1.00 62.84  ? 4   DC  B C2    1 
ATOM   501 O O2    . DC  B 2 4  ? -1.004  -6.745  -4.492  1.00 69.71  ? 4   DC  B O2    1 
ATOM   502 N N3    . DC  B 2 4  ? 0.253   -5.257  -3.322  1.00 57.17  ? 4   DC  B N3    1 
ATOM   503 C C4    . DC  B 2 4  ? 0.761   -4.892  -2.136  1.00 64.16  ? 4   DC  B C4    1 
ATOM   504 N N4    . DC  B 2 4  ? 1.459   -3.765  -2.089  1.00 69.09  ? 4   DC  B N4    1 
ATOM   505 C C5    . DC  B 2 4  ? 0.554   -5.674  -0.960  1.00 57.57  ? 4   DC  B C5    1 
ATOM   506 C C6    . DC  B 2 4  ? -0.169  -6.801  -1.081  1.00 56.35  ? 4   DC  B C6    1 
ATOM   507 P P     . DA  B 2 5  ? -2.217  -12.354 -3.501  1.00 66.72  ? 5   DA  B P     1 
ATOM   508 O OP1   . DA  B 2 5  ? -3.359  -12.861 -4.341  1.00 57.40  ? 5   DA  B OP1   1 
ATOM   509 O OP2   . DA  B 2 5  ? -1.456  -13.190 -2.496  1.00 58.15  ? 5   DA  B OP2   1 
ATOM   510 O "O5'" . DA  B 2 5  ? -1.201  -11.752 -4.586  1.00 55.29  ? 5   DA  B "O5'" 1 
ATOM   511 C "C5'" . DA  B 2 5  ? -1.703  -11.637 -5.937  1.00 54.58  ? 5   DA  B "C5'" 1 
ATOM   512 C "C4'" . DA  B 2 5  ? -0.594  -11.097 -6.800  1.00 60.80  ? 5   DA  B "C4'" 1 
ATOM   513 O "O4'" . DA  B 2 5  ? 0.019   -9.969  -6.131  1.00 64.76  ? 5   DA  B "O4'" 1 
ATOM   514 C "C3'" . DA  B 2 5  ? 0.527   -12.111 -7.067  1.00 63.17  ? 5   DA  B "C3'" 1 
ATOM   515 O "O3'" . DA  B 2 5  ? 0.972   -12.070 -8.423  1.00 48.36  ? 5   DA  B "O3'" 1 
ATOM   516 C "C2'" . DA  B 2 5  ? 1.630   -11.624 -6.126  1.00 67.40  ? 5   DA  B "C2'" 1 
ATOM   517 C "C1'" . DA  B 2 5  ? 1.435   -10.123 -6.221  1.00 62.24  ? 5   DA  B "C1'" 1 
ATOM   518 N N9    . DA  B 2 5  ? 2.040   -9.325  -5.166  1.00 54.73  ? 5   DA  B N9    1 
ATOM   519 C C8    . DA  B 2 5  ? 2.298   -9.626  -3.849  1.00 62.98  ? 5   DA  B C8    1 
ATOM   520 N N7    . DA  B 2 5  ? 2.801   -8.624  -3.173  1.00 55.78  ? 5   DA  B N7    1 
ATOM   521 C C5    . DA  B 2 5  ? 2.852   -7.603  -4.103  1.00 51.20  ? 5   DA  B C5    1 
ATOM   522 C C6    . DA  B 2 5  ? 3.256   -6.267  -3.988  1.00 52.98  ? 5   DA  B C6    1 
ATOM   523 N N6    . DA  B 2 5  ? 3.718   -5.760  -2.857  1.00 54.85  ? 5   DA  B N6    1 
ATOM   524 N N1    . DA  B 2 5  ? 3.193   -5.486  -5.093  1.00 52.69  ? 5   DA  B N1    1 
ATOM   525 C C2    . DA  B 2 5  ? 2.708   -6.035  -6.223  1.00 66.30  ? 5   DA  B C2    1 
ATOM   526 N N3    . DA  B 2 5  ? 2.267   -7.278  -6.444  1.00 61.17  ? 5   DA  B N3    1 
ATOM   527 C C4    . DA  B 2 5  ? 2.385   -8.019  -5.330  1.00 51.94  ? 5   DA  B C4    1 
ATOM   528 O "O5'" . DT  C 3 1  ? -30.543 14.007  18.717  1.00 126.40 ? 1   DT  C "O5'" 1 
ATOM   529 C "C5'" . DT  C 3 1  ? -31.482 13.072  19.299  1.00 121.10 ? 1   DT  C "C5'" 1 
ATOM   530 C "C4'" . DT  C 3 1  ? -31.880 12.076  18.240  1.00 113.82 ? 1   DT  C "C4'" 1 
ATOM   531 O "O4'" . DT  C 3 1  ? -32.218 12.773  17.018  1.00 101.34 ? 1   DT  C "O4'" 1 
ATOM   532 C "C3'" . DT  C 3 1  ? -30.786 11.073  17.879  1.00 109.51 ? 1   DT  C "C3'" 1 
ATOM   533 O "O3'" . DT  C 3 1  ? -31.383 9.783   17.754  1.00 109.72 ? 1   DT  C "O3'" 1 
ATOM   534 C "C2'" . DT  C 3 1  ? -30.249 11.603  16.554  1.00 103.15 ? 1   DT  C "C2'" 1 
ATOM   535 C "C1'" . DT  C 3 1  ? -31.503 12.195  15.932  1.00 93.89  ? 1   DT  C "C1'" 1 
ATOM   536 N N1    . DT  C 3 1  ? -31.308 13.273  14.939  1.00 74.64  ? 1   DT  C N1    1 
ATOM   537 C C2    . DT  C 3 1  ? -31.594 13.027  13.602  1.00 76.07  ? 1   DT  C C2    1 
ATOM   538 O O2    . DT  C 3 1  ? -31.947 11.940  13.145  1.00 75.69  ? 1   DT  C O2    1 
ATOM   539 N N3    . DT  C 3 1  ? -31.448 14.106  12.776  1.00 68.31  ? 1   DT  C N3    1 
ATOM   540 C C4    . DT  C 3 1  ? -31.063 15.375  13.129  1.00 72.65  ? 1   DT  C C4    1 
ATOM   541 O O4    . DT  C 3 1  ? -30.979 16.236  12.260  1.00 74.13  ? 1   DT  C O4    1 
ATOM   542 C C5    . DT  C 3 1  ? -30.790 15.569  14.535  1.00 76.09  ? 1   DT  C C5    1 
ATOM   543 C C7    . DT  C 3 1  ? -30.355 16.928  14.992  1.00 83.38  ? 1   DT  C C7    1 
ATOM   544 C C6    . DT  C 3 1  ? -30.937 14.529  15.367  1.00 69.97  ? 1   DT  C C6    1 
ATOM   545 P P     . DC  C 3 2  ? -30.276 8.625   17.658  1.00 112.24 ? 2   DC  C P     1 
ATOM   546 O OP1   . DC  C 3 2  ? -30.761 7.374   18.338  1.00 100.89 ? 2   DC  C OP1   1 
ATOM   547 O OP2   . DC  C 3 2  ? -28.934 9.215   17.997  1.00 119.95 ? 2   DC  C OP2   1 
ATOM   548 O "O5'" . DC  C 3 2  ? -30.352 8.366   16.082  1.00 87.51  ? 2   DC  C "O5'" 1 
ATOM   549 C "C5'" . DC  C 3 2  ? -31.484 7.600   15.655  1.00 94.13  ? 2   DC  C "C5'" 1 
ATOM   550 C "C4'" . DC  C 3 2  ? -31.389 7.403   14.169  1.00 99.82  ? 2   DC  C "C4'" 1 
ATOM   551 O "O4'" . DC  C 3 2  ? -31.189 8.679   13.519  1.00 102.82 ? 2   DC  C "O4'" 1 
ATOM   552 C "C3'" . DC  C 3 2  ? -30.242 6.503   13.724  1.00 95.74  ? 2   DC  C "C3'" 1 
ATOM   553 O "O3'" . DC  C 3 2  ? -30.826 5.683   12.717  1.00 97.32  ? 2   DC  C "O3'" 1 
ATOM   554 C "C2'" . DC  C 3 2  ? -29.207 7.517   13.247  1.00 97.88  ? 2   DC  C "C2'" 1 
ATOM   555 C "C1'" . DC  C 3 2  ? -30.104 8.571   12.615  1.00 90.04  ? 2   DC  C "C1'" 1 
ATOM   556 N N1    . DC  C 3 2  ? -29.516 9.931   12.444  1.00 65.62  ? 2   DC  C N1    1 
ATOM   557 C C2    . DC  C 3 2  ? -29.617 10.578  11.199  1.00 54.67  ? 2   DC  C C2    1 
ATOM   558 O O2    . DC  C 3 2  ? -30.173 10.003  10.250  1.00 57.61  ? 2   DC  C O2    1 
ATOM   559 N N3    . DC  C 3 2  ? -29.120 11.821  11.059  1.00 45.64  ? 2   DC  C N3    1 
ATOM   560 C C4    . DC  C 3 2  ? -28.555 12.434  12.108  1.00 54.96  ? 2   DC  C C4    1 
ATOM   561 N N4    . DC  C 3 2  ? -28.103 13.664  11.924  1.00 55.49  ? 2   DC  C N4    1 
ATOM   562 C C5    . DC  C 3 2  ? -28.462 11.809  13.386  1.00 55.81  ? 2   DC  C C5    1 
ATOM   563 C C6    . DC  C 3 2  ? -28.958 10.569  13.508  1.00 58.84  ? 2   DC  C C6    1 
ATOM   564 P P     . DT  C 3 3  ? -29.751 4.948   11.786  1.00 109.05 ? 3   DT  C P     1 
ATOM   565 O OP1   . DT  C 3 3  ? -30.467 3.868   11.018  1.00 113.87 ? 3   DT  C OP1   1 
ATOM   566 O OP2   . DT  C 3 3  ? -28.564 4.709   12.690  1.00 85.57  ? 3   DT  C OP2   1 
ATOM   567 O "O5'" . DT  C 3 3  ? -29.441 6.100   10.710  1.00 90.78  ? 3   DT  C "O5'" 1 
ATOM   568 C "C5'" . DT  C 3 3  ? -30.411 6.370   9.672   1.00 95.48  ? 3   DT  C "C5'" 1 
ATOM   569 C "C4'" . DT  C 3 3  ? -29.659 6.573   8.386   1.00 106.81 ? 3   DT  C "C4'" 1 
ATOM   570 O "O4'" . DT  C 3 3  ? -29.041 7.884   8.356   1.00 108.60 ? 3   DT  C "O4'" 1 
ATOM   571 C "C3'" . DT  C 3 3  ? -28.507 5.602   8.192   1.00 112.37 ? 3   DT  C "C3'" 1 
ATOM   572 O "O3'" . DT  C 3 3  ? -28.265 5.478   6.798   1.00 124.56 ? 3   DT  C "O3'" 1 
ATOM   573 C "C2'" . DT  C 3 3  ? -27.352 6.341   8.846   1.00 105.83 ? 3   DT  C "C2'" 1 
ATOM   574 C "C1'" . DT  C 3 3  ? -27.618 7.753   8.327   1.00 99.22  ? 3   DT  C "C1'" 1 
ATOM   575 N N1    . DT  C 3 3  ? -26.995 8.879   9.101   1.00 85.67  ? 3   DT  C N1    1 
ATOM   576 C C2    . DT  C 3 3  ? -26.714 10.063  8.429   1.00 89.64  ? 3   DT  C C2    1 
ATOM   577 O O2    . DT  C 3 3  ? -26.960 10.234  7.231   1.00 95.05  ? 3   DT  C O2    1 
ATOM   578 N N3    . DT  C 3 3  ? -26.148 11.051  9.205   1.00 76.49  ? 3   DT  C N3    1 
ATOM   579 C C4    . DT  C 3 3  ? -25.834 10.981  10.553  1.00 79.24  ? 3   DT  C C4    1 
ATOM   580 O O4    . DT  C 3 3  ? -25.326 11.957  11.131  1.00 81.31  ? 3   DT  C O4    1 
ATOM   581 C C5    . DT  C 3 3  ? -26.142 9.721   11.190  1.00 72.28  ? 3   DT  C C5    1 
ATOM   582 C C7    . DT  C 3 3  ? -25.835 9.574   12.653  1.00 70.78  ? 3   DT  C C7    1 
ATOM   583 C C6    . DT  C 3 3  ? -26.688 8.742   10.447  1.00 75.95  ? 3   DT  C C6    1 
ATOM   584 P P     . DG  C 3 4  ? -28.004 3.929   6.480   1.00 135.96 ? 4   DG  C P     1 
ATOM   585 O OP1   . DG  C 3 4  ? -29.355 3.260   6.387   1.00 138.03 ? 4   DG  C OP1   1 
ATOM   586 O OP2   . DG  C 3 4  ? -26.970 3.448   7.477   1.00 110.12 ? 4   DG  C OP2   1 
ATOM   587 O "O5'" . DG  C 3 4  ? -27.398 4.081   4.996   1.00 109.03 ? 4   DG  C "O5'" 1 
ATOM   588 C "C5'" . DG  C 3 4  ? -28.304 4.392   3.901   1.00 97.06  ? 4   DG  C "C5'" 1 
ATOM   589 C "C4'" . DG  C 3 4  ? -27.679 5.463   3.039   1.00 100.30 ? 4   DG  C "C4'" 1 
ATOM   590 O "O4'" . DG  C 3 4  ? -27.128 6.520   3.862   1.00 104.60 ? 4   DG  C "O4'" 1 
ATOM   591 C "C3'" . DG  C 3 4  ? -26.531 5.000   2.155   1.00 93.05  ? 4   DG  C "C3'" 1 
ATOM   592 O "O3'" . DG  C 3 4  ? -26.625 5.774   0.973   1.00 102.04 ? 4   DG  C "O3'" 1 
ATOM   593 C "C2'" . DG  C 3 4  ? -25.302 5.356   2.989   1.00 98.36  ? 4   DG  C "C2'" 1 
ATOM   594 C "C1'" . DG  C 3 4  ? -25.729 6.680   3.607   1.00 95.28  ? 4   DG  C "C1'" 1 
ATOM   595 N N9    . DG  C 3 4  ? -25.107 7.056   4.888   1.00 89.05  ? 4   DG  C N9    1 
ATOM   596 C C8    . DG  C 3 4  ? -24.929 6.254   5.993   1.00 84.32  ? 4   DG  C C8    1 
ATOM   597 N N7    . DG  C 3 4  ? -24.396 6.876   7.022   1.00 76.44  ? 4   DG  C N7    1 
ATOM   598 C C5    . DG  C 3 4  ? -24.249 8.182   6.579   1.00 70.11  ? 4   DG  C C5    1 
ATOM   599 C C6    . DG  C 3 4  ? -23.738 9.305   7.268   1.00 75.57  ? 4   DG  C C6    1 
ATOM   600 O O6    . DG  C 3 4  ? -23.302 9.350   8.428   1.00 75.51  ? 4   DG  C O6    1 
ATOM   601 N N1    . DG  C 3 4  ? -23.742 10.446  6.458   1.00 75.71  ? 4   DG  C N1    1 
ATOM   602 C C2    . DG  C 3 4  ? -24.187 10.487  5.152   1.00 82.91  ? 4   DG  C C2    1 
ATOM   603 N N2    . DG  C 3 4  ? -24.103 11.676  4.531   1.00 80.67  ? 4   DG  C N2    1 
ATOM   604 N N3    . DG  C 3 4  ? -24.678 9.426   4.498   1.00 72.66  ? 4   DG  C N3    1 
ATOM   605 C C4    . DG  C 3 4  ? -24.680 8.311   5.272   1.00 73.18  ? 4   DG  C C4    1 
ATOM   606 P P     . DA  C 3 5  ? -25.622 5.334   -0.204  1.00 124.69 ? 5   DA  C P     1 
ATOM   607 O OP1   . DA  C 3 5  ? -26.322 5.338   -1.540  1.00 112.19 ? 5   DA  C OP1   1 
ATOM   608 O OP2   . DA  C 3 5  ? -24.801 4.140   0.205   1.00 120.38 ? 5   DA  C OP2   1 
ATOM   609 O "O5'" . DA  C 3 5  ? -24.647 6.606   -0.259  1.00 114.54 ? 5   DA  C "O5'" 1 
ATOM   610 C "C5'" . DA  C 3 5  ? -24.729 7.443   -1.428  1.00 101.35 ? 5   DA  C "C5'" 1 
ATOM   611 C "C4'" . DA  C 3 5  ? -23.773 8.591   -1.257  1.00 102.88 ? 5   DA  C "C4'" 1 
ATOM   612 O "O4'" . DA  C 3 5  ? -23.511 8.836   0.144   1.00 103.28 ? 5   DA  C "O4'" 1 
ATOM   613 C "C3'" . DA  C 3 5  ? -22.415 8.377   -1.898  1.00 96.34  ? 5   DA  C "C3'" 1 
ATOM   614 O "O3'" . DA  C 3 5  ? -22.088 9.682   -2.318  1.00 105.43 ? 5   DA  C "O3'" 1 
ATOM   615 C "C2'" . DA  C 3 5  ? -21.569 7.883   -0.729  1.00 95.37  ? 5   DA  C "C2'" 1 
ATOM   616 C "C1'" . DA  C 3 5  ? -22.107 8.760   0.390   1.00 89.02  ? 5   DA  C "C1'" 1 
ATOM   617 N N9    . DA  C 3 5  ? -21.923 8.273   1.758   1.00 78.50  ? 5   DA  C N9    1 
ATOM   618 C C8    . DA  C 3 5  ? -22.299 7.069   2.303   1.00 77.69  ? 5   DA  C C8    1 
ATOM   619 N N7    . DA  C 3 5  ? -22.026 6.962   3.584   1.00 69.99  ? 5   DA  C N7    1 
ATOM   620 C C5    . DA  C 3 5  ? -21.464 8.183   3.911   1.00 63.10  ? 5   DA  C C5    1 
ATOM   621 C C6    . DA  C 3 5  ? -20.973 8.693   5.123   1.00 62.03  ? 5   DA  C C6    1 
ATOM   622 N N6    . DA  C 3 5  ? -20.975 8.006   6.258   1.00 58.77  ? 5   DA  C N6    1 
ATOM   623 N N1    . DA  C 3 5  ? -20.472 9.951   5.121   1.00 65.33  ? 5   DA  C N1    1 
ATOM   624 C C2    . DA  C 3 5  ? -20.485 10.635  3.964   1.00 76.52  ? 5   DA  C C2    1 
ATOM   625 N N3    . DA  C 3 5  ? -20.929 10.261  2.760   1.00 70.37  ? 5   DA  C N3    1 
ATOM   626 C C4    . DA  C 3 5  ? -21.413 9.009   2.802   1.00 68.83  ? 5   DA  C C4    1 
ATOM   627 P P     . DG  C 3 6  ? -20.998 9.701   -3.487  1.00 114.01 ? 6   DG  C P     1 
ATOM   628 O OP1   . DG  C 3 6  ? -21.502 10.589  -4.595  1.00 113.86 ? 6   DG  C OP1   1 
ATOM   629 O OP2   . DG  C 3 6  ? -20.626 8.265   -3.720  1.00 99.08  ? 6   DG  C OP2   1 
ATOM   630 O "O5'" . DG  C 3 6  ? -19.794 10.449  -2.732  1.00 112.83 ? 6   DG  C "O5'" 1 
ATOM   631 C "C5'" . DG  C 3 6  ? -20.007 10.891  -1.373  1.00 107.04 ? 6   DG  C "C5'" 1 
ATOM   632 C "C4'" . DG  C 3 6  ? -18.904 11.833  -0.982  1.00 105.09 ? 6   DG  C "C4'" 1 
ATOM   633 O "O4'" . DG  C 3 6  ? -18.640 11.690  0.429   1.00 105.28 ? 6   DG  C "O4'" 1 
ATOM   634 C "C3'" . DG  C 3 6  ? -17.572 11.589  -1.677  1.00 98.28  ? 6   DG  C "C3'" 1 
ATOM   635 O "O3'" . DG  C 3 6  ? -16.867 12.831  -1.694  1.00 105.92 ? 6   DG  C "O3'" 1 
ATOM   636 C "C2'" . DG  C 3 6  ? -16.949 10.527  -0.773  1.00 91.29  ? 6   DG  C "C2'" 1 
ATOM   637 C "C1'" . DG  C 3 6  ? -17.467 10.904  0.613   1.00 84.28  ? 6   DG  C "C1'" 1 
ATOM   638 N N9    . DG  C 3 6  ? -17.844 9.759   1.429   1.00 64.12  ? 6   DG  C N9    1 
ATOM   639 C C8    . DG  C 3 6  ? -18.515 8.647   0.980   1.00 68.08  ? 6   DG  C C8    1 
ATOM   640 N N7    . DG  C 3 6  ? -18.720 7.745   1.916   1.00 63.42  ? 6   DG  C N7    1 
ATOM   641 C C5    . DG  C 3 6  ? -18.146 8.307   3.047   1.00 52.37  ? 6   DG  C C5    1 
ATOM   642 C C6    . DG  C 3 6  ? -18.072 7.783   4.355   1.00 53.79  ? 6   DG  C C6    1 
ATOM   643 O O6    . DG  C 3 6  ? -18.497 6.697   4.759   1.00 67.20  ? 6   DG  C O6    1 
ATOM   644 N N1    . DG  C 3 6  ? -17.418 8.645   5.221   1.00 46.39  ? 6   DG  C N1    1 
ATOM   645 C C2    . DG  C 3 6  ? -16.906 9.863   4.861   1.00 56.11  ? 6   DG  C C2    1 
ATOM   646 N N2    . DG  C 3 6  ? -16.308 10.524  5.857   1.00 54.65  ? 6   DG  C N2    1 
ATOM   647 N N3    . DG  C 3 6  ? -16.966 10.387  3.618   1.00 51.05  ? 6   DG  C N3    1 
ATOM   648 C C4    . DG  C 3 6  ? -17.604 9.545   2.766   1.00 53.06  ? 6   DG  C C4    1 
ATOM   649 P P     . DT  C 3 7  ? -15.420 12.736  -2.383  1.00 107.93 ? 7   DT  C P     1 
ATOM   650 O OP1   . DT  C 3 7  ? -15.021 14.073  -2.960  1.00 91.72  ? 7   DT  C OP1   1 
ATOM   651 O OP2   . DT  C 3 7  ? -15.357 11.421  -3.124  1.00 89.60  ? 7   DT  C OP2   1 
ATOM   652 O "O5'" . DT  C 3 7  ? -14.619 12.625  -1.008  1.00 89.55  ? 7   DT  C "O5'" 1 
ATOM   653 C "C5'" . DT  C 3 7  ? -14.646 13.794  -0.193  1.00 88.05  ? 7   DT  C "C5'" 1 
ATOM   654 C "C4'" . DT  C 3 7  ? -13.760 13.504  0.976   1.00 87.35  ? 7   DT  C "C4'" 1 
ATOM   655 O "O4'" . DT  C 3 7  ? -14.208 12.279  1.580   1.00 77.51  ? 7   DT  C "O4'" 1 
ATOM   656 C "C3'" . DT  C 3 7  ? -12.287 13.297  0.617   1.00 79.25  ? 7   DT  C "C3'" 1 
ATOM   657 O "O3'" . DT  C 3 7  ? -11.514 14.254  1.326   1.00 79.54  ? 7   DT  C "O3'" 1 
ATOM   658 C "C2'" . DT  C 3 7  ? -11.986 11.888  1.107   1.00 74.15  ? 7   DT  C "C2'" 1 
ATOM   659 C "C1'" . DT  C 3 7  ? -13.060 11.694  2.151   1.00 66.70  ? 7   DT  C "C1'" 1 
ATOM   660 N N1    . DT  C 3 7  ? -13.454 10.324  2.452   1.00 61.58  ? 7   DT  C N1    1 
ATOM   661 C C2    . DT  C 3 7  ? -13.261 9.890   3.746   1.00 63.07  ? 7   DT  C C2    1 
ATOM   662 O O2    . DT  C 3 7  ? -12.716 10.587  4.594   1.00 72.08  ? 7   DT  C O2    1 
ATOM   663 N N3    . DT  C 3 7  ? -13.714 8.617   4.004   1.00 59.74  ? 7   DT  C N3    1 
ATOM   664 C C4    . DT  C 3 7  ? -14.350 7.771   3.111   1.00 64.06  ? 7   DT  C C4    1 
ATOM   665 O O4    . DT  C 3 7  ? -14.708 6.644   3.468   1.00 60.06  ? 7   DT  C O4    1 
ATOM   666 C C5    . DT  C 3 7  ? -14.530 8.302   1.775   1.00 59.82  ? 7   DT  C C5    1 
ATOM   667 C C7    . DT  C 3 7  ? -15.195 7.418   0.767   1.00 60.88  ? 7   DT  C C7    1 
ATOM   668 C C6    . DT  C 3 7  ? -14.104 9.551   1.508   1.00 53.79  ? 7   DT  C C6    1 
ATOM   669 P P     . DG  C 3 8  ? -9.975  14.240  0.869   1.00 84.96  ? 8   DG  C P     1 
ATOM   670 O OP1   . DG  C 3 8  ? -9.605  15.685  0.959   1.00 94.24  ? 8   DG  C OP1   1 
ATOM   671 O OP2   . DG  C 3 8  ? -9.787  13.469  -0.415  1.00 83.93  ? 8   DG  C OP2   1 
ATOM   672 O "O5'" . DG  C 3 8  ? -9.293  13.498  2.117   1.00 65.76  ? 8   DG  C "O5'" 1 
ATOM   673 C "C5'" . DG  C 3 8  ? -9.590  14.073  3.397   1.00 66.09  ? 8   DG  C "C5'" 1 
ATOM   674 C "C4'" . DG  C 3 8  ? -8.812  13.343  4.455   1.00 72.36  ? 8   DG  C "C4'" 1 
ATOM   675 O "O4'" . DG  C 3 8  ? -9.363  12.018  4.646   1.00 72.41  ? 8   DG  C "O4'" 1 
ATOM   676 C "C3'" . DG  C 3 8  ? -7.338  13.154  4.127   1.00 72.65  ? 8   DG  C "C3'" 1 
ATOM   677 O "O3'" . DG  C 3 8  ? -6.641  13.202  5.362   1.00 70.81  ? 8   DG  C "O3'" 1 
ATOM   678 C "C2'" . DG  C 3 8  ? -7.327  11.758  3.511   1.00 76.56  ? 8   DG  C "C2'" 1 
ATOM   679 C "C1'" . DG  C 3 8  ? -8.373  11.037  4.347   1.00 69.75  ? 8   DG  C "C1'" 1 
ATOM   680 N N9    . DG  C 3 8  ? -9.085  9.943   3.693   1.00 66.46  ? 8   DG  C N9    1 
ATOM   681 C C8    . DG  C 3 8  ? -9.591  9.897   2.415   1.00 65.69  ? 8   DG  C C8    1 
ATOM   682 N N7    . DG  C 3 8  ? -10.242 8.783   2.154   1.00 59.26  ? 8   DG  C N7    1 
ATOM   683 C C5    . DG  C 3 8  ? -10.166 8.072   3.342   1.00 49.20  ? 8   DG  C C5    1 
ATOM   684 C C6    . DG  C 3 8  ? -10.713 6.819   3.658   1.00 53.20  ? 8   DG  C C6    1 
ATOM   685 O O6    . DG  C 3 8  ? -11.369 6.076   2.917   1.00 64.97  ? 8   DG  C O6    1 
ATOM   686 N N1    . DG  C 3 8  ? -10.435 6.461   4.969   1.00 50.10  ? 8   DG  C N1    1 
ATOM   687 C C2    . DG  C 3 8  ? -9.719  7.221   5.856   1.00 54.09  ? 8   DG  C C2    1 
ATOM   688 N N2    . DG  C 3 8  ? -9.587  6.719   7.091   1.00 52.61  ? 8   DG  C N2    1 
ATOM   689 N N3    . DG  C 3 8  ? -9.191  8.406   5.564   1.00 52.41  ? 8   DG  C N3    1 
ATOM   690 C C4    . DG  C 3 8  ? -9.459  8.764   4.292   1.00 52.77  ? 8   DG  C C4    1 
ATOM   691 P P     . DT  C 3 9  ? -5.048  13.329  5.235   1.00 77.44  ? 9   DT  C P     1 
ATOM   692 O OP1   . DT  C 3 9  ? -4.614  14.359  6.238   1.00 79.71  ? 9   DT  C OP1   1 
ATOM   693 O OP2   . DT  C 3 9  ? -4.619  13.349  3.788   1.00 66.30  ? 9   DT  C OP2   1 
ATOM   694 O "O5'" . DT  C 3 9  ? -4.574  11.922  5.837   1.00 68.20  ? 9   DT  C "O5'" 1 
ATOM   695 C "C5'" . DT  C 3 9  ? -4.864  11.616  7.215   1.00 58.97  ? 9   DT  C "C5'" 1 
ATOM   696 C "C4'" . DT  C 3 9  ? -4.574  10.154  7.361   1.00 58.82  ? 9   DT  C "C4'" 1 
ATOM   697 O "O4'" . DT  C 3 9  ? -5.469  9.395   6.514   1.00 68.87  ? 9   DT  C "O4'" 1 
ATOM   698 C "C3'" . DT  C 3 9  ? -3.185  9.791   6.864   1.00 59.81  ? 9   DT  C "C3'" 1 
ATOM   699 O "O3'" . DT  C 3 9  ? -2.425  9.350   7.980   1.00 47.42  ? 9   DT  C "O3'" 1 
ATOM   700 C "C2'" . DT  C 3 9  ? -3.405  8.688   5.823   1.00 56.96  ? 9   DT  C "C2'" 1 
ATOM   701 C "C1'" . DT  C 3 9  ? -4.797  8.200   6.135   1.00 53.50  ? 9   DT  C "C1'" 1 
ATOM   702 N N1    . DT  C 3 9  ? -5.547  7.586   5.017   1.00 49.80  ? 9   DT  C N1    1 
ATOM   703 C C2    . DT  C 3 9  ? -6.165  6.378   5.237   1.00 51.22  ? 9   DT  C C2    1 
ATOM   704 O O2    . DT  C 3 9  ? -6.079  5.781   6.296   1.00 50.08  ? 9   DT  C O2    1 
ATOM   705 N N3    . DT  C 3 9  ? -6.887  5.890   4.176   1.00 50.85  ? 9   DT  C N3    1 
ATOM   706 C C4    . DT  C 3 9  ? -7.069  6.504   2.955   1.00 48.64  ? 9   DT  C C4    1 
ATOM   707 O O4    . DT  C 3 9  ? -7.726  5.992   2.060   1.00 57.22  ? 9   DT  C O4    1 
ATOM   708 C C5    . DT  C 3 9  ? -6.412  7.752   2.792   1.00 42.86  ? 9   DT  C C5    1 
ATOM   709 C C7    . DT  C 3 9  ? -6.628  8.429   1.477   1.00 43.28  ? 9   DT  C C7    1 
ATOM   710 C C6    . DT  C 3 9  ? -5.699  8.241   3.814   1.00 49.00  ? 9   DT  C C6    1 
ATOM   711 P P     . DG  D 4 1  ? 6.253   -13.560 -7.996  1.00 77.62  ? 10  DG  D P     1 
ATOM   712 O OP1   . DG  D 4 1  ? 5.342   -14.576 -8.646  1.00 78.23  ? 10  DG  D OP1   1 
ATOM   713 O OP2   . DG  D 4 1  ? 5.878   -13.291 -6.533  1.00 58.97  ? 10  DG  D OP2   1 
ATOM   714 O "O5'" . DG  D 4 1  ? 5.841   -12.283 -8.827  1.00 73.32  ? 10  DG  D "O5'" 1 
ATOM   715 C "C5'" . DG  D 4 1  ? 4.447   -12.058 -9.088  1.00 72.51  ? 10  DG  D "C5'" 1 
ATOM   716 C "C4'" . DG  D 4 1  ? 4.333   -10.628 -9.533  1.00 74.92  ? 10  DG  D "C4'" 1 
ATOM   717 O "O4'" . DG  D 4 1  ? 3.879   -9.834  -8.424  1.00 73.05  ? 10  DG  D "O4'" 1 
ATOM   718 C "C3'" . DG  D 4 1  ? 5.669   -10.037 -9.958  1.00 75.04  ? 10  DG  D "C3'" 1 
ATOM   719 O "O3'" . DG  D 4 1  ? 5.871   -10.305 -11.351 1.00 73.78  ? 10  DG  D "O3'" 1 
ATOM   720 C "C2'" . DG  D 4 1  ? 5.482   -8.560  -9.624  1.00 70.65  ? 10  DG  D "C2'" 1 
ATOM   721 C "C1'" . DG  D 4 1  ? 4.572   -8.593  -8.408  1.00 66.98  ? 10  DG  D "C1'" 1 
ATOM   722 N N9    . DG  D 4 1  ? 5.199   -8.472  -7.096  1.00 61.81  ? 10  DG  D N9    1 
ATOM   723 C C8    . DG  D 4 1  ? 5.283   -9.386  -6.081  1.00 61.81  ? 10  DG  D C8    1 
ATOM   724 N N7    . DG  D 4 1  ? 5.823   -8.904  -4.982  1.00 56.47  ? 10  DG  D N7    1 
ATOM   725 C C5    . DG  D 4 1  ? 6.103   -7.588  -5.298  1.00 52.18  ? 10  DG  D C5    1 
ATOM   726 C C6    . DG  D 4 1  ? 6.684   -6.583  -4.496  1.00 55.27  ? 10  DG  D C6    1 
ATOM   727 O O6    . DG  D 4 1  ? 7.072   -6.671  -3.317  1.00 56.05  ? 10  DG  D O6    1 
ATOM   728 N N1    . DG  D 4 1  ? 6.748   -5.375  -5.189  1.00 52.01  ? 10  DG  D N1    1 
ATOM   729 C C2    . DG  D 4 1  ? 6.312   -5.182  -6.484  1.00 69.60  ? 10  DG  D C2    1 
ATOM   730 N N2    . DG  D 4 1  ? 6.438   -3.944  -6.988  1.00 77.91  ? 10  DG  D N2    1 
ATOM   731 N N3    . DG  D 4 1  ? 5.757   -6.131  -7.242  1.00 58.67  ? 10  DG  D N3    1 
ATOM   732 C C4    . DG  D 4 1  ? 5.704   -7.305  -6.583  1.00 56.03  ? 10  DG  D C4    1 
ATOM   733 P P     . DC  D 4 2  ? 7.417   -10.430 -11.786 1.00 83.92  ? 11  DC  D P     1 
ATOM   734 O OP1   . DC  D 4 2  ? 7.454   -10.703 -13.263 1.00 72.92  ? 11  DC  D OP1   1 
ATOM   735 O OP2   . DC  D 4 2  ? 8.142   -11.336 -10.830 1.00 78.81  ? 11  DC  D OP2   1 
ATOM   736 O "O5'" . DC  D 4 2  ? 7.959   -8.934  -11.538 1.00 72.43  ? 11  DC  D "O5'" 1 
ATOM   737 C "C5'" . DC  D 4 2  ? 7.380   -7.867  -12.328 1.00 76.96  ? 11  DC  D "C5'" 1 
ATOM   738 C "C4'" . DC  D 4 2  ? 8.160   -6.591  -12.119 1.00 78.41  ? 11  DC  D "C4'" 1 
ATOM   739 O "O4'" . DC  D 4 2  ? 8.070   -6.170  -10.736 1.00 74.28  ? 11  DC  D "O4'" 1 
ATOM   740 C "C3'" . DC  D 4 2  ? 9.641   -6.700  -12.476 1.00 80.80  ? 11  DC  D "C3'" 1 
ATOM   741 O "O3'" . DC  D 4 2  ? 10.005  -5.584  -13.291 1.00 82.72  ? 11  DC  D "O3'" 1 
ATOM   742 C "C2'" . DC  D 4 2  ? 10.342  -6.694  -11.120 1.00 83.80  ? 11  DC  D "C2'" 1 
ATOM   743 C "C1'" . DC  D 4 2  ? 9.348   -6.050  -10.159 1.00 71.30  ? 11  DC  D "C1'" 1 
ATOM   744 N N1    . DC  D 4 2  ? 9.303   -6.700  -8.827  1.00 58.47  ? 11  DC  D N1    1 
ATOM   745 C C2    . DC  D 4 2  ? 9.619   -5.947  -7.703  1.00 60.85  ? 11  DC  D C2    1 
ATOM   746 O O2    . DC  D 4 2  ? 9.897   -4.751  -7.865  1.00 67.78  ? 11  DC  D O2    1 
ATOM   747 N N3    . DC  D 4 2  ? 9.616   -6.534  -6.483  1.00 57.75  ? 11  DC  D N3    1 
ATOM   748 C C4    . DC  D 4 2  ? 9.317   -7.829  -6.364  1.00 63.23  ? 11  DC  D C4    1 
ATOM   749 N N4    . DC  D 4 2  ? 9.326   -8.360  -5.151  1.00 70.24  ? 11  DC  D N4    1 
ATOM   750 C C5    . DC  D 4 2  ? 9.029   -8.624  -7.501  1.00 62.21  ? 11  DC  D C5    1 
ATOM   751 C C6    . DC  D 4 2  ? 9.039   -8.022  -8.700  1.00 62.08  ? 11  DC  D C6    1 
ATOM   752 P P     . DA  D 4 3  ? 11.547  -5.544  -13.745 1.00 98.70  ? 12  DA  D P     1 
ATOM   753 O OP1   . DA  D 4 3  ? 11.581  -4.815  -15.059 1.00 102.49 ? 12  DA  D OP1   1 
ATOM   754 O OP2   . DA  D 4 3  ? 12.219  -6.887  -13.603 1.00 80.17  ? 12  DA  D OP2   1 
ATOM   755 O "O5'" . DA  D 4 3  ? 12.110  -4.543  -12.625 1.00 79.29  ? 12  DA  D "O5'" 1 
ATOM   756 C "C5'" . DA  D 4 3  ? 11.596  -3.200  -12.634 1.00 82.51  ? 12  DA  D "C5'" 1 
ATOM   757 C "C4'" . DA  D 4 3  ? 12.264  -2.446  -11.513 1.00 94.73  ? 12  DA  D "C4'" 1 
ATOM   758 O "O4'" . DA  D 4 3  ? 12.095  -3.160  -10.268 1.00 88.85  ? 12  DA  D "O4'" 1 
ATOM   759 C "C3'" . DA  D 4 3  ? 13.766  -2.288  -11.688 1.00 101.79 ? 12  DA  D "C3'" 1 
ATOM   760 O "O3'" . DA  D 4 3  ? 14.200  -1.063  -11.124 1.00 106.33 ? 12  DA  D "O3'" 1 
ATOM   761 C "C2'" . DA  D 4 3  ? 14.313  -3.458  -10.884 1.00 95.37  ? 12  DA  D "C2'" 1 
ATOM   762 C "C1'" . DA  D 4 3  ? 13.375  -3.418  -9.706  1.00 78.80  ? 12  DA  D "C1'" 1 
ATOM   763 N N9    . DA  D 4 3  ? 13.298  -4.665  -8.972  1.00 70.02  ? 12  DA  D N9    1 
ATOM   764 C C8    . DA  D 4 3  ? 13.047  -5.947  -9.391  1.00 68.02  ? 12  DA  D C8    1 
ATOM   765 N N7    . DA  D 4 3  ? 13.033  -6.816  -8.405  1.00 64.02  ? 12  DA  D N7    1 
ATOM   766 C C5    . DA  D 4 3  ? 13.300  -6.062  -7.271  1.00 60.48  ? 12  DA  D C5    1 
ATOM   767 C C6    . DA  D 4 3  ? 13.428  -6.389  -5.905  1.00 63.94  ? 12  DA  D C6    1 
ATOM   768 N N6    . DA  D 4 3  ? 13.317  -7.617  -5.426  1.00 69.60  ? 12  DA  D N6    1 
ATOM   769 N N1    . DA  D 4 3  ? 13.658  -5.391  -5.021  1.00 63.93  ? 12  DA  D N1    1 
ATOM   770 C C2    . DA  D 4 3  ? 13.774  -4.146  -5.504  1.00 74.14  ? 12  DA  D C2    1 
ATOM   771 N N3    . DA  D 4 3  ? 13.692  -3.715  -6.765  1.00 72.65  ? 12  DA  D N3    1 
ATOM   772 C C4    . DA  D 4 3  ? 13.444  -4.732  -7.608  1.00 67.66  ? 12  DA  D C4    1 
ATOM   773 P P     . DA  D 4 4  ? 15.376  -0.516  -12.071 1.00 114.67 ? 13  DA  D P     1 
ATOM   774 O OP1   . DA  D 4 4  ? 14.802  0.433   -13.101 1.00 96.47  ? 13  DA  D OP1   1 
ATOM   775 O OP2   . DA  D 4 4  ? 16.298  -1.622  -12.525 1.00 88.69  ? 13  DA  D OP2   1 
ATOM   776 O "O5'" . DA  D 4 4  ? 16.194  0.151   -10.868 1.00 86.30  ? 13  DA  D "O5'" 1 
ATOM   777 C "C5'" . DA  D 4 4  ? 17.065  -0.715  -10.153 1.00 76.18  ? 13  DA  D "C5'" 1 
ATOM   778 C "C4'" . DA  D 4 4  ? 16.935  -0.387  -8.697  1.00 85.39  ? 13  DA  D "C4'" 1 
ATOM   779 O "O4'" . DA  D 4 4  ? 16.223  -1.453  -8.041  1.00 95.46  ? 13  DA  D "O4'" 1 
ATOM   780 C "C3'" . DA  D 4 4  ? 18.286  -0.264  -8.015  1.00 101.86 ? 13  DA  D "C3'" 1 
ATOM   781 O "O3'" . DA  D 4 4  ? 18.299  0.776   -7.050  1.00 110.23 ? 13  DA  D "O3'" 1 
ATOM   782 C "C2'" . DA  D 4 4  ? 18.488  -1.632  -7.376  1.00 98.98  ? 13  DA  D "C2'" 1 
ATOM   783 C "C1'" . DA  D 4 4  ? 17.082  -2.123  -7.118  1.00 92.05  ? 13  DA  D "C1'" 1 
ATOM   784 N N9    . DA  D 4 4  ? 16.908  -3.569  -7.291  1.00 88.02  ? 13  DA  D N9    1 
ATOM   785 C C8    . DA  D 4 4  ? 16.561  -4.294  -8.409  1.00 93.75  ? 13  DA  D C8    1 
ATOM   786 N N7    . DA  D 4 4  ? 16.459  -5.587  -8.190  1.00 87.08  ? 13  DA  D N7    1 
ATOM   787 C C5    . DA  D 4 4  ? 16.744  -5.726  -6.836  1.00 79.30  ? 13  DA  D C5    1 
ATOM   788 C C6    . DA  D 4 4  ? 16.765  -6.842  -5.972  1.00 80.81  ? 13  DA  D C6    1 
ATOM   789 N N6    . DA  D 4 4  ? 16.507  -8.079  -6.366  1.00 86.31  ? 13  DA  D N6    1 
ATOM   790 N N1    . DA  D 4 4  ? 17.071  -6.640  -4.668  1.00 76.48  ? 13  DA  D N1    1 
ATOM   791 C C2    . DA  D 4 4  ? 17.335  -5.390  -4.279  1.00 81.99  ? 13  DA  D C2    1 
ATOM   792 N N3    . DA  D 4 4  ? 17.334  -4.262  -4.996  1.00 82.76  ? 13  DA  D N3    1 
ATOM   793 C C4    . DA  D 4 4  ? 17.028  -4.496  -6.278  1.00 77.76  ? 13  DA  D C4    1 
ATOM   794 P P     . DT  D 4 5  ? 19.720  1.524   -7.183  1.00 106.66 ? 14  DT  D P     1 
ATOM   795 O OP1   . DT  D 4 5  ? 19.572  2.961   -6.769  1.00 110.93 ? 14  DT  D OP1   1 
ATOM   796 O OP2   . DT  D 4 5  ? 20.334  1.248   -8.531  1.00 104.96 ? 14  DT  D OP2   1 
ATOM   797 O "O5'" . DT  D 4 5  ? 20.526  0.735   -6.042  1.00 84.98  ? 14  DT  D "O5'" 1 
ATOM   798 C "C5'" . DT  D 4 5  ? 20.025  0.880   -4.714  1.00 78.47  ? 14  DT  D "C5'" 1 
ATOM   799 C "C4'" . DT  D 4 5  ? 20.337  -0.373  -3.954  1.00 88.90  ? 14  DT  D "C4'" 1 
ATOM   800 O "O4'" . DT  D 4 5  ? 19.916  -1.567  -4.657  1.00 96.37  ? 14  DT  D "O4'" 1 
ATOM   801 C "C3'" . DT  D 4 5  ? 21.818  -0.571  -3.687  1.00 91.59  ? 14  DT  D "C3'" 1 
ATOM   802 O "O3'" . DT  D 4 5  ? 21.962  -0.836  -2.310  1.00 100.30 ? 14  DT  D "O3'" 1 
ATOM   803 C "C2'" . DT  D 4 5  ? 22.157  -1.856  -4.419  1.00 101.22 ? 14  DT  D "C2'" 1 
ATOM   804 C "C1'" . DT  D 4 5  ? 20.835  -2.572  -4.253  1.00 95.07  ? 14  DT  D "C1'" 1 
ATOM   805 N N1    . DT  D 4 5  ? 20.647  -3.810  -5.044  1.00 90.57  ? 14  DT  D N1    1 
ATOM   806 C C2    . DT  D 4 5  ? 20.663  -5.010  -4.354  1.00 91.90  ? 14  DT  D C2    1 
ATOM   807 O O2    . DT  D 4 5  ? 20.825  -5.076  -3.141  1.00 96.20  ? 14  DT  D O2    1 
ATOM   808 N N3    . DT  D 4 5  ? 20.494  -6.127  -5.132  1.00 81.93  ? 14  DT  D N3    1 
ATOM   809 C C4    . DT  D 4 5  ? 20.305  -6.159  -6.502  1.00 85.50  ? 14  DT  D C4    1 
ATOM   810 O O4    . DT  D 4 5  ? 20.143  -7.235  -7.070  1.00 91.21  ? 14  DT  D O4    1 
ATOM   811 C C5    . DT  D 4 5  ? 20.316  -4.877  -7.164  1.00 75.49  ? 14  DT  D C5    1 
ATOM   812 C C7    . DT  D 4 5  ? 20.125  -4.851  -8.648  1.00 72.69  ? 14  DT  D C7    1 
ATOM   813 C C6    . DT  D 4 5  ? 20.481  -3.775  -6.415  1.00 80.90  ? 14  DT  D C6    1 
ATOM   814 P P     . DT  D 4 6  ? 23.306  -0.075  -1.905  1.00 108.27 ? 15  DT  D P     1 
ATOM   815 O OP1   . DT  D 4 6  ? 23.064  0.824   -0.723  1.00 108.13 ? 15  DT  D OP1   1 
ATOM   816 O OP2   . DT  D 4 6  ? 23.972  0.440   -3.158  1.00 97.92  ? 15  DT  D OP2   1 
ATOM   817 O "O5'" . DT  D 4 6  ? 24.057  -1.381  -1.368  1.00 90.53  ? 15  DT  D "O5'" 1 
ATOM   818 C "C5'" . DT  D 4 6  ? 23.824  -1.802  -0.023  1.00 77.70  ? 15  DT  D "C5'" 1 
ATOM   819 C "C4'" . DT  D 4 6  ? 24.201  -3.247  -0.019  1.00 82.30  ? 15  DT  D "C4'" 1 
ATOM   820 O "O4'" . DT  D 4 6  ? 23.578  -3.881  -1.153  1.00 90.41  ? 15  DT  D "O4'" 1 
ATOM   821 C "C3'" . DT  D 4 6  ? 25.678  -3.502  -0.269  1.00 94.54  ? 15  DT  D "C3'" 1 
ATOM   822 O "O3'" . DT  D 4 6  ? 26.493  -3.280  0.890   1.00 101.74 ? 15  DT  D "O3'" 1 
ATOM   823 C "C2'" . DT  D 4 6  ? 25.672  -4.929  -0.819  1.00 91.20  ? 15  DT  D "C2'" 1 
ATOM   824 C "C1'" . DT  D 4 6  ? 24.243  -5.133  -1.315  1.00 91.64  ? 15  DT  D "C1'" 1 
ATOM   825 N N1    . DT  D 4 6  ? 24.124  -5.558  -2.730  1.00 80.88  ? 15  DT  D N1    1 
ATOM   826 C C2    . DT  D 4 6  ? 23.971  -6.905  -3.000  1.00 79.33  ? 15  DT  D C2    1 
ATOM   827 O O2    . DT  D 4 6  ? 23.966  -7.765  -2.129  1.00 81.21  ? 15  DT  D O2    1 
ATOM   828 N N3    . DT  D 4 6  ? 23.837  -7.220  -4.333  1.00 80.41  ? 15  DT  D N3    1 
ATOM   829 C C4    . DT  D 4 6  ? 23.846  -6.343  -5.402  1.00 81.60  ? 15  DT  D C4    1 
ATOM   830 O O4    . DT  D 4 6  ? 23.720  -6.765  -6.554  1.00 78.16  ? 15  DT  D O4    1 
ATOM   831 C C5    . DT  D 4 6  ? 24.010  -4.951  -5.052  1.00 85.17  ? 15  DT  D C5    1 
ATOM   832 C C7    . DT  D 4 6  ? 24.038  -3.946  -6.167  1.00 90.90  ? 15  DT  D C7    1 
ATOM   833 C C6    . DT  D 4 6  ? 24.125  -4.625  -3.748  1.00 81.66  ? 15  DT  D C6    1 
ATOM   834 P P     . DG  D 4 7  ? 26.424  -4.181  2.221   1.00 115.24 ? 16  DG  D P     1 
ATOM   835 O OP1   . DG  D 4 7  ? 25.010  -4.224  2.726   1.00 126.22 ? 16  DG  D OP1   1 
ATOM   836 O OP2   . DG  D 4 7  ? 27.510  -3.744  3.167   1.00 119.65 ? 16  DG  D OP2   1 
ATOM   837 O "O5'" . DG  D 4 7  ? 26.875  -5.653  1.782   1.00 96.66  ? 16  DG  D "O5'" 1 
ATOM   838 C "C5'" . DG  D 4 7  ? 26.652  -6.710  2.733   1.00 97.78  ? 16  DG  D "C5'" 1 
ATOM   839 C "C4'" . DG  D 4 7  ? 27.060  -7.992  2.067   1.00 106.35 ? 16  DG  D "C4'" 1 
ATOM   840 O "O4'" . DG  D 4 7  ? 26.623  -7.951  0.688   1.00 107.62 ? 16  DG  D "O4'" 1 
ATOM   841 C "C3'" . DG  D 4 7  ? 28.573  -8.213  2.042   1.00 107.76 ? 16  DG  D "C3'" 1 
ATOM   842 O "O3'" . DG  D 4 7  ? 28.885  -9.523  2.508   1.00 117.55 ? 16  DG  D "O3'" 1 
ATOM   843 C "C2'" . DG  D 4 7  ? 28.921  -8.034  0.567   1.00 98.55  ? 16  DG  D "C2'" 1 
ATOM   844 C "C1'" . DG  D 4 7  ? 27.656  -8.525  -0.099  1.00 92.97  ? 16  DG  D "C1'" 1 
ATOM   845 N N9    . DG  D 4 7  ? 27.494  -8.105  -1.485  1.00 91.39  ? 16  DG  D N9    1 
ATOM   846 C C8    . DG  D 4 7  ? 27.627  -6.841  -2.004  1.00 93.48  ? 16  DG  D C8    1 
ATOM   847 N N7    . DG  D 4 7  ? 27.429  -6.786  -3.304  1.00 83.80  ? 16  DG  D N7    1 
ATOM   848 C C5    . DG  D 4 7  ? 27.165  -8.103  -3.660  1.00 72.67  ? 16  DG  D C5    1 
ATOM   849 C C6    . DG  D 4 7  ? 26.876  -8.653  -4.929  1.00 71.86  ? 16  DG  D C6    1 
ATOM   850 O O6    . DG  D 4 7  ? 26.784  -8.060  -6.011  1.00 70.09  ? 16  DG  D O6    1 
ATOM   851 N N1    . DG  D 4 7  ? 26.653  -10.027 -4.851  1.00 74.49  ? 16  DG  D N1    1 
ATOM   852 C C2    . DG  D 4 7  ? 26.714  -10.771 -3.694  1.00 84.98  ? 16  DG  D C2    1 
ATOM   853 N N2    . DG  D 4 7  ? 26.459  -12.083 -3.807  1.00 88.78  ? 16  DG  D N2    1 
ATOM   854 N N3    . DG  D 4 7  ? 26.977  -10.256 -2.489  1.00 78.15  ? 16  DG  D N3    1 
ATOM   855 C C4    . DG  D 4 7  ? 27.199  -8.923  -2.552  1.00 81.14  ? 16  DG  D C4    1 
HETATM 856 N N1    . DAP E 5 .  ? 19.800  -4.403  -0.665  1.00 95.56  ? 101 DAP D N1    1 
HETATM 857 C C2    . DAP E 5 .  ? 20.391  -4.577  0.576   1.00 93.10  ? 101 DAP D C2    1 
HETATM 858 C C3    . DAP E 5 .  ? 20.107  -3.490  1.349   1.00 99.53  ? 101 DAP D C3    1 
HETATM 859 C C4    . DAP E 5 .  ? 18.708  -1.357  0.795   1.00 99.05  ? 101 DAP D C4    1 
HETATM 860 C C5    . DAP E 5 .  ? 17.967  -0.772  -0.210  1.00 89.87  ? 101 DAP D C5    1 
HETATM 861 C C6    . DAP E 5 .  ? 17.794  -1.385  -1.448  1.00 85.78  ? 101 DAP D C6    1 
HETATM 862 C C7    . DAP E 5 .  ? 18.370  -2.614  -1.692  1.00 89.71  ? 101 DAP D C7    1 
HETATM 863 C C8    . DAP E 5 .  ? 19.118  -3.209  -0.687  1.00 95.77  ? 101 DAP D C8    1 
HETATM 864 C C9    . DAP E 5 .  ? 19.304  -2.603  0.572   1.00 100.07 ? 101 DAP D C9    1 
HETATM 865 C C10   . DAP E 5 .  ? 16.994  -0.703  -2.499  1.00 94.08  ? 101 DAP D C10   1 
HETATM 866 N N2    . DAP E 5 .  ? 17.286  0.451   -2.983  1.00 97.72  ? 101 DAP D N2    1 
HETATM 867 N N3    . DAP E 5 .  ? 15.901  -1.328  -2.966  1.00 95.38  ? 101 DAP D N3    1 
HETATM 868 C "C1'" . DAP E 5 .  ? 21.145  -5.795  0.861   1.00 93.27  ? 101 DAP D "C1'" 1 
HETATM 869 C "C2'" . DAP E 5 .  ? 21.559  -6.141  2.148   1.00 86.38  ? 101 DAP D "C2'" 1 
HETATM 870 C "C3'" . DAP E 5 .  ? 22.244  -7.332  2.371   1.00 89.62  ? 101 DAP D "C3'" 1 
HETATM 871 C "C4'" . DAP E 5 .  ? 22.513  -8.209  1.315   1.00 103.02 ? 101 DAP D "C4'" 1 
HETATM 872 C "C5'" . DAP E 5 .  ? 22.071  -7.871  0.040   1.00 110.03 ? 101 DAP D "C5'" 1 
HETATM 873 C "C6'" . DAP E 5 .  ? 21.394  -6.686  -0.180  1.00 103.39 ? 101 DAP D "C6'" 1 
HETATM 874 C C11   . DAP E 5 .  ? 23.276  -9.475  1.504   1.00 104.72 ? 101 DAP D C11   1 
HETATM 875 N N4    . DAP E 5 .  ? 23.475  -9.918  2.760   1.00 116.30 ? 101 DAP D N4    1 
HETATM 876 N N5    . DAP E 5 .  ? 23.789  -10.151 0.515   1.00 102.80 ? 101 DAP D N5    1 
HETATM 877 O O     . HOH F 6 .  ? -29.210 9.548   4.648   1.00 79.91  ? 101 HOH C O     1 
HETATM 878 O O     . HOH G 6 .  ? 6.997   -9.027  -1.907  1.00 61.01  ? 201 HOH D O     1 
# 
loop_
_pdbx_poly_seq_scheme.asym_id 
_pdbx_poly_seq_scheme.entity_id 
_pdbx_poly_seq_scheme.seq_id 
_pdbx_poly_seq_scheme.mon_id 
_pdbx_poly_seq_scheme.ndb_seq_num 
_pdbx_poly_seq_scheme.pdb_seq_num 
_pdbx_poly_seq_scheme.auth_seq_num 
_pdbx_poly_seq_scheme.pdb_mon_id 
_pdbx_poly_seq_scheme.auth_mon_id 
_pdbx_poly_seq_scheme.pdb_strand_id 
_pdbx_poly_seq_scheme.pdb_ins_code 
_pdbx_poly_seq_scheme.hetero 
A 1 1  DG 1  1  1  DG DG A . n 
A 1 2  DA 2  2  2  DA DA A . n 
A 1 3  DC 3  3  3  DC DC A . n 
A 1 4  DA 4  4  4  DA DA A . n 
A 1 5  DA 5  5  5  DA DA A . n 
A 1 6  DT 6  6  6  DT DT A . n 
A 1 7  DT 7  7  7  DT DT A . n 
A 1 8  DG 8  8  8  DG DG A . n 
A 1 9  DC 9  9  9  DC DC A . n 
A 1 10 DT 10 10 10 DT DT A . n 
A 1 11 DG 11 11 11 DG DG A . n 
A 1 12 DA 12 12 12 DA DA A . n 
A 1 13 DC 13 13 13 DC DC A . n 
A 1 14 DG 14 14 14 DG DG A . n 
A 1 15 DA 15 15 15 DA DA A . n 
A 1 16 DC 16 16 16 DC DC A . n 
A 1 17 DA 17 17 17 DA DA A . n 
A 1 18 DC 18 18 18 DC DC A . n 
A 1 19 DT 19 19 19 DT DT A . n 
A 1 20 DC 20 20 20 DC DC A . n 
A 1 21 DA 21 21 21 DA DA A . n 
B 2 1  DC 1  1  1  DC DC B . n 
B 2 2  DG 2  2  2  DG DG B . n 
B 2 3  DT 3  3  3  DT DT B . n 
B 2 4  DC 4  4  4  DC DC B . n 
B 2 5  DA 5  5  5  DA DA B . n 
C 3 1  DT 1  1  1  DT DT C . n 
C 3 2  DC 2  2  2  DC DC C . n 
C 3 3  DT 3  3  3  DT DT C . n 
C 3 4  DG 4  4  4  DG DG C . n 
C 3 5  DA 5  5  5  DA DA C . n 
C 3 6  DG 6  6  6  DG DG C . n 
C 3 7  DT 7  7  7  DT DT C . n 
C 3 8  DG 8  8  8  DG DG C . n 
C 3 9  DT 9  9  9  DT DT C . n 
D 4 1  DG 1  10 10 DG DG D . n 
D 4 2  DC 2  11 11 DC DC D . n 
D 4 3  DA 3  12 12 DA DA D . n 
D 4 4  DA 4  13 13 DA DA D . n 
D 4 5  DT 5  14 14 DT DT D . n 
D 4 6  DT 6  15 15 DT DT D . n 
D 4 7  DG 7  16 16 DG DG D . n 
# 
_pdbx_contact_author.id                 2 
_pdbx_contact_author.email              hao.yan@asu.edu 
_pdbx_contact_author.name_first         Hao 
_pdbx_contact_author.name_last          Yan 
_pdbx_contact_author.name_mi            ? 
_pdbx_contact_author.role               'principal investigator/group leader' 
_pdbx_contact_author.identifier_ORCID   0000-0001-7397-9852 
# 
loop_
_pdbx_nonpoly_scheme.asym_id 
_pdbx_nonpoly_scheme.entity_id 
_pdbx_nonpoly_scheme.mon_id 
_pdbx_nonpoly_scheme.ndb_seq_num 
_pdbx_nonpoly_scheme.pdb_seq_num 
_pdbx_nonpoly_scheme.auth_seq_num 
_pdbx_nonpoly_scheme.pdb_mon_id 
_pdbx_nonpoly_scheme.auth_mon_id 
_pdbx_nonpoly_scheme.pdb_strand_id 
_pdbx_nonpoly_scheme.pdb_ins_code 
E 5 DAP 1 101 101 DAP DAP D . 
F 6 HOH 1 101 1   HOH HOH C . 
G 6 HOH 1 201 2   HOH HOH D . 
# 
_pdbx_struct_assembly.id                   1 
_pdbx_struct_assembly.details              author_defined_assembly 
_pdbx_struct_assembly.method_details       ? 
_pdbx_struct_assembly.oligomeric_details   tetrameric 
_pdbx_struct_assembly.oligomeric_count     4 
# 
_pdbx_struct_assembly_gen.assembly_id       1 
_pdbx_struct_assembly_gen.oper_expression   1 
_pdbx_struct_assembly_gen.asym_id_list      A,B,C,D,E,F,G 
# 
_pdbx_struct_oper_list.id                   1 
_pdbx_struct_oper_list.type                 'identity operation' 
_pdbx_struct_oper_list.name                 1_555 
_pdbx_struct_oper_list.symmetry_operation   x,y,z 
_pdbx_struct_oper_list.matrix[1][1]         1.0000000000 
_pdbx_struct_oper_list.matrix[1][2]         0.0000000000 
_pdbx_struct_oper_list.matrix[1][3]         0.0000000000 
_pdbx_struct_oper_list.vector[1]            0.0000000000 
_pdbx_struct_oper_list.matrix[2][1]         0.0000000000 
_pdbx_struct_oper_list.matrix[2][2]         1.0000000000 
_pdbx_struct_oper_list.matrix[2][3]         0.0000000000 
_pdbx_struct_oper_list.vector[2]            0.0000000000 
_pdbx_struct_oper_list.matrix[3][1]         0.0000000000 
_pdbx_struct_oper_list.matrix[3][2]         0.0000000000 
_pdbx_struct_oper_list.matrix[3][3]         1.0000000000 
_pdbx_struct_oper_list.vector[3]            0.0000000000 
# 
_pdbx_audit_revision_history.ordinal             1 
_pdbx_audit_revision_history.data_content_type   'Structure model' 
_pdbx_audit_revision_history.major_revision      1 
_pdbx_audit_revision_history.minor_revision      0 
_pdbx_audit_revision_history.revision_date       2023-12-20 
# 
_pdbx_audit_revision_details.ordinal             1 
_pdbx_audit_revision_details.revision_ordinal    1 
_pdbx_audit_revision_details.data_content_type   'Structure model' 
_pdbx_audit_revision_details.provider            repository 
_pdbx_audit_revision_details.type                'Initial release' 
_pdbx_audit_revision_details.description         ? 
_pdbx_audit_revision_details.details             ? 
# 
loop_
_software.citation_id 
_software.classification 
_software.compiler_name 
_software.compiler_version 
_software.contact_author 
_software.contact_author_email 
_software.date 
_software.description 
_software.dependencies 
_software.hardware 
_software.language 
_software.location 
_software.mods 
_software.name 
_software.os 
_software.os_version 
_software.type 
_software.version 
_software.pdbx_ordinal 
? refinement       ? ? ? ? ? ? ? ? ? ? ? REFMAC   ? ? ? 5.8.0352 1 
? 'data scaling'   ? ? ? ? ? ? ? ? ? ? ? HKL-2000 ? ? ? .        2 
? 'data reduction' ? ? ? ? ? ? ? ? ? ? ? HKL-2000 ? ? ? .        3 
? phasing          ? ? ? ? ? ? ? ? ? ? ? PHASER   ? ? ? .        4 
# 
_pdbx_entry_details.entry_id                 8TB3 
_pdbx_entry_details.has_ligand_of_interest   N 
_pdbx_entry_details.compound_details         ? 
_pdbx_entry_details.source_details           ? 
_pdbx_entry_details.nonpolymer_details       ? 
_pdbx_entry_details.sequence_details         ? 
# 
loop_
_pdbx_validate_symm_contact.id 
_pdbx_validate_symm_contact.PDB_model_num 
_pdbx_validate_symm_contact.auth_atom_id_1 
_pdbx_validate_symm_contact.auth_asym_id_1 
_pdbx_validate_symm_contact.auth_comp_id_1 
_pdbx_validate_symm_contact.auth_seq_id_1 
_pdbx_validate_symm_contact.PDB_ins_code_1 
_pdbx_validate_symm_contact.label_alt_id_1 
_pdbx_validate_symm_contact.site_symmetry_1 
_pdbx_validate_symm_contact.auth_atom_id_2 
_pdbx_validate_symm_contact.auth_asym_id_2 
_pdbx_validate_symm_contact.auth_comp_id_2 
_pdbx_validate_symm_contact.auth_seq_id_2 
_pdbx_validate_symm_contact.PDB_ins_code_2 
_pdbx_validate_symm_contact.label_alt_id_2 
_pdbx_validate_symm_contact.site_symmetry_2 
_pdbx_validate_symm_contact.dist 
1 1 "O3'" C DT 9 ? ? 1_555 OP1   D DG 10 ? ? 2_564 1.68 
2 1 "O3'" C DT 9 ? ? 1_555 OP2   D DG 10 ? ? 2_564 1.76 
3 1 "O3'" C DT 9 ? ? 1_555 P     D DG 10 ? ? 2_564 1.99 
4 1 OP1   B DC 1 ? ? 1_555 "O3'" B DA 5  ? ? 2_564 2.08 
5 1 OP2   B DC 1 ? ? 1_555 "O3'" B DA 5  ? ? 2_564 2.18 
# 
loop_
_pdbx_validate_rmsd_angle.id 
_pdbx_validate_rmsd_angle.PDB_model_num 
_pdbx_validate_rmsd_angle.auth_atom_id_1 
_pdbx_validate_rmsd_angle.auth_asym_id_1 
_pdbx_validate_rmsd_angle.auth_comp_id_1 
_pdbx_validate_rmsd_angle.auth_seq_id_1 
_pdbx_validate_rmsd_angle.PDB_ins_code_1 
_pdbx_validate_rmsd_angle.label_alt_id_1 
_pdbx_validate_rmsd_angle.auth_atom_id_2 
_pdbx_validate_rmsd_angle.auth_asym_id_2 
_pdbx_validate_rmsd_angle.auth_comp_id_2 
_pdbx_validate_rmsd_angle.auth_seq_id_2 
_pdbx_validate_rmsd_angle.PDB_ins_code_2 
_pdbx_validate_rmsd_angle.label_alt_id_2 
_pdbx_validate_rmsd_angle.auth_atom_id_3 
_pdbx_validate_rmsd_angle.auth_asym_id_3 
_pdbx_validate_rmsd_angle.auth_comp_id_3 
_pdbx_validate_rmsd_angle.auth_seq_id_3 
_pdbx_validate_rmsd_angle.PDB_ins_code_3 
_pdbx_validate_rmsd_angle.label_alt_id_3 
_pdbx_validate_rmsd_angle.angle_value 
_pdbx_validate_rmsd_angle.angle_target_value 
_pdbx_validate_rmsd_angle.angle_deviation 
_pdbx_validate_rmsd_angle.angle_standard_deviation 
_pdbx_validate_rmsd_angle.linker_flag 
1  1 "C3'" A DG 1  ? ? "O3'" A DG 1  ? ? P     A DA 2  ? ? 109.18 119.70 -10.52 1.20 Y 
2  1 "C3'" A DA 4  ? ? "O3'" A DA 4  ? ? P     A DA 5  ? ? 112.11 119.70 -7.59  1.20 Y 
3  1 "C3'" A DT 6  ? ? "O3'" A DT 6  ? ? P     A DT 7  ? ? 108.48 119.70 -11.22 1.20 Y 
4  1 "C3'" A DT 7  ? ? "C2'" A DT 7  ? ? "C1'" A DT 7  ? ? 97.12  102.40 -5.28  0.80 N 
5  1 "C3'" A DT 7  ? ? "O3'" A DT 7  ? ? P     A DG 8  ? ? 110.01 119.70 -9.69  1.20 Y 
6  1 "O4'" A DG 8  ? ? "C1'" A DG 8  ? ? N9    A DG 8  ? ? 111.21 108.30 2.91   0.30 N 
7  1 "C3'" A DG 8  ? ? "O3'" A DG 8  ? ? P     A DC 9  ? ? 111.55 119.70 -8.15  1.20 Y 
8  1 "C3'" A DT 10 ? ? "O3'" A DT 10 ? ? P     A DG 11 ? ? 104.90 119.70 -14.80 1.20 Y 
9  1 "C3'" A DA 12 ? ? "O3'" A DA 12 ? ? P     A DC 13 ? ? 111.45 119.70 -8.25  1.20 Y 
10 1 "O4'" A DC 13 ? ? "C1'" A DC 13 ? ? N1    A DC 13 ? ? 110.95 108.30 2.65   0.30 N 
11 1 "C3'" A DC 13 ? ? "O3'" A DC 13 ? ? P     A DG 14 ? ? 103.06 119.70 -16.64 1.20 Y 
12 1 "C3'" A DA 17 ? ? "O3'" A DA 17 ? ? P     A DC 18 ? ? 107.22 119.70 -12.48 1.20 Y 
13 1 "C3'" A DC 18 ? ? "O3'" A DC 18 ? ? P     A DT 19 ? ? 108.74 119.70 -10.96 1.20 Y 
14 1 "C3'" C DT 1  ? ? "O3'" C DT 1  ? ? P     C DC 2  ? ? 111.63 119.70 -8.07  1.20 Y 
15 1 "C3'" C DT 3  ? ? "O3'" C DT 3  ? ? P     C DG 4  ? ? 107.87 119.70 -11.83 1.20 Y 
16 1 "C3'" C DT 7  ? ? "O3'" C DT 7  ? ? P     C DG 8  ? ? 111.97 119.70 -7.73  1.20 Y 
17 1 "O5'" D DG 10 ? ? P     D DG 10 ? ? OP1   D DG 10 ? ? 99.20  105.70 -6.50  0.90 N 
18 1 "C3'" D DA 12 ? ? "O3'" D DA 12 ? ? P     D DA 13 ? ? 106.48 119.70 -13.22 1.20 Y 
19 1 "C3'" D DA 13 ? ? "O3'" D DA 13 ? ? P     D DT 14 ? ? 107.00 119.70 -12.70 1.20 Y 
20 1 "O4'" D DT 14 ? ? "C1'" D DT 14 ? ? N1    D DT 14 ? ? 110.93 108.30 2.63   0.30 N 
21 1 "C3'" D DT 14 ? ? "O3'" D DT 14 ? ? P     D DT 15 ? ? 104.14 119.70 -15.56 1.20 Y 
22 1 "O5'" D DT 15 ? ? "C5'" D DT 15 ? ? "C4'" D DT 15 ? ? 104.24 109.40 -5.16  0.80 N 
# 
loop_
_chem_comp_atom.comp_id 
_chem_comp_atom.atom_id 
_chem_comp_atom.type_symbol 
_chem_comp_atom.pdbx_aromatic_flag 
_chem_comp_atom.pdbx_stereo_config 
_chem_comp_atom.pdbx_ordinal 
DA  OP3    O N N 1   
DA  P      P N N 2   
DA  OP1    O N N 3   
DA  OP2    O N N 4   
DA  "O5'"  O N N 5   
DA  "C5'"  C N N 6   
DA  "C4'"  C N R 7   
DA  "O4'"  O N N 8   
DA  "C3'"  C N S 9   
DA  "O3'"  O N N 10  
DA  "C2'"  C N N 11  
DA  "C1'"  C N R 12  
DA  N9     N Y N 13  
DA  C8     C Y N 14  
DA  N7     N Y N 15  
DA  C5     C Y N 16  
DA  C6     C Y N 17  
DA  N6     N N N 18  
DA  N1     N Y N 19  
DA  C2     C Y N 20  
DA  N3     N Y N 21  
DA  C4     C Y N 22  
DA  HOP3   H N N 23  
DA  HOP2   H N N 24  
DA  "H5'"  H N N 25  
DA  "H5''" H N N 26  
DA  "H4'"  H N N 27  
DA  "H3'"  H N N 28  
DA  "HO3'" H N N 29  
DA  "H2'"  H N N 30  
DA  "H2''" H N N 31  
DA  "H1'"  H N N 32  
DA  H8     H N N 33  
DA  H61    H N N 34  
DA  H62    H N N 35  
DA  H2     H N N 36  
DAP N1     N Y N 37  
DAP C2     C Y N 38  
DAP C3     C Y N 39  
DAP C4     C Y N 40  
DAP C5     C Y N 41  
DAP C6     C Y N 42  
DAP C7     C Y N 43  
DAP C8     C Y N 44  
DAP C9     C Y N 45  
DAP C10    C N N 46  
DAP N2     N N N 47  
DAP N3     N N N 48  
DAP "C1'"  C Y N 49  
DAP "C2'"  C Y N 50  
DAP "C3'"  C Y N 51  
DAP "C4'"  C Y N 52  
DAP "C5'"  C Y N 53  
DAP "C6'"  C Y N 54  
DAP C11    C N N 55  
DAP N4     N N N 56  
DAP N5     N N N 57  
DAP HN1    H N N 58  
DAP H3     H N N 59  
DAP H4     H N N 60  
DAP H5     H N N 61  
DAP H7     H N N 62  
DAP HN2    H N N 63  
DAP HN31   H N N 64  
DAP HN32   H N N 65  
DAP "H2'"  H N N 66  
DAP "H3'"  H N N 67  
DAP "H5'"  H N N 68  
DAP "H6'"  H N N 69  
DAP HN4    H N N 70  
DAP HN51   H N N 71  
DAP HN52   H N N 72  
DC  OP3    O N N 73  
DC  P      P N N 74  
DC  OP1    O N N 75  
DC  OP2    O N N 76  
DC  "O5'"  O N N 77  
DC  "C5'"  C N N 78  
DC  "C4'"  C N R 79  
DC  "O4'"  O N N 80  
DC  "C3'"  C N S 81  
DC  "O3'"  O N N 82  
DC  "C2'"  C N N 83  
DC  "C1'"  C N R 84  
DC  N1     N N N 85  
DC  C2     C N N 86  
DC  O2     O N N 87  
DC  N3     N N N 88  
DC  C4     C N N 89  
DC  N4     N N N 90  
DC  C5     C N N 91  
DC  C6     C N N 92  
DC  HOP3   H N N 93  
DC  HOP2   H N N 94  
DC  "H5'"  H N N 95  
DC  "H5''" H N N 96  
DC  "H4'"  H N N 97  
DC  "H3'"  H N N 98  
DC  "HO3'" H N N 99  
DC  "H2'"  H N N 100 
DC  "H2''" H N N 101 
DC  "H1'"  H N N 102 
DC  H41    H N N 103 
DC  H42    H N N 104 
DC  H5     H N N 105 
DC  H6     H N N 106 
DG  OP3    O N N 107 
DG  P      P N N 108 
DG  OP1    O N N 109 
DG  OP2    O N N 110 
DG  "O5'"  O N N 111 
DG  "C5'"  C N N 112 
DG  "C4'"  C N R 113 
DG  "O4'"  O N N 114 
DG  "C3'"  C N S 115 
DG  "O3'"  O N N 116 
DG  "C2'"  C N N 117 
DG  "C1'"  C N R 118 
DG  N9     N Y N 119 
DG  C8     C Y N 120 
DG  N7     N Y N 121 
DG  C5     C Y N 122 
DG  C6     C N N 123 
DG  O6     O N N 124 
DG  N1     N N N 125 
DG  C2     C N N 126 
DG  N2     N N N 127 
DG  N3     N N N 128 
DG  C4     C Y N 129 
DG  HOP3   H N N 130 
DG  HOP2   H N N 131 
DG  "H5'"  H N N 132 
DG  "H5''" H N N 133 
DG  "H4'"  H N N 134 
DG  "H3'"  H N N 135 
DG  "HO3'" H N N 136 
DG  "H2'"  H N N 137 
DG  "H2''" H N N 138 
DG  "H1'"  H N N 139 
DG  H8     H N N 140 
DG  H1     H N N 141 
DG  H21    H N N 142 
DG  H22    H N N 143 
DT  OP3    O N N 144 
DT  P      P N N 145 
DT  OP1    O N N 146 
DT  OP2    O N N 147 
DT  "O5'"  O N N 148 
DT  "C5'"  C N N 149 
DT  "C4'"  C N R 150 
DT  "O4'"  O N N 151 
DT  "C3'"  C N S 152 
DT  "O3'"  O N N 153 
DT  "C2'"  C N N 154 
DT  "C1'"  C N R 155 
DT  N1     N N N 156 
DT  C2     C N N 157 
DT  O2     O N N 158 
DT  N3     N N N 159 
DT  C4     C N N 160 
DT  O4     O N N 161 
DT  C5     C N N 162 
DT  C7     C N N 163 
DT  C6     C N N 164 
DT  HOP3   H N N 165 
DT  HOP2   H N N 166 
DT  "H5'"  H N N 167 
DT  "H5''" H N N 168 
DT  "H4'"  H N N 169 
DT  "H3'"  H N N 170 
DT  "HO3'" H N N 171 
DT  "H2'"  H N N 172 
DT  "H2''" H N N 173 
DT  "H1'"  H N N 174 
DT  H3     H N N 175 
DT  H71    H N N 176 
DT  H72    H N N 177 
DT  H73    H N N 178 
DT  H6     H N N 179 
HOH O      O N N 180 
HOH H1     H N N 181 
HOH H2     H N N 182 
# 
loop_
_chem_comp_bond.comp_id 
_chem_comp_bond.atom_id_1 
_chem_comp_bond.atom_id_2 
_chem_comp_bond.value_order 
_chem_comp_bond.pdbx_aromatic_flag 
_chem_comp_bond.pdbx_stereo_config 
_chem_comp_bond.pdbx_ordinal 
DA  OP3   P      sing N N 1   
DA  OP3   HOP3   sing N N 2   
DA  P     OP1    doub N N 3   
DA  P     OP2    sing N N 4   
DA  P     "O5'"  sing N N 5   
DA  OP2   HOP2   sing N N 6   
DA  "O5'" "C5'"  sing N N 7   
DA  "C5'" "C4'"  sing N N 8   
DA  "C5'" "H5'"  sing N N 9   
DA  "C5'" "H5''" sing N N 10  
DA  "C4'" "O4'"  sing N N 11  
DA  "C4'" "C3'"  sing N N 12  
DA  "C4'" "H4'"  sing N N 13  
DA  "O4'" "C1'"  sing N N 14  
DA  "C3'" "O3'"  sing N N 15  
DA  "C3'" "C2'"  sing N N 16  
DA  "C3'" "H3'"  sing N N 17  
DA  "O3'" "HO3'" sing N N 18  
DA  "C2'" "C1'"  sing N N 19  
DA  "C2'" "H2'"  sing N N 20  
DA  "C2'" "H2''" sing N N 21  
DA  "C1'" N9     sing N N 22  
DA  "C1'" "H1'"  sing N N 23  
DA  N9    C8     sing Y N 24  
DA  N9    C4     sing Y N 25  
DA  C8    N7     doub Y N 26  
DA  C8    H8     sing N N 27  
DA  N7    C5     sing Y N 28  
DA  C5    C6     sing Y N 29  
DA  C5    C4     doub Y N 30  
DA  C6    N6     sing N N 31  
DA  C6    N1     doub Y N 32  
DA  N6    H61    sing N N 33  
DA  N6    H62    sing N N 34  
DA  N1    C2     sing Y N 35  
DA  C2    N3     doub Y N 36  
DA  C2    H2     sing N N 37  
DA  N3    C4     sing Y N 38  
DAP N1    C2     sing Y N 39  
DAP N1    C8     sing Y N 40  
DAP N1    HN1    sing N N 41  
DAP C2    C3     doub Y N 42  
DAP C2    "C1'"  sing Y N 43  
DAP C3    C9     sing Y N 44  
DAP C3    H3     sing N N 45  
DAP C4    C5     doub Y N 46  
DAP C4    C9     sing Y N 47  
DAP C4    H4     sing N N 48  
DAP C5    C6     sing Y N 49  
DAP C5    H5     sing N N 50  
DAP C6    C7     doub Y N 51  
DAP C6    C10    sing N N 52  
DAP C7    C8     sing Y N 53  
DAP C7    H7     sing N N 54  
DAP C8    C9     doub Y N 55  
DAP C10   N2     doub N N 56  
DAP C10   N3     sing N N 57  
DAP N2    HN2    sing N N 58  
DAP N3    HN31   sing N N 59  
DAP N3    HN32   sing N N 60  
DAP "C1'" "C2'"  doub Y N 61  
DAP "C1'" "C6'"  sing Y N 62  
DAP "C2'" "C3'"  sing Y N 63  
DAP "C2'" "H2'"  sing N N 64  
DAP "C3'" "C4'"  doub Y N 65  
DAP "C3'" "H3'"  sing N N 66  
DAP "C4'" "C5'"  sing Y N 67  
DAP "C4'" C11    sing N N 68  
DAP "C5'" "C6'"  doub Y N 69  
DAP "C5'" "H5'"  sing N N 70  
DAP "C6'" "H6'"  sing N N 71  
DAP C11   N4     doub N N 72  
DAP C11   N5     sing N N 73  
DAP N4    HN4    sing N N 74  
DAP N5    HN51   sing N N 75  
DAP N5    HN52   sing N N 76  
DC  OP3   P      sing N N 77  
DC  OP3   HOP3   sing N N 78  
DC  P     OP1    doub N N 79  
DC  P     OP2    sing N N 80  
DC  P     "O5'"  sing N N 81  
DC  OP2   HOP2   sing N N 82  
DC  "O5'" "C5'"  sing N N 83  
DC  "C5'" "C4'"  sing N N 84  
DC  "C5'" "H5'"  sing N N 85  
DC  "C5'" "H5''" sing N N 86  
DC  "C4'" "O4'"  sing N N 87  
DC  "C4'" "C3'"  sing N N 88  
DC  "C4'" "H4'"  sing N N 89  
DC  "O4'" "C1'"  sing N N 90  
DC  "C3'" "O3'"  sing N N 91  
DC  "C3'" "C2'"  sing N N 92  
DC  "C3'" "H3'"  sing N N 93  
DC  "O3'" "HO3'" sing N N 94  
DC  "C2'" "C1'"  sing N N 95  
DC  "C2'" "H2'"  sing N N 96  
DC  "C2'" "H2''" sing N N 97  
DC  "C1'" N1     sing N N 98  
DC  "C1'" "H1'"  sing N N 99  
DC  N1    C2     sing N N 100 
DC  N1    C6     sing N N 101 
DC  C2    O2     doub N N 102 
DC  C2    N3     sing N N 103 
DC  N3    C4     doub N N 104 
DC  C4    N4     sing N N 105 
DC  C4    C5     sing N N 106 
DC  N4    H41    sing N N 107 
DC  N4    H42    sing N N 108 
DC  C5    C6     doub N N 109 
DC  C5    H5     sing N N 110 
DC  C6    H6     sing N N 111 
DG  OP3   P      sing N N 112 
DG  OP3   HOP3   sing N N 113 
DG  P     OP1    doub N N 114 
DG  P     OP2    sing N N 115 
DG  P     "O5'"  sing N N 116 
DG  OP2   HOP2   sing N N 117 
DG  "O5'" "C5'"  sing N N 118 
DG  "C5'" "C4'"  sing N N 119 
DG  "C5'" "H5'"  sing N N 120 
DG  "C5'" "H5''" sing N N 121 
DG  "C4'" "O4'"  sing N N 122 
DG  "C4'" "C3'"  sing N N 123 
DG  "C4'" "H4'"  sing N N 124 
DG  "O4'" "C1'"  sing N N 125 
DG  "C3'" "O3'"  sing N N 126 
DG  "C3'" "C2'"  sing N N 127 
DG  "C3'" "H3'"  sing N N 128 
DG  "O3'" "HO3'" sing N N 129 
DG  "C2'" "C1'"  sing N N 130 
DG  "C2'" "H2'"  sing N N 131 
DG  "C2'" "H2''" sing N N 132 
DG  "C1'" N9     sing N N 133 
DG  "C1'" "H1'"  sing N N 134 
DG  N9    C8     sing Y N 135 
DG  N9    C4     sing Y N 136 
DG  C8    N7     doub Y N 137 
DG  C8    H8     sing N N 138 
DG  N7    C5     sing Y N 139 
DG  C5    C6     sing N N 140 
DG  C5    C4     doub Y N 141 
DG  C6    O6     doub N N 142 
DG  C6    N1     sing N N 143 
DG  N1    C2     sing N N 144 
DG  N1    H1     sing N N 145 
DG  C2    N2     sing N N 146 
DG  C2    N3     doub N N 147 
DG  N2    H21    sing N N 148 
DG  N2    H22    sing N N 149 
DG  N3    C4     sing N N 150 
DT  OP3   P      sing N N 151 
DT  OP3   HOP3   sing N N 152 
DT  P     OP1    doub N N 153 
DT  P     OP2    sing N N 154 
DT  P     "O5'"  sing N N 155 
DT  OP2   HOP2   sing N N 156 
DT  "O5'" "C5'"  sing N N 157 
DT  "C5'" "C4'"  sing N N 158 
DT  "C5'" "H5'"  sing N N 159 
DT  "C5'" "H5''" sing N N 160 
DT  "C4'" "O4'"  sing N N 161 
DT  "C4'" "C3'"  sing N N 162 
DT  "C4'" "H4'"  sing N N 163 
DT  "O4'" "C1'"  sing N N 164 
DT  "C3'" "O3'"  sing N N 165 
DT  "C3'" "C2'"  sing N N 166 
DT  "C3'" "H3'"  sing N N 167 
DT  "O3'" "HO3'" sing N N 168 
DT  "C2'" "C1'"  sing N N 169 
DT  "C2'" "H2'"  sing N N 170 
DT  "C2'" "H2''" sing N N 171 
DT  "C1'" N1     sing N N 172 
DT  "C1'" "H1'"  sing N N 173 
DT  N1    C2     sing N N 174 
DT  N1    C6     sing N N 175 
DT  C2    O2     doub N N 176 
DT  C2    N3     sing N N 177 
DT  N3    C4     sing N N 178 
DT  N3    H3     sing N N 179 
DT  C4    O4     doub N N 180 
DT  C4    C5     sing N N 181 
DT  C5    C7     sing N N 182 
DT  C5    C6     doub N N 183 
DT  C7    H71    sing N N 184 
DT  C7    H72    sing N N 185 
DT  C7    H73    sing N N 186 
DT  C6    H6     sing N N 187 
HOH O     H1     sing N N 188 
HOH O     H2     sing N N 189 
# 
loop_
_ndb_struct_conf_na.entry_id 
_ndb_struct_conf_na.feature 
8TB3 'double helix'        
8TB3 'a-form double helix' 
8TB3 'b-form double helix' 
# 
loop_
_ndb_struct_na_base_pair.model_number 
_ndb_struct_na_base_pair.i_label_asym_id 
_ndb_struct_na_base_pair.i_label_comp_id 
_ndb_struct_na_base_pair.i_label_seq_id 
_ndb_struct_na_base_pair.i_symmetry 
_ndb_struct_na_base_pair.j_label_asym_id 
_ndb_struct_na_base_pair.j_label_comp_id 
_ndb_struct_na_base_pair.j_label_seq_id 
_ndb_struct_na_base_pair.j_symmetry 
_ndb_struct_na_base_pair.shear 
_ndb_struct_na_base_pair.stretch 
_ndb_struct_na_base_pair.stagger 
_ndb_struct_na_base_pair.buckle 
_ndb_struct_na_base_pair.propeller 
_ndb_struct_na_base_pair.opening 
_ndb_struct_na_base_pair.pair_number 
_ndb_struct_na_base_pair.pair_name 
_ndb_struct_na_base_pair.i_auth_asym_id 
_ndb_struct_na_base_pair.i_auth_seq_id 
_ndb_struct_na_base_pair.i_PDB_ins_code 
_ndb_struct_na_base_pair.j_auth_asym_id 
_ndb_struct_na_base_pair.j_auth_seq_id 
_ndb_struct_na_base_pair.j_PDB_ins_code 
_ndb_struct_na_base_pair.hbond_type_28 
_ndb_struct_na_base_pair.hbond_type_12 
1 A DC 3  1_555 D DG 7 1_555 -0.164 -0.192 0.142  5.565   -0.202 -6.489 1  A_DC3:DG16_D A 3  ? D 16 ? 19 1 
1 A DA 4  1_555 D DT 6 1_555 -0.503 0.255  0.527  13.460  -7.237 -0.217 2  A_DA4:DT15_D A 4  ? D 15 ? 20 1 
1 A DA 5  1_555 D DT 5 1_555 0.547  -0.066 0.612  7.332   -7.864 -0.487 3  A_DA5:DT14_D A 5  ? D 14 ? 20 1 
1 A DT 6  1_555 D DA 4 1_555 0.190  -0.542 0.837  -3.774  -4.299 6.546  4  A_DT6:DA13_D A 6  ? D 13 ? 20 1 
1 A DT 7  1_555 D DA 3 1_555 -0.561 -0.393 0.160  -3.006  -9.454 -8.877 5  A_DT7:DA12_D A 7  ? D 12 ? 20 1 
1 A DG 8  1_555 D DC 2 1_555 -0.167 0.034  -0.084 -5.282  -0.496 2.374  6  A_DG8:DC11_D A 8  ? D 11 ? 19 1 
1 A DC 9  1_555 D DG 1 1_555 -0.427 0.030  0.602  -3.659  -1.712 0.859  7  A_DC9:DG10_D A 9  ? D 10 ? 19 1 
1 A DT 10 1_555 B DA 5 1_555 -0.404 -0.063 0.398  -2.756  -2.184 -1.616 8  A_DT10:DA5_B A 10 ? B 5  ? 20 1 
1 A DG 11 1_555 B DC 4 1_555 0.663  -0.103 0.826  20.640  -1.053 -6.261 9  A_DG11:DC4_B A 11 ? B 4  ? 19 1 
1 A DA 12 1_555 B DT 3 1_555 0.552  -0.444 0.058  3.234   -3.613 -7.038 10 A_DA12:DT3_B A 12 ? B 3  ? 20 1 
1 A DC 13 1_555 B DG 2 1_555 -0.422 -0.466 0.478  -3.494  -9.497 -3.801 11 A_DC13:DG2_B A 13 ? B 2  ? 19 1 
1 A DG 14 1_555 B DC 1 1_555 -0.049 -0.059 0.280  3.797   -2.397 -0.453 12 A_DG14:DC1_B A 14 ? B 1  ? 19 1 
1 A DA 15 1_555 C DT 9 1_555 0.252  0.102  0.482  -3.162  1.667  -2.587 13 A_DA15:DT9_C A 15 ? C 9  ? 20 1 
1 A DC 16 1_555 C DG 8 1_555 0.242  -0.157 0.200  4.729   -3.179 0.996  14 A_DC16:DG8_C A 16 ? C 8  ? 19 1 
1 A DA 17 1_555 C DT 7 1_555 0.505  -0.283 0.184  2.474   -5.565 -9.054 15 A_DA17:DT7_C A 17 ? C 7  ? 20 1 
1 A DC 18 1_555 C DG 6 1_555 -1.077 -0.236 0.308  -10.737 -2.344 0.712  16 A_DC18:DG6_C A 18 ? C 6  ? 19 1 
1 A DT 19 1_555 C DA 5 1_555 -0.464 -0.152 0.271  -5.194  -0.983 -7.324 17 A_DT19:DA5_C A 19 ? C 5  ? 20 1 
1 A DC 20 1_555 C DG 4 1_555 0.584  0.105  -0.286 3.074   -4.537 -1.621 18 A_DC20:DG4_C A 20 ? C 4  ? 19 1 
1 A DA 21 1_555 C DT 3 1_555 -0.812 -0.120 0.266  7.570   1.271  0.566  19 A_DA21:DT3_C A 21 ? C 3  ? 20 1 
# 
loop_
_ndb_struct_na_base_pair_step.model_number 
_ndb_struct_na_base_pair_step.i_label_asym_id_1 
_ndb_struct_na_base_pair_step.i_label_comp_id_1 
_ndb_struct_na_base_pair_step.i_label_seq_id_1 
_ndb_struct_na_base_pair_step.i_symmetry_1 
_ndb_struct_na_base_pair_step.j_label_asym_id_1 
_ndb_struct_na_base_pair_step.j_label_comp_id_1 
_ndb_struct_na_base_pair_step.j_label_seq_id_1 
_ndb_struct_na_base_pair_step.j_symmetry_1 
_ndb_struct_na_base_pair_step.i_label_asym_id_2 
_ndb_struct_na_base_pair_step.i_label_comp_id_2 
_ndb_struct_na_base_pair_step.i_label_seq_id_2 
_ndb_struct_na_base_pair_step.i_symmetry_2 
_ndb_struct_na_base_pair_step.j_label_asym_id_2 
_ndb_struct_na_base_pair_step.j_label_comp_id_2 
_ndb_struct_na_base_pair_step.j_label_seq_id_2 
_ndb_struct_na_base_pair_step.j_symmetry_2 
_ndb_struct_na_base_pair_step.shift 
_ndb_struct_na_base_pair_step.slide 
_ndb_struct_na_base_pair_step.rise 
_ndb_struct_na_base_pair_step.tilt 
_ndb_struct_na_base_pair_step.roll 
_ndb_struct_na_base_pair_step.twist 
_ndb_struct_na_base_pair_step.x_displacement 
_ndb_struct_na_base_pair_step.y_displacement 
_ndb_struct_na_base_pair_step.helical_rise 
_ndb_struct_na_base_pair_step.inclination 
_ndb_struct_na_base_pair_step.tip 
_ndb_struct_na_base_pair_step.helical_twist 
_ndb_struct_na_base_pair_step.step_number 
_ndb_struct_na_base_pair_step.step_name 
_ndb_struct_na_base_pair_step.i_auth_asym_id_1 
_ndb_struct_na_base_pair_step.i_auth_seq_id_1 
_ndb_struct_na_base_pair_step.i_PDB_ins_code_1 
_ndb_struct_na_base_pair_step.j_auth_asym_id_1 
_ndb_struct_na_base_pair_step.j_auth_seq_id_1 
_ndb_struct_na_base_pair_step.j_PDB_ins_code_1 
_ndb_struct_na_base_pair_step.i_auth_asym_id_2 
_ndb_struct_na_base_pair_step.i_auth_seq_id_2 
_ndb_struct_na_base_pair_step.i_PDB_ins_code_2 
_ndb_struct_na_base_pair_step.j_auth_asym_id_2 
_ndb_struct_na_base_pair_step.j_auth_seq_id_2 
_ndb_struct_na_base_pair_step.j_PDB_ins_code_2 
1 A DC 3  1_555 D DG 7 1_555 A DA 4  1_555 D DT 6 1_555 -0.102 0.268  3.242 -0.892 0.767  35.634 0.327  0.039  3.248 1.253   1.458 
35.653 1  AA_DC3DA4:DT15DG16_DD A 3  ? D 16 ? A 4  ? D 15 ? 
1 A DA 4  1_555 D DT 6 1_555 A DA 5  1_555 D DT 5 1_555 0.101  -0.507 3.389 -2.026 0.434  41.648 -0.759 -0.363 3.375 0.610   2.848 
41.697 2  AA_DA4DA5:DT14DT15_DD A 4  ? D 15 ? A 5  ? D 14 ? 
1 A DA 5  1_555 D DT 5 1_555 A DT 6  1_555 D DA 4 1_555 0.360  -1.072 3.573 -3.875 -4.115 30.577 -1.127 -1.494 3.611 -7.721  7.271 
31.083 3  AA_DA5DT6:DA13DT14_DD A 5  ? D 14 ? A 6  ? D 13 ? 
1 A DT 6  1_555 D DA 4 1_555 A DT 7  1_555 D DA 3 1_555 -0.784 -0.796 3.123 7.459  -1.999 30.641 -1.116 2.735  2.901 -3.710  
-13.840 31.577 4  AA_DT6DT7:DA12DA13_DD A 6  ? D 13 ? A 7  ? D 12 ? 
1 A DT 7  1_555 D DA 3 1_555 A DG 8  1_555 D DC 2 1_555 0.807  -0.279 3.442 0.188  -1.583 33.487 -0.210 -1.366 3.456 -2.745  
-0.326  33.523 5  AA_DT7DG8:DC11DA12_DD A 7  ? D 12 ? A 8  ? D 11 ? 
1 A DG 8  1_555 D DC 2 1_555 A DC 9  1_555 D DG 1 1_555 -0.687 -0.700 3.212 -9.921 6.449  39.252 -1.702 -0.096 3.139 9.345   
14.377  40.929 6  AA_DG8DC9:DG10DC11_DD A 8  ? D 11 ? A 9  ? D 10 ? 
1 A DC 9  1_555 D DG 1 1_555 A DT 10 1_555 B DA 5 1_555 -1.067 -1.201 3.186 0.654  -5.779 28.178 -1.112 2.295  3.336 -11.711 
-1.325  28.760 7  AA_DC9DT10:DA5DG10_BD A 9  ? D 10 ? A 10 ? B 5  ? 
1 A DT 10 1_555 B DA 5 1_555 A DG 11 1_555 B DC 4 1_555 -0.196 0.858  2.894 -3.375 6.861  34.105 0.481  -0.140 3.010 11.519  5.666 
34.927 8  AA_DT10DG11:DC4DA5_BB A 10 ? B 5  ? A 11 ? B 4  ? 
1 A DG 11 1_555 B DC 4 1_555 A DA 12 1_555 B DT 3 1_555 0.099  -0.427 3.788 4.243  6.682  35.591 -1.749 0.518  3.639 10.768  
-6.837  36.433 9  AA_DG11DA12:DT3DC4_BB A 11 ? B 4  ? A 12 ? B 3  ? 
1 A DA 12 1_555 B DT 3 1_555 A DC 13 1_555 B DG 2 1_555 0.701  -1.025 3.365 -6.540 5.481  28.842 -3.077 -2.665 2.900 10.712  
12.780  30.052 10 AA_DA12DC13:DG2DT3_BB A 12 ? B 3  ? A 13 ? B 2  ? 
1 A DC 13 1_555 B DG 2 1_555 A DG 14 1_555 B DC 1 1_555 -0.037 -1.199 3.133 -0.990 -2.606 35.685 -1.586 -0.078 3.209 -4.245  1.613 
35.790 11 AA_DC13DG14:DC1DG2_BB A 13 ? B 2  ? A 14 ? B 1  ? 
1 A DG 14 1_555 B DC 1 1_555 A DA 15 1_555 C DT 9 1_555 -1.272 -0.710 3.467 -1.934 -0.971 35.462 -1.012 1.782  3.546 -1.592  3.172 
35.525 12 AA_DG14DA15:DT9DC1_CB A 14 ? B 1  ? A 15 ? C 9  ? 
1 A DA 15 1_555 C DT 9 1_555 A DC 16 1_555 C DG 8 1_555 0.353  -0.450 3.227 2.343  0.900  28.553 -1.109 -0.191 3.229 1.820   
-4.739  28.661 13 AA_DA15DC16:DG8DT9_CC A 15 ? C 9  ? A 16 ? C 8  ? 
1 A DC 16 1_555 C DG 8 1_555 A DA 17 1_555 C DT 7 1_555 -0.180 0.230  3.397 -1.115 4.445  36.512 -0.267 0.127  3.404 7.061   1.771 
36.788 14 AA_DC16DA17:DT7DG8_CC A 16 ? C 8  ? A 17 ? C 7  ? 
1 A DA 17 1_555 C DT 7 1_555 A DC 18 1_555 C DG 6 1_555 0.817  -1.062 3.657 -2.155 -1.729 21.995 -2.028 -3.039 3.632 -4.509  5.620 
22.166 15 AA_DA17DC18:DG6DT7_CC A 17 ? C 7  ? A 18 ? C 6  ? 
1 A DC 18 1_555 C DG 6 1_555 A DT 19 1_555 C DA 5 1_555 -0.291 -0.872 3.152 5.046  2.311  40.587 -1.487 0.941  3.044 3.313   
-7.234  40.949 16 AA_DC18DT19:DA5DG6_CC A 18 ? C 6  ? A 19 ? C 5  ? 
1 A DT 19 1_555 C DA 5 1_555 A DC 20 1_555 C DG 4 1_555 0.815  0.444  3.157 7.446  7.543  38.774 -0.214 -0.338 3.279 11.110  
-10.969 40.143 17 AA_DT19DC20:DG4DA5_CC A 19 ? C 5  ? A 20 ? C 4  ? 
1 A DC 20 1_555 C DG 4 1_555 A DA 21 1_555 C DT 3 1_555 -0.037 1.701  3.213 -4.238 -0.546 37.880 2.673  -0.468 3.175 -0.837  6.504 
38.111 18 AA_DC20DA21:DT3DG4_CC A 20 ? C 4  ? A 21 ? C 3  ? 
# 
loop_
_pdbx_audit_support.funding_organization 
_pdbx_audit_support.country 
_pdbx_audit_support.grant_number 
_pdbx_audit_support.ordinal 
'National Science Foundation (NSF, United States)'                                         'United States' 1360635     1 
'National Institutes of Health/National Institute of General Medical Sciences (NIH/NIGMS)' 'United States' R01GM104960 2 
'National Science Foundation (NSF, United States)'                                         'United States' NSF2004250  3 
# 
loop_
_pdbx_entity_nonpoly.entity_id 
_pdbx_entity_nonpoly.name 
_pdbx_entity_nonpoly.comp_id 
5 '6-AMIDINE-2-(4-AMIDINO-PHENYL)INDOLE' DAP 
6 water                                  HOH 
# 
_pdbx_initial_refinement_model.id               1 
_pdbx_initial_refinement_model.entity_id_list   ? 
_pdbx_initial_refinement_model.type             'experimental model' 
_pdbx_initial_refinement_model.source_name      PDB 
_pdbx_initial_refinement_model.accession_code   5KEK 
_pdbx_initial_refinement_model.details          ? 
# 
